data_7P03
#
_entry.id   7P03
#
_cell.length_a   1.00
_cell.length_b   1.00
_cell.length_c   1.00
_cell.angle_alpha   90.00
_cell.angle_beta   90.00
_cell.angle_gamma   90.00
#
_symmetry.space_group_name_H-M   'P 1'
#
_entity_poly.entity_id   1
_entity_poly.type   'polypeptide(L)'
_entity_poly.pdbx_seq_one_letter_code
;MPEAKLNNNVNDVTSYSSASSSTENAADLHNYNGFDEHTEARIQKLARTLTAQSMQNSTQSAPNKSDAQSIFSSGVEGVN
PIFSDPEAPGYDPKLDPNSENFSSAAWVKNMAHLSAADPDFYKPYSLGCAWKNLSASGASADVAYQSTVVNIPYKILKSG
LRKFQRSKETNTFQILKPMDGCLNPGELLVVLGRPGSGCTTLLKSISSNTHGFDLGADTKISYSGYSGDDIKKHFRGEVV
YNAEADVHLPHLTVFETLVTVARLKTPQNRIKGVDRESYANHLAEVAMATYGLSHTRNTKVGNDIVRGVSGGERKRVSIA
EVSICGSKFQCWDNATRGLDSATALEFIRALKTQADISNTSATVAIYQCSQDAYDLFNKVCVLDDGYQIYYGPADKAKKY
FEDMGYVCPSRQTTADFLTSVTSPSERTLNKDMLKKGIHIPQTPKEMNDYWVKSPNYKELMKEVDQRLLNDDEASREAIK
EAHIAKQSKRARPSSPYTVSYMMQVKYLLIRNMWRLRNNIGFTLFMILGNCSMALILGSMFFKIMKKGDTSTFYFRGSAM
FFAILFNAFSSLLEIFSLYEARPITEKHRTYSLYHPSADAFASVLSEIPSKLIIAVCFNIIFYFLVDFRRNGGVFFFYLL
INIVAVFSMSHLFRCVGSLTKTLSEAMVPASMLLLALSMYTGFAIPKKKILRWSKWIWYINPLAYLFESLLINEFHGIKF
PCAEYVPRGPAYANISSTESVCTVVGAVPGQDYVLGDDFIRGTYQYYHKDKWRGFGIGMAYVVFFFFVYLFLCEYNEGAK
QKGEILVFPRSIVKRMKKRGVLTEKNANDPENVGERSDLSSDRKMLQESSEEESDTYGEIGLSKSEAIFHWRNLCYEVQI
KAETRRILNNVDGWVKPGTLTALMGASGAGKTTLLDCLAERVTMGVITGDILVNGIPRDKSFPRSIGYCQQQDLHLKTAT
VRESLRFSAYLRQPAEVSIEEKNRYVEEVIKILEMEKYADAVVGVAGEGLNVEQRKRLTIGVELTAKPKLLVFLDEPTSG
LDSQTAWSICQLMKKLANHGQAILCTIHQPSAILMQEFDRLLFMQRGGKTVYFGDLGEGCKTMIDYFESHGAHKCPADAN
PAEWMLEVVGAAPGSHANQDYYEVWRNSEEYRAVQSELDWMERELPKKGSITAAEDKHEFSQSIIYQTKLVSIRLFQQYW
RSPDYLWSKFILTIFNQLFIGFTFFKAGTSLQGLQNQMLAVFMFTVIFNPILQQYLPSFVQQRDLYEARERPSRTFSWIS
FIFAQIFVEVPWNILAGTIAYFIYYYPIGFYSNASAAGQLHERGALFWLFSCAFYVYVGSMGLLVISFNQVAESAANLAS
LLFTMSLSFCGVMTTPSAMPRFWIFMYRVSPLTYFIQALLAVGVANVDVKCADYELLEFTPPSGMTCGQYMEPYLQLAKT
GYLTDENATDTCSFCQISTTNDYLANVNSFYSERWRNYGIFICYIAFNYIAGVFFYWLARVPKKNGKLSKK
;
_entity_poly.pdbx_strand_id   A
#
# COMPACT_ATOMS: atom_id res chain seq x y z
N ASN A 31 -7.98 -22.11 22.57
CA ASN A 31 -9.29 -21.56 22.22
C ASN A 31 -9.98 -20.99 23.44
N TYR A 32 -11.14 -20.37 23.24
CA TYR A 32 -11.77 -19.51 24.23
C TYR A 32 -13.15 -20.05 24.59
N ASN A 33 -13.52 -19.96 25.85
CA ASN A 33 -14.76 -20.53 26.36
C ASN A 33 -15.68 -19.51 27.03
N GLY A 34 -15.30 -18.23 27.06
CA GLY A 34 -16.19 -17.21 27.57
C GLY A 34 -16.19 -17.03 29.08
N PHE A 35 -15.03 -16.72 29.66
CA PHE A 35 -14.94 -16.43 31.10
C PHE A 35 -15.21 -17.67 31.94
N ASP A 36 -14.62 -18.79 31.54
CA ASP A 36 -14.74 -20.01 32.34
C ASP A 36 -13.86 -19.90 33.59
N GLU A 37 -13.80 -21.00 34.34
CA GLU A 37 -13.08 -20.98 35.61
C GLU A 37 -11.61 -20.60 35.44
N HIS A 38 -11.02 -20.91 34.29
CA HIS A 38 -9.61 -20.57 34.08
C HIS A 38 -9.39 -19.07 34.20
N THR A 39 -10.24 -18.27 33.58
CA THR A 39 -10.06 -16.83 33.65
C THR A 39 -10.21 -16.34 35.08
N GLU A 40 -11.15 -16.92 35.83
CA GLU A 40 -11.31 -16.51 37.22
C GLU A 40 -10.06 -16.83 38.04
N ALA A 41 -9.49 -18.01 37.84
CA ALA A 41 -8.26 -18.34 38.56
C ALA A 41 -7.14 -17.38 38.20
N ARG A 42 -6.95 -17.12 36.90
CA ARG A 42 -5.87 -16.23 36.49
C ARG A 42 -6.07 -14.83 37.06
N ILE A 43 -7.29 -14.33 37.04
CA ILE A 43 -7.53 -12.98 37.54
C ILE A 43 -7.31 -12.92 39.04
N GLN A 44 -7.69 -13.96 39.77
CA GLN A 44 -7.39 -13.96 41.19
C GLN A 44 -5.89 -13.95 41.44
N LYS A 45 -5.14 -14.74 40.66
CA LYS A 45 -3.69 -14.73 40.81
C LYS A 45 -3.13 -13.33 40.59
N LEU A 46 -3.58 -12.66 39.52
CA LEU A 46 -3.05 -11.33 39.21
C LEU A 46 -3.42 -10.33 40.30
N ALA A 47 -4.66 -10.38 40.79
CA ALA A 47 -5.04 -9.44 41.83
C ALA A 47 -4.29 -9.70 43.13
N ARG A 48 -4.03 -10.97 43.45
CA ARG A 48 -3.18 -11.25 44.61
C ARG A 48 -1.80 -10.65 44.42
N THR A 49 -1.24 -10.78 43.22
CA THR A 49 0.06 -10.18 42.94
C THR A 49 0.01 -8.67 43.13
N LEU A 50 -1.05 -8.03 42.65
CA LEU A 50 -1.16 -6.59 42.81
C LEU A 50 -1.19 -6.20 44.28
N THR A 51 -2.02 -6.87 45.07
CA THR A 51 -2.08 -6.54 46.49
C THR A 51 -0.73 -6.76 47.17
N ALA A 52 -0.07 -7.88 46.87
CA ALA A 52 1.22 -8.14 47.49
C ALA A 52 2.24 -7.08 47.11
N GLN A 53 2.26 -6.69 45.83
CA GLN A 53 3.19 -5.67 45.39
C GLN A 53 2.88 -4.33 46.03
N SER A 54 1.63 -4.08 46.39
CA SER A 54 1.27 -2.82 47.03
C SER A 54 1.76 -2.72 48.46
N MET A 55 2.25 -3.82 49.04
CA MET A 55 2.69 -3.83 50.44
C MET A 55 4.06 -3.17 50.55
N GLN A 56 4.04 -1.95 51.09
CA GLN A 56 5.28 -1.20 51.34
C GLN A 56 5.69 -1.32 52.79
N ASP A 92 -14.45 -5.97 50.95
CA ASP A 92 -15.01 -7.13 51.67
C ASP A 92 -14.63 -8.44 50.99
N PRO A 93 -14.73 -9.56 51.71
CA PRO A 93 -14.29 -10.85 51.16
C PRO A 93 -14.93 -11.20 49.82
N LYS A 94 -15.92 -10.45 49.37
CA LYS A 94 -16.41 -10.59 48.00
C LYS A 94 -15.54 -9.86 46.99
N LEU A 95 -14.45 -9.22 47.44
CA LEU A 95 -13.63 -8.38 46.56
C LEU A 95 -12.13 -8.67 46.71
N ASP A 96 -11.74 -9.26 47.84
CA ASP A 96 -10.33 -9.40 48.21
C ASP A 96 -9.66 -10.55 47.46
N PRO A 97 -8.60 -10.29 46.70
CA PRO A 97 -7.78 -11.38 46.18
C PRO A 97 -7.43 -12.44 47.19
N ASN A 98 -6.99 -12.05 48.38
CA ASN A 98 -6.34 -12.96 49.30
C ASN A 98 -7.29 -13.59 50.31
N SER A 99 -8.59 -13.30 50.22
CA SER A 99 -9.57 -13.88 51.13
C SER A 99 -10.26 -15.08 50.48
N GLU A 100 -11.16 -15.68 51.23
CA GLU A 100 -11.95 -16.80 50.74
C GLU A 100 -13.11 -16.29 49.89
N ASN A 101 -13.69 -17.19 49.11
CA ASN A 101 -14.88 -16.93 48.29
C ASN A 101 -14.75 -15.67 47.44
N PHE A 102 -13.52 -15.29 47.10
CA PHE A 102 -13.30 -14.16 46.19
C PHE A 102 -13.93 -14.44 44.85
N SER A 103 -14.51 -13.40 44.23
CA SER A 103 -15.18 -13.52 42.95
C SER A 103 -14.52 -12.56 41.97
N SER A 104 -13.97 -13.10 40.89
CA SER A 104 -13.26 -12.27 39.94
C SER A 104 -14.15 -11.18 39.35
N ALA A 105 -15.40 -11.52 39.03
CA ALA A 105 -16.27 -10.56 38.38
C ALA A 105 -16.38 -9.28 39.20
N ALA A 106 -16.51 -9.41 40.52
CA ALA A 106 -16.62 -8.23 41.36
C ALA A 106 -15.38 -7.36 41.25
N TRP A 107 -14.21 -7.99 41.23
CA TRP A 107 -12.95 -7.26 41.14
C TRP A 107 -12.87 -6.49 39.82
N VAL A 108 -13.13 -7.16 38.70
CA VAL A 108 -13.03 -6.50 37.41
C VAL A 108 -14.05 -5.39 37.29
N LYS A 109 -15.26 -5.61 37.81
CA LYS A 109 -16.28 -4.58 37.75
C LYS A 109 -15.90 -3.39 38.62
N ASN A 110 -15.23 -3.63 39.74
CA ASN A 110 -14.80 -2.53 40.59
C ASN A 110 -13.71 -1.70 39.92
N MET A 111 -12.77 -2.37 39.24
CA MET A 111 -11.80 -1.59 38.46
C MET A 111 -12.49 -0.78 37.37
N ALA A 112 -13.50 -1.37 36.72
CA ALA A 112 -14.24 -0.62 35.71
C ALA A 112 -14.85 0.64 36.31
N HIS A 113 -15.59 0.50 37.41
CA HIS A 113 -16.21 1.67 38.01
C HIS A 113 -15.17 2.69 38.43
N LEU A 114 -14.06 2.22 39.00
CA LEU A 114 -12.95 3.11 39.33
C LEU A 114 -12.54 3.93 38.13
N SER A 115 -12.37 3.27 36.98
CA SER A 115 -11.97 3.98 35.77
C SER A 115 -13.04 4.96 35.34
N ALA A 116 -14.30 4.66 35.62
CA ALA A 116 -15.41 5.48 35.12
C ALA A 116 -15.79 6.61 36.05
N ALA A 117 -16.12 6.29 37.30
CA ALA A 117 -16.74 7.25 38.21
C ALA A 117 -15.71 8.11 38.94
N ASP A 118 -15.03 8.98 38.19
CA ASP A 118 -14.16 9.95 38.81
C ASP A 118 -14.99 11.05 39.46
N PRO A 119 -14.58 11.60 40.61
CA PRO A 119 -15.41 12.62 41.28
C PRO A 119 -15.72 13.83 40.41
N ASP A 120 -14.74 14.27 39.62
CA ASP A 120 -14.89 15.47 38.81
C ASP A 120 -15.12 15.23 37.32
N PHE A 121 -15.81 14.13 36.98
CA PHE A 121 -16.17 13.81 35.61
C PHE A 121 -17.66 13.52 35.54
N TYR A 122 -18.34 14.15 34.58
CA TYR A 122 -19.76 13.90 34.36
C TYR A 122 -20.00 12.64 33.55
N LYS A 123 -18.98 11.82 33.32
CA LYS A 123 -19.13 10.70 32.41
C LYS A 123 -20.18 9.72 32.93
N PRO A 124 -21.18 9.36 32.13
CA PRO A 124 -22.29 8.57 32.64
C PRO A 124 -21.90 7.14 32.95
N TYR A 125 -22.67 6.54 33.86
CA TYR A 125 -22.39 5.16 34.27
C TYR A 125 -22.57 4.19 33.12
N SER A 126 -23.65 4.33 32.37
CA SER A 126 -23.98 3.36 31.33
C SER A 126 -24.94 3.99 30.34
N LEU A 127 -24.74 3.69 29.07
CA LEU A 127 -25.51 4.27 27.98
C LEU A 127 -26.33 3.19 27.29
N GLY A 128 -27.63 3.44 27.17
CA GLY A 128 -28.50 2.64 26.34
C GLY A 128 -28.62 3.25 24.97
N CYS A 129 -29.82 3.15 24.39
CA CYS A 129 -30.13 3.87 23.17
C CYS A 129 -31.61 3.70 22.87
N ALA A 130 -32.21 4.77 22.36
CA ALA A 130 -33.59 4.74 21.89
C ALA A 130 -33.70 5.63 20.68
N TRP A 131 -34.46 5.20 19.68
CA TRP A 131 -34.59 5.96 18.46
C TRP A 131 -35.92 5.67 17.79
N LYS A 132 -36.66 6.73 17.49
CA LYS A 132 -37.95 6.58 16.83
C LYS A 132 -37.97 7.44 15.58
N ASN A 133 -38.53 6.90 14.51
CA ASN A 133 -38.64 7.63 13.24
C ASN A 133 -37.26 8.04 12.72
N LEU A 134 -36.27 7.18 12.93
CA LEU A 134 -34.96 7.41 12.33
C LEU A 134 -35.07 7.29 10.81
N SER A 135 -34.47 8.22 10.09
CA SER A 135 -34.64 8.29 8.64
C SER A 135 -33.36 8.85 8.04
N ALA A 136 -32.77 8.13 7.09
CA ALA A 136 -31.51 8.54 6.49
C ALA A 136 -31.67 8.64 4.99
N SER A 137 -31.12 9.71 4.41
CA SER A 137 -31.13 9.91 2.97
C SER A 137 -29.75 10.34 2.54
N GLY A 138 -29.39 9.97 1.30
CA GLY A 138 -28.05 10.21 0.81
C GLY A 138 -28.08 10.91 -0.54
N ALA A 139 -26.91 11.42 -0.92
CA ALA A 139 -26.78 12.13 -2.18
C ALA A 139 -27.09 11.20 -3.35
N SER A 140 -27.61 11.78 -4.42
CA SER A 140 -28.06 10.99 -5.55
C SER A 140 -26.90 10.23 -6.20
N ALA A 141 -27.20 9.01 -6.63
CA ALA A 141 -26.24 8.20 -7.37
C ALA A 141 -26.32 8.54 -8.86
N ASP A 142 -25.70 9.64 -9.27
CA ASP A 142 -25.75 10.06 -10.66
C ASP A 142 -24.93 9.11 -11.53
N VAL A 143 -25.14 9.21 -12.84
CA VAL A 143 -24.40 8.37 -13.77
C VAL A 143 -22.91 8.61 -13.59
N ALA A 144 -22.12 7.61 -13.97
CA ALA A 144 -20.67 7.67 -13.87
C ALA A 144 -20.06 7.22 -15.19
N TYR A 145 -18.78 7.50 -15.34
CA TYR A 145 -18.05 7.12 -16.54
C TYR A 145 -16.60 6.89 -16.19
N GLN A 146 -15.90 6.16 -17.04
CA GLN A 146 -14.49 5.87 -16.80
C GLN A 146 -13.65 7.12 -17.04
N SER A 147 -12.63 7.29 -16.20
CA SER A 147 -11.82 8.52 -16.21
C SER A 147 -10.61 8.33 -17.12
N THR A 148 -10.87 8.23 -18.41
CA THR A 148 -9.79 8.13 -19.37
C THR A 148 -8.84 9.32 -19.23
N VAL A 149 -7.65 9.19 -19.81
CA VAL A 149 -6.64 10.24 -19.68
C VAL A 149 -7.14 11.54 -20.28
N VAL A 150 -7.99 11.48 -21.30
CA VAL A 150 -8.52 12.70 -21.91
C VAL A 150 -9.80 13.18 -21.24
N ASN A 151 -10.45 12.34 -20.44
CA ASN A 151 -11.69 12.75 -19.79
C ASN A 151 -11.46 13.48 -18.48
N ILE A 152 -10.33 13.25 -17.82
CA ILE A 152 -10.16 13.76 -16.46
C ILE A 152 -10.13 15.28 -16.42
N PRO A 153 -9.71 15.99 -17.47
CA PRO A 153 -9.81 17.45 -17.40
C PRO A 153 -11.24 17.94 -17.30
N TYR A 154 -12.11 17.49 -18.19
CA TYR A 154 -13.51 17.92 -18.17
C TYR A 154 -14.21 17.43 -16.91
N LYS A 155 -13.90 16.21 -16.48
CA LYS A 155 -14.45 15.70 -15.23
C LYS A 155 -14.04 16.57 -14.06
N ILE A 156 -12.76 16.95 -14.00
CA ILE A 156 -12.29 17.85 -12.96
C ILE A 156 -13.05 19.16 -13.02
N LEU A 157 -13.23 19.69 -14.23
CA LEU A 157 -13.87 20.98 -14.38
C LEU A 157 -15.31 20.95 -13.89
N LYS A 158 -16.08 19.94 -14.33
CA LYS A 158 -17.46 19.84 -13.94
C LYS A 158 -17.59 19.60 -12.43
N SER A 159 -16.74 18.74 -11.87
CA SER A 159 -16.79 18.49 -10.45
C SER A 159 -16.45 19.74 -9.65
N GLY A 160 -15.45 20.50 -10.10
CA GLY A 160 -15.10 21.73 -9.39
C GLY A 160 -16.20 22.76 -9.46
N LEU A 161 -16.83 22.90 -10.63
CA LEU A 161 -17.95 23.82 -10.75
C LEU A 161 -19.11 23.38 -9.85
N ARG A 162 -19.39 22.08 -9.80
CA ARG A 162 -20.48 21.58 -8.97
C ARG A 162 -20.20 21.86 -7.50
N LYS A 163 -18.98 21.57 -7.04
CA LYS A 163 -18.64 21.84 -5.65
C LYS A 163 -18.70 23.33 -5.34
N PHE A 164 -18.20 24.15 -6.26
CA PHE A 164 -18.31 25.60 -6.10
C PHE A 164 -19.76 26.06 -6.19
N GLN A 165 -20.54 25.50 -7.11
CA GLN A 165 -21.93 25.91 -7.29
C GLN A 165 -22.72 24.81 -7.98
N THR A 170 -32.79 19.40 -3.04
CA THR A 170 -31.81 19.02 -4.05
C THR A 170 -31.98 17.55 -4.43
N ASN A 171 -31.00 17.02 -5.17
CA ASN A 171 -31.06 15.65 -5.65
C ASN A 171 -30.61 14.68 -4.57
N THR A 172 -31.49 13.79 -4.12
CA THR A 172 -31.19 12.89 -3.03
C THR A 172 -31.97 11.59 -3.21
N PHE A 173 -31.72 10.66 -2.28
CA PHE A 173 -32.36 9.35 -2.29
C PHE A 173 -32.51 8.86 -0.86
N GLN A 174 -33.54 8.05 -0.61
CA GLN A 174 -33.88 7.60 0.75
C GLN A 174 -33.20 6.26 1.00
N ILE A 175 -32.31 6.22 1.99
CA ILE A 175 -31.58 4.99 2.28
C ILE A 175 -32.32 4.15 3.32
N LEU A 176 -32.69 4.76 4.44
CA LEU A 176 -33.42 4.08 5.50
C LEU A 176 -34.80 4.72 5.65
N LYS A 177 -35.82 3.92 5.46
CA LYS A 177 -37.17 4.36 5.74
C LYS A 177 -37.39 4.40 7.24
N PRO A 178 -38.44 5.07 7.71
CA PRO A 178 -38.60 5.29 9.15
C PRO A 178 -38.47 3.99 9.95
N MET A 179 -37.73 4.07 11.06
CA MET A 179 -37.48 2.93 11.93
C MET A 179 -37.68 3.34 13.38
N ASP A 180 -37.86 2.34 14.23
CA ASP A 180 -37.88 2.54 15.67
C ASP A 180 -36.98 1.49 16.32
N GLY A 181 -36.75 1.65 17.61
CA GLY A 181 -35.98 0.65 18.34
C GLY A 181 -35.60 1.16 19.71
N CYS A 182 -34.95 0.29 20.47
CA CYS A 182 -34.41 0.64 21.76
C CYS A 182 -33.50 -0.47 22.23
N LEU A 183 -32.45 -0.09 22.94
CA LEU A 183 -31.42 -1.03 23.40
C LEU A 183 -31.03 -0.64 24.81
N ASN A 184 -30.95 -1.62 25.68
CA ASN A 184 -30.73 -1.34 27.09
C ASN A 184 -29.31 -1.70 27.49
N PRO A 185 -28.84 -1.17 28.62
CA PRO A 185 -27.49 -1.52 29.08
C PRO A 185 -27.32 -3.03 29.20
N GLY A 186 -26.22 -3.53 28.64
CA GLY A 186 -25.86 -4.92 28.78
C GLY A 186 -26.31 -5.81 27.64
N GLU A 187 -27.26 -5.37 26.83
CA GLU A 187 -27.82 -6.25 25.81
C GLU A 187 -26.91 -6.30 24.60
N LEU A 188 -27.24 -7.21 23.68
CA LEU A 188 -26.56 -7.35 22.40
C LEU A 188 -27.60 -7.30 21.29
N LEU A 189 -27.31 -6.57 20.21
CA LEU A 189 -28.22 -6.42 19.09
C LEU A 189 -27.52 -6.84 17.81
N VAL A 190 -28.15 -7.69 17.02
CA VAL A 190 -27.58 -8.17 15.77
C VAL A 190 -28.45 -7.67 14.62
N VAL A 191 -27.83 -6.95 13.69
CA VAL A 191 -28.54 -6.35 12.56
C VAL A 191 -28.39 -7.29 11.37
N LEU A 192 -29.43 -8.03 11.07
CA LEU A 192 -29.44 -9.01 9.99
C LEU A 192 -29.98 -8.36 8.71
N GLY A 193 -29.54 -8.88 7.57
CA GLY A 193 -30.08 -8.42 6.30
C GLY A 193 -29.09 -8.70 5.19
N ARG A 194 -29.59 -8.68 3.97
CA ARG A 194 -28.74 -8.90 2.81
C ARG A 194 -27.83 -7.69 2.60
N PRO A 195 -26.74 -7.87 1.85
CA PRO A 195 -25.83 -6.74 1.60
C PRO A 195 -26.56 -5.60 0.90
N GLY A 196 -26.16 -4.39 1.23
CA GLY A 196 -26.80 -3.21 0.68
C GLY A 196 -28.23 -3.02 1.10
N SER A 197 -28.60 -3.38 2.33
CA SER A 197 -29.95 -3.19 2.81
C SER A 197 -30.01 -2.20 3.96
N GLY A 198 -28.92 -1.46 4.19
CA GLY A 198 -28.91 -0.41 5.19
C GLY A 198 -28.30 -0.78 6.52
N CYS A 199 -27.54 -1.87 6.60
CA CYS A 199 -26.92 -2.23 7.87
C CYS A 199 -25.92 -1.18 8.31
N THR A 200 -24.97 -0.85 7.44
CA THR A 200 -23.92 0.10 7.78
C THR A 200 -24.50 1.47 8.10
N THR A 201 -25.47 1.91 7.30
CA THR A 201 -26.08 3.21 7.55
C THR A 201 -26.76 3.25 8.90
N LEU A 202 -27.48 2.18 9.27
CA LEU A 202 -28.10 2.15 10.58
C LEU A 202 -27.07 2.20 11.69
N LEU A 203 -26.02 1.40 11.56
CA LEU A 203 -25.00 1.36 12.62
C LEU A 203 -24.33 2.71 12.78
N LYS A 204 -24.06 3.40 11.67
CA LYS A 204 -23.46 4.72 11.77
C LYS A 204 -24.45 5.72 12.35
N SER A 205 -25.73 5.58 12.02
CA SER A 205 -26.72 6.54 12.49
C SER A 205 -26.88 6.46 14.01
N ILE A 206 -27.08 5.26 14.55
CA ILE A 206 -27.36 5.13 15.97
C ILE A 206 -26.17 5.47 16.86
N SER A 207 -24.97 5.55 16.29
CA SER A 207 -23.79 5.97 17.04
C SER A 207 -23.36 7.39 16.71
N SER A 208 -24.20 8.14 15.98
CA SER A 208 -23.98 9.57 15.77
C SER A 208 -22.70 9.85 14.99
N ASN A 209 -22.30 8.93 14.13
CA ASN A 209 -21.26 9.18 13.14
C ASN A 209 -21.87 9.55 11.80
N THR A 210 -22.69 10.60 11.75
CA THR A 210 -23.43 10.91 10.53
C THR A 210 -22.57 11.68 9.54
N HIS A 211 -21.76 10.97 8.76
CA HIS A 211 -20.99 11.55 7.68
C HIS A 211 -21.36 10.86 6.37
N GLY A 212 -21.50 11.66 5.31
CA GLY A 212 -21.87 11.14 4.01
C GLY A 212 -23.36 11.11 3.74
N PHE A 213 -24.18 11.36 4.75
CA PHE A 213 -25.64 11.43 4.58
C PHE A 213 -26.18 12.36 5.65
N ASP A 214 -27.50 12.33 5.82
CA ASP A 214 -28.17 13.18 6.81
C ASP A 214 -29.41 12.48 7.33
N LEU A 215 -29.76 12.80 8.57
CA LEU A 215 -30.94 12.24 9.22
C LEU A 215 -32.13 13.18 9.04
N GLY A 216 -33.28 12.62 8.71
CA GLY A 216 -34.46 13.43 8.54
C GLY A 216 -34.79 14.23 9.78
N ALA A 217 -35.56 15.29 9.59
CA ALA A 217 -35.87 16.19 10.70
C ALA A 217 -36.63 15.47 11.79
N ASP A 218 -37.58 14.61 11.43
CA ASP A 218 -38.42 13.97 12.43
C ASP A 218 -37.63 13.05 13.37
N THR A 219 -36.43 12.63 12.97
CA THR A 219 -35.68 11.68 13.77
C THR A 219 -35.53 12.16 15.20
N LYS A 220 -35.34 11.23 16.12
CA LYS A 220 -35.08 11.54 17.51
C LYS A 220 -34.33 10.38 18.13
N ILE A 221 -33.19 10.69 18.73
CA ILE A 221 -32.33 9.71 19.39
C ILE A 221 -32.02 10.24 20.77
N SER A 222 -31.94 9.35 21.75
CA SER A 222 -31.66 9.75 23.12
C SER A 222 -30.88 8.64 23.82
N TYR A 223 -29.61 8.90 24.11
CA TYR A 223 -28.73 7.91 24.72
C TYR A 223 -28.96 7.89 26.24
N SER A 224 -30.15 7.46 26.61
CA SER A 224 -30.52 7.33 28.03
C SER A 224 -30.35 8.64 28.78
N GLY A 225 -30.76 9.74 28.14
CA GLY A 225 -30.79 11.03 28.79
C GLY A 225 -30.12 12.14 28.02
N TYR A 226 -29.04 11.83 27.32
CA TYR A 226 -28.23 12.83 26.64
C TYR A 226 -28.50 12.77 25.14
N SER A 227 -28.95 13.90 24.58
CA SER A 227 -29.30 13.92 23.17
C SER A 227 -28.08 13.63 22.30
N GLY A 228 -28.34 13.42 21.02
CA GLY A 228 -27.26 13.12 20.09
C GLY A 228 -26.20 14.19 20.08
N ASP A 229 -26.62 15.46 20.06
CA ASP A 229 -25.66 16.55 20.07
C ASP A 229 -24.78 16.53 21.32
N ASP A 230 -25.28 16.02 22.44
CA ASP A 230 -24.51 16.05 23.67
C ASP A 230 -23.20 15.29 23.51
N ILE A 231 -23.29 14.00 23.21
CA ILE A 231 -22.09 13.17 23.21
C ILE A 231 -21.08 13.68 22.18
N LYS A 232 -21.55 14.32 21.13
CA LYS A 232 -20.62 14.93 20.18
C LYS A 232 -19.78 16.00 20.85
N LYS A 233 -20.31 16.64 21.89
CA LYS A 233 -19.65 17.77 22.52
C LYS A 233 -18.85 17.36 23.75
N HIS A 234 -19.35 16.40 24.52
CA HIS A 234 -18.80 16.11 25.83
C HIS A 234 -18.37 14.67 26.04
N PHE A 235 -19.04 13.70 25.43
CA PHE A 235 -18.79 12.31 25.77
C PHE A 235 -18.40 11.44 24.59
N ARG A 236 -18.03 12.00 23.45
CA ARG A 236 -17.54 11.17 22.37
C ARG A 236 -16.44 10.26 22.90
N GLY A 237 -16.59 8.97 22.66
CA GLY A 237 -15.79 7.97 23.32
C GLY A 237 -16.71 7.02 24.03
N GLU A 238 -17.80 7.55 24.58
CA GLU A 238 -18.86 6.70 25.09
C GLU A 238 -19.69 6.11 23.97
N VAL A 239 -19.46 6.53 22.73
CA VAL A 239 -20.18 6.02 21.57
C VAL A 239 -19.15 5.77 20.47
N VAL A 240 -18.97 4.51 20.11
CA VAL A 240 -17.89 4.09 19.22
C VAL A 240 -18.51 3.46 18.00
N TYR A 241 -17.76 3.46 16.90
CA TYR A 241 -18.10 2.69 15.71
C TYR A 241 -16.83 2.13 15.12
N ASN A 242 -16.86 0.86 14.74
CA ASN A 242 -15.69 0.17 14.22
C ASN A 242 -16.06 -0.54 12.92
N ALA A 243 -15.78 0.11 11.80
CA ALA A 243 -16.05 -0.50 10.50
C ALA A 243 -15.28 -1.81 10.34
N GLU A 244 -14.20 -1.97 11.11
CA GLU A 244 -13.32 -3.11 10.96
C GLU A 244 -12.39 -3.17 12.16
N ALA A 245 -12.15 -4.39 12.64
CA ALA A 245 -11.36 -4.60 13.84
C ALA A 245 -9.91 -4.96 13.55
N ASP A 246 -9.48 -4.85 12.30
CA ASP A 246 -8.14 -5.31 11.92
C ASP A 246 -7.09 -4.22 12.04
N VAL A 247 -7.47 -2.95 12.18
CA VAL A 247 -6.49 -1.88 12.14
C VAL A 247 -5.65 -1.94 13.41
N HIS A 248 -4.42 -2.45 13.27
CA HIS A 248 -3.49 -2.55 14.38
C HIS A 248 -2.09 -2.34 13.85
N LEU A 249 -1.21 -1.86 14.71
CA LEU A 249 0.12 -1.48 14.30
C LEU A 249 1.05 -2.68 14.41
N PRO A 250 1.42 -3.30 13.29
CA PRO A 250 1.84 -4.71 13.33
C PRO A 250 3.02 -5.01 14.24
N HIS A 251 3.98 -4.10 14.38
CA HIS A 251 5.28 -4.48 14.92
C HIS A 251 5.35 -4.48 16.44
N LEU A 252 4.32 -4.02 17.13
CA LEU A 252 4.29 -4.15 18.58
C LEU A 252 3.87 -5.56 18.98
N THR A 253 4.11 -5.91 20.24
CA THR A 253 3.52 -7.10 20.79
C THR A 253 2.13 -6.80 21.34
N VAL A 254 1.37 -7.85 21.63
CA VAL A 254 0.03 -7.65 22.18
C VAL A 254 0.11 -6.88 23.48
N PHE A 255 1.01 -7.29 24.38
CA PHE A 255 1.14 -6.59 25.65
C PHE A 255 1.58 -5.15 25.41
N GLU A 256 2.47 -4.93 24.46
CA GLU A 256 2.91 -3.57 24.18
C GLU A 256 1.80 -2.75 23.52
N THR A 257 0.85 -3.41 22.86
CA THR A 257 -0.28 -2.69 22.30
C THR A 257 -1.28 -2.31 23.38
N LEU A 258 -1.47 -3.18 24.37
CA LEU A 258 -2.51 -2.94 25.37
C LEU A 258 -2.01 -2.07 26.52
N VAL A 259 -0.76 -2.25 26.93
CA VAL A 259 -0.27 -1.56 28.11
C VAL A 259 -0.19 -0.07 27.87
N THR A 260 0.15 0.36 26.65
CA THR A 260 0.16 1.80 26.38
C THR A 260 -1.22 2.40 26.52
N VAL A 261 -2.25 1.74 25.98
CA VAL A 261 -3.61 2.23 26.14
C VAL A 261 -4.00 2.23 27.60
N ALA A 262 -3.57 1.22 28.35
CA ALA A 262 -3.85 1.19 29.77
C ALA A 262 -3.22 2.38 30.48
N ARG A 263 -1.98 2.69 30.13
CA ARG A 263 -1.29 3.82 30.75
C ARG A 263 -1.99 5.12 30.44
N LEU A 264 -2.47 5.27 29.21
CA LEU A 264 -3.11 6.53 28.83
C LEU A 264 -4.44 6.75 29.54
N LYS A 265 -4.99 5.72 30.19
CA LYS A 265 -6.36 5.77 30.69
C LYS A 265 -6.48 5.67 32.21
N THR A 266 -5.39 5.50 32.94
CA THR A 266 -5.51 5.41 34.39
C THR A 266 -5.99 6.75 34.95
N PRO A 267 -6.98 6.76 35.83
CA PRO A 267 -7.41 8.03 36.42
C PRO A 267 -6.32 8.57 37.33
N GLN A 268 -5.34 9.23 36.73
CA GLN A 268 -4.07 9.52 37.39
C GLN A 268 -4.22 10.14 38.78
N ASN A 269 -5.37 10.71 39.12
CA ASN A 269 -5.51 11.35 40.42
C ASN A 269 -6.26 10.50 41.43
N ARG A 270 -6.57 9.24 41.13
CA ARG A 270 -7.31 8.40 42.06
C ARG A 270 -6.72 7.00 42.13
N ILE A 271 -5.41 6.90 42.32
CA ILE A 271 -4.76 5.63 42.67
C ILE A 271 -3.95 5.84 43.93
N LYS A 272 -3.85 4.77 44.73
CA LYS A 272 -3.31 4.85 46.07
C LYS A 272 -2.47 3.60 46.35
N GLY A 273 -1.33 3.80 47.00
CA GLY A 273 -0.54 2.66 47.46
C GLY A 273 0.07 1.81 46.37
N VAL A 274 -0.01 2.24 45.11
CA VAL A 274 0.69 1.59 44.01
C VAL A 274 1.02 2.64 42.97
N ASP A 275 2.24 2.56 42.44
CA ASP A 275 2.70 3.54 41.48
C ASP A 275 1.94 3.39 40.17
N ARG A 276 2.01 4.44 39.36
CA ARG A 276 1.23 4.51 38.13
C ARG A 276 1.46 3.27 37.27
N GLU A 277 2.73 2.93 37.05
CA GLU A 277 3.08 1.91 36.07
C GLU A 277 2.59 0.54 36.52
N SER A 278 2.69 0.22 37.81
CA SER A 278 2.24 -1.08 38.28
C SER A 278 0.76 -1.27 38.03
N TYR A 279 -0.03 -0.23 38.33
CA TYR A 279 -1.47 -0.32 38.11
C TYR A 279 -1.77 -0.46 36.62
N ALA A 280 -1.06 0.27 35.77
CA ALA A 280 -1.30 0.13 34.35
C ALA A 280 -0.93 -1.27 33.85
N ASN A 281 0.18 -1.82 34.32
CA ASN A 281 0.54 -3.17 33.92
C ASN A 281 -0.50 -4.18 34.37
N HIS A 282 -1.00 -4.04 35.59
CA HIS A 282 -2.02 -4.98 36.07
C HIS A 282 -3.31 -4.84 35.29
N LEU A 283 -3.73 -3.63 34.99
CA LEU A 283 -4.94 -3.45 34.21
C LEU A 283 -4.80 -4.06 32.82
N ALA A 284 -3.64 -3.90 32.19
CA ALA A 284 -3.41 -4.56 30.91
C ALA A 284 -3.42 -6.08 31.05
N GLU A 285 -2.80 -6.62 32.09
CA GLU A 285 -2.79 -8.07 32.29
C GLU A 285 -4.21 -8.61 32.45
N VAL A 286 -5.01 -7.95 33.27
CA VAL A 286 -6.39 -8.38 33.45
C VAL A 286 -7.15 -8.29 32.14
N ALA A 287 -7.00 -7.18 31.41
CA ALA A 287 -7.72 -7.03 30.15
C ALA A 287 -7.30 -8.08 29.13
N MET A 288 -6.09 -8.62 29.25
CA MET A 288 -5.74 -9.77 28.42
C MET A 288 -6.40 -11.04 28.94
N ALA A 289 -6.38 -11.23 30.26
CA ALA A 289 -6.87 -12.49 30.81
C ALA A 289 -8.35 -12.68 30.53
N THR A 290 -9.14 -11.62 30.66
CA THR A 290 -10.58 -11.76 30.50
C THR A 290 -10.94 -12.27 29.11
N TYR A 291 -10.28 -11.77 28.07
CA TYR A 291 -10.58 -12.14 26.70
C TYR A 291 -9.64 -13.20 26.16
N GLY A 292 -9.03 -13.99 27.04
CA GLY A 292 -8.28 -15.15 26.60
C GLY A 292 -7.13 -14.84 25.66
N LEU A 293 -6.35 -13.81 25.97
CA LEU A 293 -5.15 -13.48 25.20
C LEU A 293 -3.87 -13.64 26.01
N SER A 294 -3.92 -14.24 27.20
CA SER A 294 -2.76 -14.28 28.07
C SER A 294 -1.66 -15.19 27.55
N HIS A 295 -1.92 -15.94 26.49
CA HIS A 295 -0.89 -16.78 25.87
C HIS A 295 -0.18 -16.10 24.71
N THR A 296 -0.59 -14.89 24.33
CA THR A 296 0.10 -14.10 23.31
C THR A 296 0.74 -12.86 23.89
N ARG A 297 1.25 -12.92 25.11
CA ARG A 297 1.79 -11.73 25.77
C ARG A 297 2.95 -11.14 24.99
N ASN A 298 3.74 -11.96 24.33
CA ASN A 298 4.96 -11.52 23.67
C ASN A 298 4.96 -11.74 22.17
N THR A 299 3.80 -12.00 21.56
CA THR A 299 3.74 -12.15 20.11
C THR A 299 3.37 -10.83 19.46
N LYS A 300 3.89 -10.62 18.26
CA LYS A 300 3.58 -9.40 17.52
C LYS A 300 2.13 -9.46 17.01
N VAL A 301 1.43 -8.34 17.10
CA VAL A 301 0.07 -8.30 16.62
C VAL A 301 0.03 -8.62 15.14
N GLY A 302 0.93 -8.03 14.37
CA GLY A 302 1.08 -8.44 12.99
C GLY A 302 -0.05 -7.99 12.08
N ASN A 303 -0.01 -8.52 10.87
CA ASN A 303 -0.92 -8.13 9.81
C ASN A 303 -0.94 -9.29 8.81
N ASP A 304 -1.51 -9.04 7.62
CA ASP A 304 -1.52 -10.07 6.59
C ASP A 304 -0.11 -10.50 6.21
N ILE A 305 0.81 -9.54 6.15
CA ILE A 305 2.16 -9.80 5.69
C ILE A 305 3.17 -10.01 6.81
N VAL A 306 2.80 -9.74 8.06
CA VAL A 306 3.70 -9.86 9.20
C VAL A 306 3.15 -10.95 10.11
N ARG A 307 3.98 -11.93 10.44
CA ARG A 307 3.53 -13.04 11.25
C ARG A 307 3.24 -12.56 12.67
N GLY A 308 2.13 -13.05 13.22
CA GLY A 308 1.69 -12.65 14.55
C GLY A 308 0.55 -13.51 15.05
N VAL A 309 -0.25 -12.99 15.97
CA VAL A 309 -1.43 -13.72 16.41
C VAL A 309 -2.34 -13.95 15.22
N SER A 310 -3.17 -14.99 15.30
CA SER A 310 -4.06 -15.36 14.21
C SER A 310 -5.26 -14.41 14.15
N GLY A 311 -6.08 -14.61 13.12
CA GLY A 311 -7.13 -13.63 12.83
C GLY A 311 -8.07 -13.42 14.00
N GLY A 312 -8.57 -14.51 14.59
CA GLY A 312 -9.48 -14.38 15.71
C GLY A 312 -8.85 -13.67 16.89
N GLU A 313 -7.62 -14.06 17.23
CA GLU A 313 -6.92 -13.41 18.33
C GLU A 313 -6.71 -11.94 18.02
N ARG A 314 -6.39 -11.62 16.77
CA ARG A 314 -6.20 -10.23 16.39
C ARG A 314 -7.49 -9.43 16.58
N LYS A 315 -8.63 -10.03 16.22
CA LYS A 315 -9.88 -9.30 16.37
C LYS A 315 -10.30 -9.20 17.83
N ARG A 316 -9.87 -10.14 18.67
CA ARG A 316 -10.14 -9.99 20.10
C ARG A 316 -9.25 -8.92 20.73
N VAL A 317 -8.07 -8.68 20.16
CA VAL A 317 -7.23 -7.60 20.67
C VAL A 317 -7.97 -6.27 20.61
N SER A 318 -8.72 -6.05 19.52
CA SER A 318 -9.46 -4.80 19.41
C SER A 318 -10.51 -4.67 20.51
N ILE A 319 -11.20 -5.75 20.84
CA ILE A 319 -12.19 -5.68 21.91
C ILE A 319 -11.50 -5.40 23.24
N ALA A 320 -10.34 -6.02 23.48
CA ALA A 320 -9.64 -5.73 24.73
C ALA A 320 -9.25 -4.26 24.81
N GLU A 321 -8.76 -3.72 23.70
CA GLU A 321 -8.35 -2.32 23.68
C GLU A 321 -9.54 -1.40 23.97
N VAL A 322 -10.65 -1.61 23.26
CA VAL A 322 -11.81 -0.76 23.48
C VAL A 322 -12.43 -1.02 24.84
N SER A 323 -12.19 -2.18 25.44
CA SER A 323 -12.62 -2.41 26.81
C SER A 323 -11.88 -1.51 27.77
N ILE A 324 -10.55 -1.49 27.66
CA ILE A 324 -9.78 -0.59 28.52
C ILE A 324 -10.19 0.85 28.28
N CYS A 325 -10.45 1.22 27.01
CA CYS A 325 -10.79 2.60 26.70
C CYS A 325 -12.08 3.04 27.36
N GLY A 326 -12.89 2.13 27.87
CA GLY A 326 -14.06 2.51 28.63
C GLY A 326 -15.26 2.95 27.83
N SER A 327 -15.32 2.62 26.54
CA SER A 327 -16.52 2.88 25.78
C SER A 327 -17.67 2.07 26.37
N LYS A 328 -18.81 2.74 26.59
CA LYS A 328 -19.97 2.04 27.13
C LYS A 328 -20.88 1.55 26.01
N PHE A 329 -21.01 2.31 24.93
CA PHE A 329 -21.81 1.93 23.78
C PHE A 329 -20.86 1.59 22.64
N GLN A 330 -21.26 0.65 21.78
CA GLN A 330 -20.39 0.25 20.69
C GLN A 330 -21.23 -0.11 19.46
N CYS A 331 -20.54 -0.28 18.35
CA CYS A 331 -21.10 -0.81 17.11
C CYS A 331 -19.98 -1.43 16.32
N TRP A 332 -20.24 -2.60 15.73
CA TRP A 332 -19.26 -3.31 14.91
C TRP A 332 -19.95 -3.68 13.61
N ASP A 333 -19.40 -3.22 12.49
CA ASP A 333 -20.18 -3.24 11.26
C ASP A 333 -19.99 -4.52 10.47
N ASN A 334 -18.76 -4.81 10.03
CA ASN A 334 -18.53 -6.05 9.29
C ASN A 334 -17.78 -7.05 10.14
N ALA A 335 -18.11 -7.16 11.42
CA ALA A 335 -17.23 -7.73 12.42
C ALA A 335 -16.48 -8.97 11.94
N THR A 336 -17.19 -10.05 11.66
CA THR A 336 -16.55 -11.34 11.42
C THR A 336 -16.24 -11.59 9.96
N ARG A 337 -15.42 -10.76 9.33
CA ARG A 337 -14.99 -11.04 7.96
C ARG A 337 -13.86 -12.05 7.97
N GLY A 338 -13.99 -13.08 7.14
CA GLY A 338 -12.90 -14.02 7.00
C GLY A 338 -12.58 -14.81 8.24
N LEU A 339 -13.59 -15.12 9.06
CA LEU A 339 -13.41 -15.98 10.22
C LEU A 339 -14.30 -17.20 10.06
N ASP A 340 -13.73 -18.38 10.29
CA ASP A 340 -14.50 -19.60 10.19
C ASP A 340 -15.60 -19.62 11.26
N SER A 341 -16.45 -20.65 11.20
CA SER A 341 -17.54 -20.74 12.16
C SER A 341 -17.02 -20.92 13.58
N ALA A 342 -15.83 -21.49 13.74
CA ALA A 342 -15.30 -21.73 15.07
C ALA A 342 -14.79 -20.44 15.71
N THR A 343 -14.37 -19.47 14.90
CA THR A 343 -13.72 -18.28 15.43
C THR A 343 -14.69 -17.12 15.60
N ALA A 344 -15.65 -16.98 14.67
CA ALA A 344 -16.65 -15.95 14.83
C ALA A 344 -17.43 -16.16 16.12
N LEU A 345 -17.70 -17.41 16.45
CA LEU A 345 -18.39 -17.72 17.70
C LEU A 345 -17.58 -17.22 18.89
N GLU A 346 -16.27 -17.46 18.88
CA GLU A 346 -15.45 -17.00 20.00
C GLU A 346 -15.44 -15.48 20.08
N PHE A 347 -15.34 -14.81 18.93
CA PHE A 347 -15.36 -13.35 18.95
C PHE A 347 -16.65 -12.83 19.56
N ILE A 348 -17.79 -13.35 19.10
CA ILE A 348 -19.06 -12.93 19.65
C ILE A 348 -19.12 -13.23 21.15
N ARG A 349 -18.55 -14.37 21.55
CA ARG A 349 -18.58 -14.74 22.96
C ARG A 349 -17.76 -13.77 23.81
N ALA A 350 -16.61 -13.36 23.29
CA ALA A 350 -15.80 -12.37 24.00
C ALA A 350 -16.55 -11.05 24.13
N LEU A 351 -17.23 -10.64 23.05
CA LEU A 351 -18.04 -9.43 23.12
C LEU A 351 -19.15 -9.60 24.15
N LYS A 352 -19.72 -10.79 24.24
CA LYS A 352 -20.72 -11.08 25.27
C LYS A 352 -20.12 -10.95 26.66
N THR A 353 -18.88 -11.43 26.84
CA THR A 353 -18.22 -11.29 28.13
C THR A 353 -18.04 -9.84 28.49
N GLN A 354 -17.64 -9.01 27.52
CA GLN A 354 -17.57 -7.58 27.80
C GLN A 354 -18.92 -7.04 28.26
N ALA A 355 -19.97 -7.32 27.50
CA ALA A 355 -21.29 -6.82 27.86
C ALA A 355 -21.74 -7.36 29.22
N ASP A 356 -21.24 -8.53 29.59
CA ASP A 356 -21.60 -9.14 30.86
C ASP A 356 -20.88 -8.49 32.02
N ILE A 357 -19.61 -8.11 31.81
CA ILE A 357 -18.75 -7.69 32.91
C ILE A 357 -18.75 -6.18 33.06
N SER A 358 -18.40 -5.45 32.01
CA SER A 358 -18.24 -4.01 32.08
C SER A 358 -19.55 -3.26 31.93
N ASN A 359 -20.65 -3.95 31.64
CA ASN A 359 -21.98 -3.34 31.58
C ASN A 359 -22.13 -2.42 30.38
N THR A 360 -21.45 -2.73 29.28
CA THR A 360 -21.61 -1.96 28.05
C THR A 360 -22.84 -2.45 27.30
N SER A 361 -22.97 -2.02 26.05
CA SER A 361 -23.99 -2.52 25.15
C SER A 361 -23.48 -2.37 23.73
N ALA A 362 -23.73 -3.38 22.91
CA ALA A 362 -23.07 -3.46 21.61
C ALA A 362 -24.08 -3.92 20.56
N THR A 363 -23.81 -3.56 19.32
CA THR A 363 -24.60 -4.00 18.18
C THR A 363 -23.65 -4.49 17.11
N VAL A 364 -23.91 -5.66 16.55
CA VAL A 364 -23.00 -6.30 15.61
C VAL A 364 -23.77 -6.68 14.36
N ALA A 365 -23.27 -6.30 13.20
CA ALA A 365 -23.85 -6.72 11.93
C ALA A 365 -22.96 -7.78 11.31
N ILE A 366 -23.55 -8.95 11.04
CA ILE A 366 -22.79 -10.12 10.64
C ILE A 366 -23.46 -10.82 9.47
N TYR A 367 -22.66 -11.61 8.76
CA TYR A 367 -23.12 -12.50 7.71
C TYR A 367 -22.80 -13.94 8.11
N GLN A 368 -23.65 -14.86 7.70
CA GLN A 368 -23.48 -16.27 8.08
C GLN A 368 -23.40 -16.40 9.60
N CYS A 369 -24.52 -16.09 10.25
CA CYS A 369 -24.58 -16.21 11.70
C CYS A 369 -24.98 -17.62 12.09
N SER A 370 -24.04 -18.37 12.67
CA SER A 370 -24.32 -19.72 13.11
C SER A 370 -25.39 -19.72 14.19
N GLN A 371 -26.12 -20.83 14.28
CA GLN A 371 -27.14 -20.94 15.31
C GLN A 371 -26.54 -20.75 16.69
N ASP A 372 -25.39 -21.38 16.94
CA ASP A 372 -24.72 -21.22 18.22
C ASP A 372 -24.42 -19.75 18.51
N ALA A 373 -24.04 -18.98 17.51
CA ALA A 373 -23.77 -17.56 17.72
C ALA A 373 -25.06 -16.77 17.88
N TYR A 374 -26.18 -17.31 17.42
CA TYR A 374 -27.44 -16.59 17.52
C TYR A 374 -27.99 -16.64 18.95
N ASP A 375 -27.84 -17.78 19.62
CA ASP A 375 -28.44 -17.93 20.93
C ASP A 375 -27.95 -16.89 21.91
N LEU A 376 -26.78 -16.30 21.66
CA LEU A 376 -26.20 -15.34 22.60
C LEU A 376 -26.80 -13.95 22.47
N PHE A 377 -27.53 -13.66 21.40
CA PHE A 377 -28.01 -12.31 21.16
C PHE A 377 -29.33 -12.06 21.85
N ASN A 378 -29.51 -10.84 22.35
CA ASN A 378 -30.77 -10.46 22.98
C ASN A 378 -31.82 -10.09 21.95
N LYS A 379 -31.51 -9.13 21.09
CA LYS A 379 -32.49 -8.59 20.15
C LYS A 379 -31.96 -8.71 18.74
N VAL A 380 -32.88 -8.78 17.79
CA VAL A 380 -32.56 -8.94 16.38
C VAL A 380 -33.24 -7.83 15.61
N CYS A 381 -32.51 -7.23 14.67
CA CYS A 381 -33.07 -6.27 13.75
C CYS A 381 -32.91 -6.81 12.33
N VAL A 382 -34.03 -6.99 11.64
CA VAL A 382 -34.04 -7.52 10.30
C VAL A 382 -34.32 -6.38 9.35
N LEU A 383 -33.52 -6.26 8.30
CA LEU A 383 -33.62 -5.17 7.34
C LEU A 383 -33.85 -5.72 5.95
N ASP A 384 -34.57 -4.96 5.14
CA ASP A 384 -34.82 -5.33 3.75
C ASP A 384 -35.07 -4.08 2.93
N ASP A 385 -34.23 -3.85 1.93
CA ASP A 385 -34.40 -2.71 1.04
C ASP A 385 -34.50 -1.41 1.82
N GLY A 386 -33.80 -1.33 2.94
CA GLY A 386 -33.86 -0.12 3.74
C GLY A 386 -35.13 0.05 4.55
N TYR A 387 -35.85 -1.04 4.82
CA TYR A 387 -36.99 -1.01 5.72
C TYR A 387 -36.63 -1.66 7.04
N GLN A 388 -37.62 -1.80 7.91
CA GLN A 388 -37.51 -2.64 9.09
C GLN A 388 -38.66 -3.64 9.10
N ILE A 389 -38.33 -4.91 9.18
CA ILE A 389 -39.35 -5.95 9.16
C ILE A 389 -39.67 -6.40 10.58
N TYR A 390 -38.64 -6.56 11.41
CA TYR A 390 -38.86 -7.00 12.78
C TYR A 390 -37.78 -6.42 13.69
N TYR A 391 -38.15 -6.18 14.94
CA TYR A 391 -37.19 -5.77 15.97
C TYR A 391 -37.77 -6.15 17.32
N GLY A 392 -37.29 -7.25 17.88
CA GLY A 392 -37.78 -7.75 19.15
C GLY A 392 -36.84 -8.76 19.74
N PRO A 393 -37.22 -9.37 20.86
CA PRO A 393 -36.35 -10.35 21.50
C PRO A 393 -35.82 -11.36 20.50
N ALA A 394 -34.65 -11.93 20.81
CA ALA A 394 -33.96 -12.75 19.82
C ALA A 394 -34.77 -13.97 19.43
N ASP A 395 -35.33 -14.67 20.41
CA ASP A 395 -35.91 -15.98 20.15
C ASP A 395 -37.36 -15.91 19.66
N LYS A 396 -38.00 -14.75 19.74
CA LYS A 396 -39.38 -14.66 19.28
C LYS A 396 -39.48 -14.25 17.83
N ALA A 397 -38.36 -14.00 17.16
CA ALA A 397 -38.41 -13.61 15.76
C ALA A 397 -38.93 -14.75 14.89
N LYS A 398 -38.44 -15.97 15.12
CA LYS A 398 -38.85 -17.09 14.28
C LYS A 398 -40.34 -17.37 14.39
N LYS A 399 -40.88 -17.32 15.61
CA LYS A 399 -42.32 -17.54 15.77
C LYS A 399 -43.12 -16.47 15.05
N TYR A 400 -42.68 -15.21 15.14
CA TYR A 400 -43.40 -14.15 14.46
C TYR A 400 -43.36 -14.34 12.95
N PHE A 401 -42.22 -14.77 12.41
CA PHE A 401 -42.14 -14.97 10.97
C PHE A 401 -42.88 -16.22 10.52
N GLU A 402 -43.04 -17.21 11.39
CA GLU A 402 -43.87 -18.35 11.03
C GLU A 402 -45.34 -17.99 11.07
N ASP A 403 -45.77 -17.19 12.05
CA ASP A 403 -47.13 -16.70 12.06
C ASP A 403 -47.38 -15.75 10.90
N MET A 404 -46.33 -15.14 10.37
CA MET A 404 -46.49 -14.22 9.25
C MET A 404 -47.06 -14.94 8.04
N GLY A 405 -46.64 -16.17 7.80
CA GLY A 405 -47.12 -16.93 6.66
C GLY A 405 -46.06 -17.80 6.03
N TYR A 406 -44.82 -17.72 6.52
CA TYR A 406 -43.73 -18.53 5.99
C TYR A 406 -43.51 -19.75 6.87
N VAL A 407 -42.71 -20.68 6.38
CA VAL A 407 -42.38 -21.90 7.12
C VAL A 407 -40.87 -22.10 7.07
N CYS A 408 -40.29 -22.36 8.22
CA CYS A 408 -38.85 -22.61 8.29
C CYS A 408 -38.57 -24.06 7.97
N PRO A 409 -37.75 -24.36 6.95
CA PRO A 409 -37.44 -25.76 6.66
C PRO A 409 -36.78 -26.44 7.84
N SER A 410 -36.75 -27.77 7.79
CA SER A 410 -36.38 -28.55 8.96
C SER A 410 -34.98 -28.22 9.46
N ARG A 411 -34.02 -28.07 8.55
CA ARG A 411 -32.62 -27.95 8.93
C ARG A 411 -32.07 -26.54 8.88
N GLN A 412 -32.86 -25.56 8.45
CA GLN A 412 -32.36 -24.20 8.28
C GLN A 412 -32.22 -23.52 9.63
N THR A 413 -31.08 -22.85 9.82
CA THR A 413 -30.83 -22.16 11.07
C THR A 413 -31.68 -20.91 11.17
N THR A 414 -31.83 -20.41 12.40
CA THR A 414 -32.72 -19.27 12.63
C THR A 414 -32.23 -18.02 11.90
N ALA A 415 -30.94 -17.74 11.93
CA ALA A 415 -30.43 -16.55 11.26
C ALA A 415 -30.56 -16.66 9.74
N ASP A 416 -30.21 -17.81 9.18
CA ASP A 416 -30.39 -17.99 7.75
C ASP A 416 -31.86 -17.91 7.37
N PHE A 417 -32.75 -18.42 8.23
CA PHE A 417 -34.17 -18.29 7.95
C PHE A 417 -34.59 -16.84 7.93
N LEU A 418 -34.13 -16.06 8.91
CA LEU A 418 -34.52 -14.66 8.95
C LEU A 418 -34.00 -13.90 7.73
N THR A 419 -32.79 -14.20 7.28
CA THR A 419 -32.25 -13.51 6.12
C THR A 419 -32.96 -13.93 4.84
N SER A 420 -33.18 -15.23 4.66
CA SER A 420 -33.72 -15.72 3.39
C SER A 420 -35.11 -15.17 3.11
N VAL A 421 -35.95 -15.07 4.13
CA VAL A 421 -37.32 -14.58 3.94
C VAL A 421 -37.32 -13.29 3.14
N THR A 422 -36.22 -12.55 3.14
CA THR A 422 -36.14 -11.31 2.40
C THR A 422 -35.79 -11.51 0.93
N SER A 423 -35.55 -12.74 0.49
CA SER A 423 -35.20 -13.01 -0.89
C SER A 423 -36.30 -13.81 -1.56
N PRO A 424 -36.89 -13.34 -2.66
CA PRO A 424 -38.03 -14.05 -3.25
C PRO A 424 -37.74 -15.50 -3.62
N SER A 425 -36.55 -15.80 -4.08
CA SER A 425 -36.27 -17.12 -4.64
C SER A 425 -36.14 -18.21 -3.59
N GLU A 426 -35.70 -17.89 -2.37
CA GLU A 426 -35.45 -18.91 -1.36
C GLU A 426 -36.62 -19.12 -0.41
N ARG A 427 -37.70 -18.38 -0.57
CA ARG A 427 -38.79 -18.46 0.40
C ARG A 427 -39.57 -19.76 0.23
N THR A 428 -40.35 -20.09 1.24
CA THR A 428 -41.21 -21.27 1.23
C THR A 428 -42.50 -20.91 1.95
N LEU A 429 -43.55 -20.61 1.19
CA LEU A 429 -44.77 -20.10 1.77
C LEU A 429 -45.56 -21.21 2.46
N ASN A 430 -46.31 -20.81 3.49
CA ASN A 430 -47.17 -21.72 4.23
C ASN A 430 -48.43 -21.97 3.42
N LYS A 431 -48.54 -23.18 2.87
CA LYS A 431 -49.63 -23.45 1.93
C LYS A 431 -50.99 -23.39 2.60
N ASP A 432 -51.07 -23.76 3.88
CA ASP A 432 -52.34 -23.70 4.58
C ASP A 432 -52.95 -22.31 4.49
N MET A 433 -52.14 -21.28 4.79
CA MET A 433 -52.66 -19.92 4.78
C MET A 433 -53.10 -19.51 3.38
N LEU A 434 -52.34 -19.88 2.36
CA LEU A 434 -52.76 -19.57 1.00
C LEU A 434 -54.09 -20.23 0.67
N LYS A 435 -54.26 -21.49 1.07
CA LYS A 435 -55.49 -22.21 0.73
C LYS A 435 -56.72 -21.49 1.28
N LYS A 436 -56.61 -20.93 2.49
CA LYS A 436 -57.74 -20.22 3.10
C LYS A 436 -57.85 -18.77 2.63
N GLY A 437 -56.96 -18.31 1.76
CA GLY A 437 -57.14 -17.02 1.14
C GLY A 437 -56.80 -15.83 2.01
N ILE A 438 -55.84 -15.95 2.92
CA ILE A 438 -55.40 -14.82 3.73
C ILE A 438 -54.18 -14.20 3.08
N HIS A 439 -54.18 -12.88 2.98
CA HIS A 439 -53.07 -12.16 2.36
C HIS A 439 -51.77 -12.43 3.13
N ILE A 440 -50.72 -12.73 2.39
CA ILE A 440 -49.38 -12.95 2.93
C ILE A 440 -48.46 -11.88 2.35
N PRO A 441 -47.80 -11.06 3.17
CA PRO A 441 -46.91 -10.05 2.59
C PRO A 441 -45.80 -10.72 1.80
N GLN A 442 -45.44 -10.10 0.68
CA GLN A 442 -44.40 -10.66 -0.19
C GLN A 442 -43.48 -9.61 -0.79
N THR A 443 -43.61 -8.34 -0.41
CA THR A 443 -42.65 -7.33 -0.79
C THR A 443 -42.28 -6.49 0.42
N PRO A 444 -41.06 -5.97 0.49
CA PRO A 444 -40.63 -5.30 1.73
C PRO A 444 -41.57 -4.23 2.22
N LYS A 445 -42.17 -3.44 1.34
CA LYS A 445 -43.14 -2.43 1.78
C LYS A 445 -44.30 -3.07 2.53
N GLU A 446 -44.86 -4.14 1.96
CA GLU A 446 -45.96 -4.82 2.63
C GLU A 446 -45.51 -5.41 3.95
N MET A 447 -44.30 -5.95 4.01
CA MET A 447 -43.79 -6.48 5.26
C MET A 447 -43.66 -5.40 6.31
N ASN A 448 -43.20 -4.22 5.92
CA ASN A 448 -43.12 -3.11 6.87
C ASN A 448 -44.51 -2.73 7.36
N ASP A 449 -45.49 -2.68 6.46
CA ASP A 449 -46.85 -2.37 6.88
C ASP A 449 -47.37 -3.40 7.88
N TYR A 450 -47.16 -4.67 7.58
CA TYR A 450 -47.61 -5.72 8.50
C TYR A 450 -46.93 -5.59 9.85
N TRP A 451 -45.63 -5.31 9.85
CA TRP A 451 -44.94 -5.14 11.12
C TRP A 451 -45.53 -4.00 11.92
N VAL A 452 -45.74 -2.85 11.27
CA VAL A 452 -46.31 -1.71 11.97
C VAL A 452 -47.67 -2.06 12.54
N LYS A 453 -48.41 -2.94 11.86
CA LYS A 453 -49.70 -3.38 12.38
C LYS A 453 -49.56 -4.46 13.45
N SER A 454 -48.37 -5.01 13.64
CA SER A 454 -48.21 -6.13 14.55
C SER A 454 -48.27 -5.67 16.01
N PRO A 455 -48.75 -6.52 16.92
CA PRO A 455 -48.70 -6.17 18.34
C PRO A 455 -47.29 -5.96 18.85
N ASN A 456 -46.31 -6.69 18.30
CA ASN A 456 -44.93 -6.50 18.73
C ASN A 456 -44.53 -5.04 18.63
N TYR A 457 -45.00 -4.34 17.60
CA TYR A 457 -44.70 -2.93 17.47
C TYR A 457 -45.43 -2.11 18.53
N LYS A 458 -46.65 -2.53 18.88
CA LYS A 458 -47.39 -1.80 19.90
C LYS A 458 -46.73 -1.96 21.27
N GLU A 459 -45.92 -3.00 21.45
CA GLU A 459 -45.13 -3.11 22.67
C GLU A 459 -43.83 -2.32 22.55
N LEU A 460 -43.21 -2.38 21.37
CA LEU A 460 -41.93 -1.70 21.17
C LEU A 460 -42.09 -0.20 21.29
N MET A 461 -43.22 0.34 20.85
CA MET A 461 -43.44 1.78 21.01
C MET A 461 -43.52 2.17 22.48
N LYS A 462 -44.15 1.35 23.31
CA LYS A 462 -44.14 1.64 24.74
C LYS A 462 -42.72 1.60 25.30
N GLU A 463 -41.96 0.56 24.95
CA GLU A 463 -40.60 0.44 25.46
C GLU A 463 -39.70 1.54 24.93
N VAL A 464 -40.08 2.19 23.83
CA VAL A 464 -39.32 3.32 23.32
C VAL A 464 -39.73 4.61 24.04
N ASP A 465 -41.03 4.90 24.05
CA ASP A 465 -41.50 6.13 24.67
C ASP A 465 -41.04 6.24 26.11
N GLN A 466 -41.02 5.11 26.83
CA GLN A 466 -40.65 5.21 28.24
C GLN A 466 -39.19 5.58 28.44
N ARG A 467 -38.37 5.55 27.38
CA ARG A 467 -37.01 6.06 27.47
C ARG A 467 -36.88 7.43 26.81
N LEU A 468 -37.68 7.68 25.77
CA LEU A 468 -37.64 8.95 25.06
C LEU A 468 -38.42 10.05 25.77
N LEU A 469 -39.09 9.74 26.86
CA LEU A 469 -39.82 10.76 27.62
C LEU A 469 -39.00 11.36 28.75
N ASN A 470 -37.74 10.95 28.91
CA ASN A 470 -36.88 11.54 29.93
C ASN A 470 -35.42 11.25 29.66
N PRO A 496 -11.13 16.25 29.33
CA PRO A 496 -11.72 15.41 28.29
C PRO A 496 -10.81 14.26 27.92
N TYR A 497 -9.51 14.45 28.10
CA TYR A 497 -8.51 13.40 27.98
C TYR A 497 -7.94 13.13 29.36
N THR A 498 -7.98 11.87 29.78
CA THR A 498 -7.77 11.55 31.18
C THR A 498 -6.44 12.09 31.70
N VAL A 499 -5.36 11.88 30.96
CA VAL A 499 -4.02 12.22 31.42
C VAL A 499 -3.56 13.48 30.74
N SER A 500 -2.93 14.37 31.51
CA SER A 500 -2.49 15.66 31.00
C SER A 500 -1.60 15.48 29.77
N TYR A 501 -1.40 16.59 29.05
CA TYR A 501 -0.75 16.52 27.74
C TYR A 501 0.60 15.85 27.81
N MET A 502 1.41 16.21 28.80
CA MET A 502 2.78 15.71 28.85
C MET A 502 2.81 14.19 28.84
N MET A 503 1.93 13.55 29.61
CA MET A 503 1.94 12.09 29.64
C MET A 503 1.42 11.51 28.32
N GLN A 504 0.46 12.16 27.66
CA GLN A 504 0.06 11.68 26.35
C GLN A 504 1.25 11.67 25.40
N VAL A 505 2.14 12.66 25.53
CA VAL A 505 3.34 12.65 24.70
C VAL A 505 4.30 11.56 25.16
N LYS A 506 4.48 11.42 26.47
CA LYS A 506 5.49 10.51 27.00
C LYS A 506 5.19 9.07 26.62
N TYR A 507 3.96 8.62 26.87
CA TYR A 507 3.63 7.23 26.61
C TYR A 507 3.69 6.92 25.12
N LEU A 508 3.24 7.85 24.28
CA LEU A 508 3.36 7.66 22.84
C LEU A 508 4.81 7.62 22.40
N LEU A 509 5.67 8.42 23.01
CA LEU A 509 7.09 8.36 22.71
C LEU A 509 7.66 6.99 23.01
N ILE A 510 7.30 6.44 24.17
CA ILE A 510 7.78 5.10 24.51
C ILE A 510 7.22 4.07 23.53
N ARG A 511 5.98 4.28 23.08
CA ARG A 511 5.41 3.38 22.08
C ARG A 511 6.23 3.40 20.80
N ASN A 512 6.62 4.60 20.34
CA ASN A 512 7.43 4.69 19.14
C ASN A 512 8.78 4.02 19.34
N MET A 513 9.38 4.19 20.52
CA MET A 513 10.64 3.52 20.79
C MET A 513 10.49 2.01 20.73
N TRP A 514 9.39 1.48 21.25
CA TRP A 514 9.13 0.05 21.13
C TRP A 514 9.01 -0.37 19.67
N ARG A 515 8.27 0.40 18.88
CA ARG A 515 8.18 0.11 17.45
C ARG A 515 9.57 -0.01 16.84
N LEU A 516 10.43 0.95 17.13
CA LEU A 516 11.79 0.90 16.59
C LEU A 516 12.51 -0.36 17.04
N ARG A 517 12.50 -0.62 18.35
CA ARG A 517 13.19 -1.80 18.85
C ARG A 517 12.72 -3.12 18.26
N ASN A 518 11.44 -3.23 17.90
CA ASN A 518 10.94 -4.47 17.31
C ASN A 518 11.16 -4.55 15.80
N ASN A 519 11.61 -3.47 15.18
CA ASN A 519 11.82 -3.44 13.74
C ASN A 519 13.14 -2.75 13.45
N ILE A 520 14.19 -3.14 14.18
CA ILE A 520 15.43 -2.37 14.21
C ILE A 520 16.18 -2.49 12.88
N GLY A 521 15.86 -3.50 12.08
CA GLY A 521 16.52 -3.68 10.81
C GLY A 521 16.34 -2.48 9.88
N PHE A 522 15.16 -1.88 9.90
CA PHE A 522 14.93 -0.69 9.07
C PHE A 522 15.88 0.44 9.46
N THR A 523 16.15 0.60 10.75
CA THR A 523 17.03 1.68 11.19
C THR A 523 18.49 1.39 10.85
N LEU A 524 18.93 0.16 11.10
CA LEU A 524 20.30 -0.18 10.69
C LEU A 524 20.48 -0.08 9.18
N PHE A 525 19.46 -0.34 8.39
CA PHE A 525 19.60 -0.06 6.96
C PHE A 525 20.01 1.39 6.74
N MET A 526 19.28 2.33 7.36
CA MET A 526 19.58 3.74 7.13
C MET A 526 20.99 4.08 7.59
N ILE A 527 21.36 3.63 8.80
CA ILE A 527 22.67 4.00 9.32
C ILE A 527 23.78 3.43 8.44
N LEU A 528 23.67 2.16 8.06
CA LEU A 528 24.69 1.57 7.20
C LEU A 528 24.73 2.25 5.84
N GLY A 529 23.56 2.59 5.28
CA GLY A 529 23.54 3.24 3.99
C GLY A 529 24.23 4.58 4.00
N ASN A 530 23.95 5.39 5.02
CA ASN A 530 24.61 6.68 5.13
C ASN A 530 26.10 6.56 5.42
N CYS A 531 26.50 5.61 6.26
CA CYS A 531 27.93 5.39 6.44
C CYS A 531 28.61 5.05 5.13
N SER A 532 27.99 4.16 4.35
CA SER A 532 28.58 3.77 3.07
C SER A 532 28.63 4.95 2.11
N MET A 533 27.56 5.74 2.05
CA MET A 533 27.55 6.88 1.15
C MET A 533 28.64 7.88 1.53
N ALA A 534 28.81 8.13 2.83
CA ALA A 534 29.90 9.00 3.24
C ALA A 534 31.24 8.43 2.83
N LEU A 535 31.48 7.15 3.14
CA LEU A 535 32.78 6.58 2.85
C LEU A 535 33.08 6.58 1.36
N ILE A 536 32.05 6.49 0.52
CA ILE A 536 32.27 6.46 -0.92
C ILE A 536 32.46 7.88 -1.46
N LEU A 537 31.44 8.73 -1.33
CA LEU A 537 31.53 10.06 -1.90
C LEU A 537 32.60 10.91 -1.24
N GLY A 538 33.11 10.50 -0.08
CA GLY A 538 34.26 11.18 0.47
C GLY A 538 35.53 10.84 -0.29
N SER A 539 35.68 9.57 -0.65
CA SER A 539 36.87 9.15 -1.38
C SER A 539 37.01 9.90 -2.68
N MET A 540 35.89 10.17 -3.35
CA MET A 540 35.93 10.83 -4.64
C MET A 540 36.66 12.17 -4.58
N PHE A 541 36.63 12.84 -3.42
CA PHE A 541 37.39 14.07 -3.23
C PHE A 541 38.76 13.83 -2.62
N PHE A 542 39.10 12.59 -2.30
CA PHE A 542 40.21 12.34 -1.37
C PHE A 542 41.53 12.90 -1.88
N LYS A 543 41.74 12.93 -3.20
CA LYS A 543 43.05 13.28 -3.72
C LYS A 543 43.20 14.78 -3.93
N ILE A 544 42.27 15.39 -4.65
CA ILE A 544 42.44 16.78 -5.07
C ILE A 544 42.58 17.70 -3.87
N MET A 545 41.80 17.46 -2.82
CA MET A 545 41.73 18.41 -1.71
C MET A 545 43.05 18.50 -0.96
N LYS A 546 43.87 17.45 -0.98
CA LYS A 546 45.06 17.44 -0.15
C LYS A 546 45.93 18.67 -0.35
N LYS A 547 46.05 19.13 -1.60
CA LYS A 547 46.98 20.22 -1.88
C LYS A 547 46.59 21.53 -1.19
N GLY A 548 45.31 21.87 -1.18
CA GLY A 548 44.88 23.10 -0.53
C GLY A 548 45.15 24.37 -1.30
N ASP A 549 45.58 24.27 -2.55
CA ASP A 549 45.89 25.46 -3.33
C ASP A 549 44.62 26.12 -3.84
N THR A 550 44.80 27.17 -4.64
CA THR A 550 43.68 27.85 -5.25
C THR A 550 43.13 27.10 -6.46
N SER A 551 43.54 25.85 -6.67
CA SER A 551 42.97 25.07 -7.76
C SER A 551 41.79 24.23 -7.30
N THR A 552 41.45 24.26 -6.01
CA THR A 552 40.37 23.44 -5.49
C THR A 552 39.13 24.25 -5.09
N PHE A 553 39.04 25.52 -5.47
CA PHE A 553 37.93 26.34 -5.04
C PHE A 553 36.60 25.74 -5.48
N TYR A 554 36.50 25.34 -6.75
CA TYR A 554 35.27 24.75 -7.24
C TYR A 554 34.92 23.49 -6.46
N PHE A 555 35.92 22.68 -6.11
CA PHE A 555 35.64 21.48 -5.35
C PHE A 555 35.28 21.81 -3.91
N ARG A 556 35.83 22.86 -3.34
CA ARG A 556 35.36 23.28 -2.02
C ARG A 556 33.93 23.76 -2.06
N GLY A 557 33.46 24.21 -3.23
CA GLY A 557 32.04 24.49 -3.37
C GLY A 557 31.20 23.22 -3.48
N SER A 558 31.64 22.32 -4.36
CA SER A 558 30.86 21.10 -4.59
C SER A 558 30.78 20.22 -3.36
N ALA A 559 31.85 20.18 -2.56
CA ALA A 559 31.83 19.32 -1.38
C ALA A 559 30.80 19.80 -0.37
N MET A 560 30.73 21.10 -0.12
CA MET A 560 29.63 21.65 0.67
C MET A 560 28.29 21.33 0.05
N PHE A 561 28.17 21.43 -1.28
CA PHE A 561 26.88 21.11 -1.89
C PHE A 561 26.44 19.70 -1.52
N PHE A 562 27.32 18.72 -1.73
CA PHE A 562 26.96 17.34 -1.39
C PHE A 562 26.71 17.17 0.09
N ALA A 563 27.56 17.76 0.93
CA ALA A 563 27.39 17.58 2.37
C ALA A 563 26.04 18.10 2.82
N ILE A 564 25.69 19.32 2.42
CA ILE A 564 24.44 19.90 2.90
C ILE A 564 23.25 19.14 2.34
N LEU A 565 23.29 18.73 1.08
CA LEU A 565 22.15 17.98 0.54
C LEU A 565 22.00 16.63 1.22
N PHE A 566 23.07 15.85 1.29
CA PHE A 566 22.97 14.52 1.87
C PHE A 566 22.72 14.56 3.36
N ASN A 567 22.93 15.70 4.01
CA ASN A 567 22.48 15.84 5.39
C ASN A 567 21.00 16.17 5.44
N ALA A 568 20.59 17.14 4.63
CA ALA A 568 19.20 17.62 4.71
C ALA A 568 18.21 16.53 4.31
N PHE A 569 18.56 15.74 3.31
CA PHE A 569 17.62 14.77 2.75
C PHE A 569 17.86 13.35 3.24
N SER A 570 18.55 13.18 4.37
CA SER A 570 18.77 11.84 4.92
C SER A 570 17.67 11.42 5.86
N SER A 571 16.66 12.27 6.07
CA SER A 571 15.62 11.95 7.05
C SER A 571 14.35 11.43 6.38
N LEU A 572 14.14 11.77 5.11
CA LEU A 572 12.86 11.50 4.45
C LEU A 572 12.41 10.05 4.57
N LEU A 573 13.30 9.13 4.95
CA LEU A 573 12.86 7.75 5.12
C LEU A 573 11.88 7.59 6.27
N GLU A 574 11.76 8.60 7.14
CA GLU A 574 10.82 8.53 8.24
C GLU A 574 9.37 8.75 7.80
N ILE A 575 9.14 9.15 6.55
CA ILE A 575 7.76 9.37 6.11
C ILE A 575 6.97 8.08 6.06
N PHE A 576 7.62 6.95 5.79
CA PHE A 576 6.90 5.68 5.72
C PHE A 576 6.17 5.40 7.03
N SER A 577 6.88 5.59 8.15
CA SER A 577 6.32 5.33 9.47
C SER A 577 5.26 6.34 9.87
N LEU A 578 5.07 7.40 9.09
CA LEU A 578 3.96 8.31 9.33
C LEU A 578 2.67 7.77 8.72
N TYR A 579 2.71 7.47 7.42
CA TYR A 579 1.54 6.88 6.77
C TYR A 579 1.17 5.54 7.37
N GLU A 580 2.16 4.76 7.82
CA GLU A 580 1.81 3.51 8.49
C GLU A 580 1.00 3.77 9.75
N ALA A 581 1.35 4.80 10.50
CA ALA A 581 0.72 5.01 11.80
C ALA A 581 -0.48 5.95 11.72
N ARG A 582 -0.81 6.48 10.56
CA ARG A 582 -1.98 7.34 10.47
C ARG A 582 -3.29 6.64 10.78
N PRO A 583 -3.59 5.45 10.22
CA PRO A 583 -4.88 4.83 10.52
C PRO A 583 -5.10 4.58 12.00
N ILE A 584 -4.07 4.15 12.72
CA ILE A 584 -4.22 3.88 14.15
C ILE A 584 -4.47 5.17 14.91
N THR A 585 -3.78 6.25 14.55
CA THR A 585 -4.06 7.53 15.20
C THR A 585 -5.47 7.99 14.91
N GLU A 586 -5.97 7.76 13.70
CA GLU A 586 -7.34 8.13 13.41
C GLU A 586 -8.32 7.31 14.26
N LYS A 587 -8.04 6.02 14.44
CA LYS A 587 -8.88 5.23 15.32
C LYS A 587 -8.87 5.81 16.73
N HIS A 588 -7.68 6.02 17.28
CA HIS A 588 -7.57 6.51 18.64
C HIS A 588 -8.15 7.91 18.83
N ARG A 589 -8.28 8.68 17.75
CA ARG A 589 -8.99 9.95 17.87
C ARG A 589 -10.47 9.73 18.18
N THR A 590 -11.12 8.77 17.52
CA THR A 590 -12.53 8.52 17.79
C THR A 590 -12.74 8.24 19.26
N TYR A 591 -11.86 7.47 19.87
CA TYR A 591 -11.81 7.39 21.32
C TYR A 591 -11.24 8.70 21.84
N SER A 592 -11.80 9.19 22.94
CA SER A 592 -11.21 10.35 23.60
C SER A 592 -9.98 9.85 24.37
N LEU A 593 -8.94 9.52 23.60
CA LEU A 593 -7.76 8.90 24.16
C LEU A 593 -6.58 9.88 24.27
N TYR A 594 -6.24 10.57 23.19
CA TYR A 594 -5.19 11.57 23.25
C TYR A 594 -5.30 12.53 22.07
N HIS A 595 -4.70 13.70 22.25
CA HIS A 595 -4.68 14.71 21.20
C HIS A 595 -3.90 14.20 19.99
N PRO A 596 -4.39 14.40 18.76
CA PRO A 596 -3.54 14.09 17.60
C PRO A 596 -2.24 14.88 17.62
N SER A 597 -2.30 16.12 18.11
CA SER A 597 -1.08 16.90 18.29
C SER A 597 -0.08 16.14 19.12
N ALA A 598 -0.53 15.41 20.15
CA ALA A 598 0.39 14.62 20.95
C ALA A 598 1.06 13.54 20.11
N ASP A 599 0.30 12.87 19.26
CA ASP A 599 0.91 11.85 18.41
C ASP A 599 1.98 12.47 17.51
N ALA A 600 1.66 13.60 16.88
CA ALA A 600 2.65 14.24 16.01
C ALA A 600 3.87 14.65 16.81
N PHE A 601 3.66 15.24 17.98
CA PHE A 601 4.76 15.70 18.81
C PHE A 601 5.65 14.55 19.21
N ALA A 602 5.06 13.40 19.51
CA ALA A 602 5.86 12.21 19.81
C ALA A 602 6.59 11.71 18.58
N SER A 603 5.96 11.79 17.41
CA SER A 603 6.62 11.33 16.20
C SER A 603 7.83 12.19 15.88
N VAL A 604 7.77 13.49 16.18
CA VAL A 604 8.94 14.35 15.98
C VAL A 604 10.07 13.89 16.88
N LEU A 605 9.78 13.65 18.15
CA LEU A 605 10.83 13.39 19.14
C LEU A 605 11.40 11.98 19.00
N SER A 606 10.56 11.00 18.70
CA SER A 606 11.01 9.62 18.70
C SER A 606 12.08 9.38 17.66
N GLU A 607 12.16 10.21 16.62
CA GLU A 607 13.13 10.00 15.56
C GLU A 607 14.47 10.68 15.84
N ILE A 608 14.52 11.60 16.80
CA ILE A 608 15.71 12.41 17.05
C ILE A 608 16.93 11.53 17.18
N PRO A 609 16.90 10.43 17.93
CA PRO A 609 18.12 9.62 18.09
C PRO A 609 18.71 9.17 16.76
N SER A 610 17.88 8.77 15.80
CA SER A 610 18.42 8.36 14.52
C SER A 610 19.09 9.53 13.80
N LYS A 611 18.48 10.71 13.85
CA LYS A 611 19.07 11.88 13.20
C LYS A 611 20.42 12.22 13.83
N LEU A 612 20.49 12.17 15.16
CA LEU A 612 21.74 12.54 15.81
C LEU A 612 22.74 11.41 15.89
N ILE A 613 22.41 10.22 15.38
CA ILE A 613 23.43 9.21 15.10
C ILE A 613 23.98 9.39 13.69
N ILE A 614 23.10 9.60 12.71
CA ILE A 614 23.54 9.77 11.34
C ILE A 614 24.37 11.04 11.20
N ALA A 615 23.88 12.14 11.76
CA ALA A 615 24.56 13.42 11.60
C ALA A 615 25.91 13.42 12.28
N VAL A 616 26.18 12.43 13.12
CA VAL A 616 27.53 12.30 13.67
C VAL A 616 28.38 11.39 12.79
N CYS A 617 27.90 10.19 12.49
CA CYS A 617 28.74 9.27 11.71
C CYS A 617 29.07 9.83 10.33
N PHE A 618 28.03 10.20 9.56
CA PHE A 618 28.25 10.72 8.23
C PHE A 618 29.16 11.94 8.25
N ASN A 619 28.85 12.90 9.11
CA ASN A 619 29.61 14.14 9.10
C ASN A 619 31.05 13.92 9.50
N ILE A 620 31.31 13.09 10.51
CA ILE A 620 32.69 12.82 10.88
C ILE A 620 33.43 12.23 9.70
N ILE A 621 32.88 11.20 9.08
CA ILE A 621 33.59 10.54 7.97
C ILE A 621 33.86 11.53 6.85
N PHE A 622 32.82 12.27 6.43
CA PHE A 622 32.96 13.15 5.28
C PHE A 622 33.94 14.29 5.57
N TYR A 623 33.79 14.94 6.72
CA TYR A 623 34.66 16.07 7.04
C TYR A 623 36.11 15.62 7.21
N PHE A 624 36.33 14.42 7.73
CA PHE A 624 37.69 13.89 7.75
C PHE A 624 38.23 13.72 6.34
N LEU A 625 37.48 13.00 5.49
CA LEU A 625 38.02 12.63 4.19
C LEU A 625 38.29 13.85 3.32
N VAL A 626 37.35 14.80 3.27
CA VAL A 626 37.48 15.90 2.34
C VAL A 626 38.52 16.92 2.76
N ASP A 627 39.01 16.87 3.99
CA ASP A 627 40.17 17.65 4.41
C ASP A 627 39.86 19.14 4.48
N PHE A 628 38.71 19.50 5.04
CA PHE A 628 38.43 20.91 5.30
C PHE A 628 39.30 21.39 6.45
N ARG A 629 39.11 22.66 6.84
CA ARG A 629 39.88 23.23 7.93
C ARG A 629 39.78 22.36 9.17
N ARG A 630 40.93 22.05 9.77
CA ARG A 630 40.95 21.10 10.87
C ARG A 630 40.49 21.71 12.19
N ASN A 631 40.38 23.03 12.27
CA ASN A 631 40.05 23.65 13.55
C ASN A 631 38.74 23.08 14.09
N GLY A 632 38.74 22.70 15.36
CA GLY A 632 37.52 22.21 15.97
C GLY A 632 36.44 23.27 16.09
N GLY A 633 36.85 24.51 16.36
CA GLY A 633 35.91 25.60 16.54
C GLY A 633 35.14 25.98 15.30
N VAL A 634 35.50 25.44 14.14
CA VAL A 634 34.72 25.65 12.93
C VAL A 634 34.05 24.34 12.57
N PHE A 635 34.67 23.21 12.93
CA PHE A 635 34.04 21.93 12.68
C PHE A 635 32.72 21.82 13.43
N PHE A 636 32.71 22.26 14.69
CA PHE A 636 31.46 22.19 15.45
C PHE A 636 30.38 23.05 14.82
N PHE A 637 30.73 24.24 14.33
CA PHE A 637 29.74 25.07 13.66
C PHE A 637 29.23 24.39 12.39
N TYR A 638 30.11 23.75 11.64
CA TYR A 638 29.67 23.02 10.45
C TYR A 638 28.67 21.93 10.83
N LEU A 639 28.99 21.18 11.89
CA LEU A 639 28.09 20.11 12.33
C LEU A 639 26.75 20.68 12.76
N LEU A 640 26.77 21.80 13.49
CA LEU A 640 25.55 22.45 13.91
C LEU A 640 24.70 22.86 12.72
N ILE A 641 25.35 23.42 11.69
CA ILE A 641 24.61 23.87 10.52
C ILE A 641 23.97 22.69 9.81
N ASN A 642 24.70 21.57 9.70
CA ASN A 642 24.08 20.39 9.11
C ASN A 642 22.90 19.89 9.92
N ILE A 643 23.00 19.91 11.25
CA ILE A 643 21.89 19.48 12.08
C ILE A 643 20.67 20.35 11.82
N VAL A 644 20.89 21.67 11.76
CA VAL A 644 19.76 22.55 11.51
C VAL A 644 19.15 22.27 10.14
N ALA A 645 19.99 22.01 9.14
CA ALA A 645 19.45 21.73 7.81
C ALA A 645 18.59 20.48 7.83
N VAL A 646 19.07 19.41 8.46
CA VAL A 646 18.30 18.17 8.47
C VAL A 646 16.99 18.35 9.21
N PHE A 647 17.01 19.04 10.35
CA PHE A 647 15.76 19.28 11.05
C PHE A 647 14.80 20.10 10.21
N SER A 648 15.30 21.14 9.54
CA SER A 648 14.42 21.99 8.76
C SER A 648 13.72 21.21 7.66
N MET A 649 14.47 20.45 6.87
CA MET A 649 13.82 19.70 5.81
C MET A 649 12.92 18.60 6.35
N SER A 650 13.32 17.94 7.44
CA SER A 650 12.45 16.92 8.02
C SER A 650 11.10 17.52 8.38
N HIS A 651 11.10 18.68 9.04
CA HIS A 651 9.86 19.29 9.46
C HIS A 651 9.07 19.91 8.32
N LEU A 652 9.73 20.25 7.21
CA LEU A 652 8.96 20.71 6.05
C LEU A 652 8.27 19.54 5.37
N PHE A 653 8.97 18.43 5.20
CA PHE A 653 8.37 17.33 4.47
C PHE A 653 7.40 16.53 5.33
N ARG A 654 7.46 16.66 6.65
CA ARG A 654 6.35 16.14 7.45
C ARG A 654 5.07 16.92 7.17
N CYS A 655 5.15 18.24 7.06
CA CYS A 655 3.97 19.01 6.68
C CYS A 655 3.48 18.61 5.30
N VAL A 656 4.40 18.42 4.36
CA VAL A 656 3.99 18.00 3.02
C VAL A 656 3.30 16.64 3.07
N GLY A 657 3.84 15.70 3.84
CA GLY A 657 3.25 14.38 3.93
C GLY A 657 1.97 14.33 4.72
N SER A 658 1.70 15.35 5.53
CA SER A 658 0.46 15.39 6.30
C SER A 658 -0.74 15.71 5.42
N LEU A 659 -0.58 16.66 4.50
CA LEU A 659 -1.71 17.07 3.66
C LEU A 659 -2.20 15.94 2.78
N THR A 660 -1.30 15.17 2.19
CA THR A 660 -1.63 14.22 1.13
C THR A 660 -2.05 12.89 1.74
N LYS A 661 -3.00 12.21 1.08
CA LYS A 661 -3.56 11.00 1.63
C LYS A 661 -2.52 9.88 1.76
N THR A 662 -1.60 9.77 0.79
CA THR A 662 -0.67 8.65 0.80
C THR A 662 0.54 9.03 -0.04
N LEU A 663 1.62 8.27 0.16
CA LEU A 663 2.89 8.60 -0.48
C LEU A 663 2.74 8.78 -1.98
N SER A 664 1.86 7.99 -2.60
CA SER A 664 1.63 8.13 -4.04
C SER A 664 1.19 9.54 -4.40
N GLU A 665 0.37 10.15 -3.54
CA GLU A 665 0.00 11.55 -3.74
C GLU A 665 1.20 12.46 -3.57
N ALA A 666 2.07 12.17 -2.61
CA ALA A 666 3.10 13.11 -2.22
C ALA A 666 4.27 13.13 -3.19
N MET A 667 4.46 12.04 -3.95
CA MET A 667 5.63 11.97 -4.82
C MET A 667 5.75 13.18 -5.75
N VAL A 668 4.64 13.69 -6.27
CA VAL A 668 4.71 14.79 -7.23
C VAL A 668 5.05 16.11 -6.54
N PRO A 669 4.21 16.62 -5.64
CA PRO A 669 4.55 17.91 -5.01
C PRO A 669 5.85 17.85 -4.23
N ALA A 670 6.14 16.72 -3.58
CA ALA A 670 7.42 16.58 -2.89
C ALA A 670 8.58 16.66 -3.87
N SER A 671 8.45 16.03 -5.04
CA SER A 671 9.51 16.10 -6.02
C SER A 671 9.71 17.53 -6.51
N MET A 672 8.62 18.24 -6.81
CA MET A 672 8.78 19.61 -7.28
C MET A 672 9.43 20.50 -6.21
N LEU A 673 9.00 20.36 -4.96
CA LEU A 673 9.59 21.16 -3.90
C LEU A 673 11.06 20.80 -3.70
N LEU A 674 11.40 19.52 -3.82
CA LEU A 674 12.79 19.12 -3.69
C LEU A 674 13.65 19.73 -4.79
N LEU A 675 13.16 19.74 -6.02
CA LEU A 675 13.93 20.40 -7.08
C LEU A 675 14.10 21.88 -6.77
N ALA A 676 13.04 22.55 -6.32
CA ALA A 676 13.15 23.97 -6.04
C ALA A 676 14.18 24.23 -4.94
N LEU A 677 14.16 23.41 -3.89
CA LEU A 677 15.05 23.66 -2.75
C LEU A 677 16.49 23.26 -3.02
N SER A 678 16.72 22.22 -3.83
CA SER A 678 18.09 21.77 -4.06
C SER A 678 18.74 22.54 -5.20
N MET A 679 17.94 23.11 -6.10
CA MET A 679 18.51 23.84 -7.23
C MET A 679 18.93 25.24 -6.82
N TYR A 680 18.14 25.88 -5.97
CA TYR A 680 18.43 27.24 -5.53
C TYR A 680 19.24 27.26 -4.24
N THR A 681 20.05 26.24 -4.02
CA THR A 681 20.89 26.23 -2.83
C THR A 681 21.92 27.35 -2.85
N GLY A 682 22.16 27.98 -3.99
CA GLY A 682 23.18 28.99 -4.10
C GLY A 682 24.47 28.51 -4.70
N PHE A 683 24.54 27.25 -5.14
CA PHE A 683 25.70 26.72 -5.83
C PHE A 683 25.41 26.38 -7.29
N ALA A 684 24.25 25.78 -7.56
CA ALA A 684 23.89 25.55 -8.96
C ALA A 684 23.79 26.86 -9.72
N ILE A 685 23.14 27.84 -9.12
CA ILE A 685 23.01 29.19 -9.67
C ILE A 685 23.50 30.16 -8.61
N PRO A 686 24.67 30.78 -8.76
CA PRO A 686 25.17 31.67 -7.72
C PRO A 686 24.29 32.90 -7.58
N LYS A 687 24.25 33.44 -6.36
CA LYS A 687 23.32 34.52 -6.06
C LYS A 687 23.48 35.69 -7.01
N LYS A 688 24.69 35.92 -7.53
CA LYS A 688 24.89 37.02 -8.46
C LYS A 688 24.12 36.80 -9.76
N LYS A 689 24.03 35.55 -10.21
CA LYS A 689 23.48 35.22 -11.52
C LYS A 689 22.00 34.86 -11.49
N ILE A 690 21.33 34.93 -10.34
CA ILE A 690 19.93 34.58 -10.29
C ILE A 690 19.12 35.68 -10.95
N LEU A 691 18.19 35.29 -11.83
CA LEU A 691 17.38 36.28 -12.52
C LEU A 691 16.42 36.94 -11.56
N ARG A 692 15.89 38.09 -11.96
CA ARG A 692 15.02 38.87 -11.07
C ARG A 692 13.77 38.08 -10.69
N TRP A 693 13.16 37.39 -11.66
CA TRP A 693 11.84 36.81 -11.43
C TRP A 693 11.84 35.69 -10.40
N SER A 694 13.01 35.15 -10.06
CA SER A 694 13.08 34.03 -9.12
C SER A 694 13.97 34.31 -7.92
N LYS A 695 14.36 35.56 -7.69
CA LYS A 695 15.20 35.87 -6.54
C LYS A 695 14.48 35.54 -5.24
N TRP A 696 13.19 35.84 -5.15
CA TRP A 696 12.46 35.59 -3.93
C TRP A 696 12.56 34.13 -3.51
N ILE A 697 12.58 33.21 -4.47
CA ILE A 697 12.77 31.80 -4.11
C ILE A 697 14.05 31.64 -3.33
N TRP A 698 15.12 32.31 -3.77
CA TRP A 698 16.36 32.27 -3.02
C TRP A 698 16.21 32.93 -1.66
N TYR A 699 15.31 33.91 -1.55
CA TYR A 699 15.16 34.59 -0.26
C TYR A 699 14.26 33.85 0.71
N ILE A 700 13.54 32.81 0.28
CA ILE A 700 12.77 32.00 1.20
C ILE A 700 13.27 30.57 1.31
N ASN A 701 14.45 30.26 0.81
CA ASN A 701 14.97 28.90 0.84
C ASN A 701 15.94 28.73 2.02
N PRO A 702 15.61 27.93 3.04
CA PRO A 702 16.53 27.81 4.18
C PRO A 702 17.89 27.26 3.80
N LEU A 703 17.94 26.29 2.88
CA LEU A 703 19.23 25.74 2.50
C LEU A 703 20.13 26.80 1.91
N ALA A 704 19.56 27.81 1.24
CA ALA A 704 20.39 28.88 0.70
C ALA A 704 21.16 29.57 1.81
N TYR A 705 20.47 29.98 2.87
CA TYR A 705 21.14 30.66 3.97
C TYR A 705 22.12 29.72 4.70
N LEU A 706 21.75 28.46 4.89
CA LEU A 706 22.67 27.55 5.56
C LEU A 706 23.93 27.33 4.75
N PHE A 707 23.81 27.17 3.44
CA PHE A 707 24.98 27.02 2.59
C PHE A 707 25.82 28.29 2.61
N GLU A 708 25.17 29.44 2.61
CA GLU A 708 25.90 30.70 2.75
C GLU A 708 26.74 30.68 4.01
N SER A 709 26.15 30.28 5.13
CA SER A 709 26.91 30.22 6.37
C SER A 709 28.06 29.22 6.26
N LEU A 710 27.83 28.07 5.62
CA LEU A 710 28.89 27.08 5.51
C LEU A 710 30.08 27.67 4.74
N LEU A 711 29.82 28.34 3.63
CA LEU A 711 30.93 28.88 2.84
C LEU A 711 31.61 30.03 3.57
N ILE A 712 30.84 30.92 4.20
CA ILE A 712 31.47 31.99 4.97
C ILE A 712 32.38 31.40 6.03
N ASN A 713 31.94 30.31 6.67
CA ASN A 713 32.80 29.64 7.64
C ASN A 713 34.06 29.09 6.97
N GLU A 714 33.90 28.47 5.80
CA GLU A 714 34.98 27.68 5.24
C GLU A 714 36.07 28.55 4.62
N PHE A 715 35.69 29.71 4.07
CA PHE A 715 36.67 30.57 3.42
C PHE A 715 37.14 31.73 4.29
N HIS A 716 36.30 32.22 5.20
CA HIS A 716 36.58 33.48 5.88
C HIS A 716 37.96 33.46 6.52
N GLY A 717 38.75 34.47 6.20
CA GLY A 717 40.00 34.73 6.91
C GLY A 717 41.05 33.65 6.82
N ILE A 718 41.18 32.97 5.68
CA ILE A 718 42.23 31.98 5.47
C ILE A 718 42.83 32.22 4.10
N LYS A 719 44.15 32.09 4.00
CA LYS A 719 44.89 32.42 2.79
C LYS A 719 45.25 31.16 2.03
N PHE A 720 44.78 31.05 0.79
CA PHE A 720 45.08 29.92 -0.05
C PHE A 720 46.24 30.29 -0.98
N PRO A 721 47.36 29.58 -0.97
CA PRO A 721 48.44 29.90 -1.91
C PRO A 721 48.02 29.61 -3.35
N CYS A 722 48.61 30.36 -4.27
CA CYS A 722 48.24 30.29 -5.67
C CYS A 722 48.60 28.93 -6.25
N ALA A 723 48.18 28.68 -7.49
CA ALA A 723 48.55 27.46 -8.18
C ALA A 723 49.13 27.73 -9.57
N GLU A 724 48.58 28.71 -10.28
CA GLU A 724 49.06 29.03 -11.62
C GLU A 724 48.70 30.47 -11.95
N TYR A 725 49.71 31.26 -12.31
CA TYR A 725 49.51 32.64 -12.71
C TYR A 725 49.19 32.71 -14.19
N VAL A 726 48.61 33.83 -14.62
CA VAL A 726 48.08 33.90 -15.98
C VAL A 726 49.17 34.12 -17.02
N PRO A 727 50.24 34.89 -16.76
CA PRO A 727 51.38 34.85 -17.69
C PRO A 727 52.34 33.75 -17.27
N ARG A 728 52.62 32.83 -18.18
CA ARG A 728 53.37 31.63 -17.84
C ARG A 728 54.42 31.35 -18.91
N GLY A 729 55.46 30.63 -18.51
CA GLY A 729 56.42 30.11 -19.47
C GLY A 729 57.82 30.67 -19.27
N PRO A 730 58.79 30.05 -19.95
CA PRO A 730 60.19 30.45 -19.77
C PRO A 730 60.46 31.89 -20.16
N ALA A 731 59.79 32.41 -21.18
CA ALA A 731 60.06 33.78 -21.63
C ALA A 731 59.64 34.82 -20.59
N TYR A 732 58.91 34.41 -19.56
CA TYR A 732 58.48 35.30 -18.48
C TYR A 732 59.23 35.00 -17.19
N ALA A 733 60.48 34.54 -17.30
CA ALA A 733 61.24 34.17 -16.11
C ALA A 733 61.49 35.36 -15.19
N ASN A 734 61.36 36.58 -15.68
CA ASN A 734 61.54 37.78 -14.89
C ASN A 734 60.20 38.48 -14.77
N ILE A 735 59.79 38.79 -13.54
CA ILE A 735 58.50 39.40 -13.27
C ILE A 735 58.62 40.30 -12.05
N SER A 736 58.05 41.50 -12.16
CA SER A 736 57.77 42.32 -10.99
C SER A 736 56.45 41.86 -10.41
N SER A 737 56.27 42.09 -9.11
CA SER A 737 55.09 41.56 -8.43
C SER A 737 53.81 41.96 -9.14
N THR A 738 53.75 43.18 -9.67
CA THR A 738 52.49 43.69 -10.19
C THR A 738 52.16 43.17 -11.58
N GLU A 739 53.07 42.43 -12.21
CA GLU A 739 52.91 42.01 -13.60
C GLU A 739 52.28 40.64 -13.73
N SER A 740 51.63 40.12 -12.70
CA SER A 740 51.05 38.79 -12.76
C SER A 740 49.90 38.71 -11.77
N VAL A 741 48.96 37.81 -12.05
CA VAL A 741 47.76 37.63 -11.23
C VAL A 741 47.39 36.16 -11.24
N CYS A 742 46.46 35.80 -10.35
CA CYS A 742 45.98 34.43 -10.29
C CYS A 742 44.77 34.25 -11.21
N THR A 743 44.59 33.02 -11.66
CA THR A 743 43.43 32.67 -12.48
C THR A 743 42.24 32.34 -11.59
N VAL A 744 41.85 33.28 -10.73
CA VAL A 744 40.73 33.04 -9.82
C VAL A 744 40.08 34.38 -9.51
N VAL A 745 38.83 34.33 -9.07
CA VAL A 745 37.99 35.52 -9.09
C VAL A 745 38.54 36.61 -8.18
N GLY A 746 38.82 36.27 -6.93
CA GLY A 746 39.17 37.29 -5.96
C GLY A 746 40.62 37.72 -5.96
N ALA A 747 41.41 37.32 -6.95
CA ALA A 747 42.84 37.58 -6.91
C ALA A 747 43.12 39.07 -6.95
N VAL A 748 44.33 39.43 -6.51
CA VAL A 748 44.82 40.80 -6.60
C VAL A 748 46.26 40.71 -7.10
N PRO A 749 46.68 41.55 -8.06
CA PRO A 749 48.03 41.44 -8.58
C PRO A 749 49.07 41.64 -7.50
N GLY A 750 50.18 40.92 -7.62
CA GLY A 750 51.24 41.02 -6.65
C GLY A 750 51.04 40.19 -5.41
N GLN A 751 50.00 39.36 -5.36
CA GLN A 751 49.78 38.50 -4.21
C GLN A 751 50.39 37.13 -4.45
N ASP A 752 50.88 36.54 -3.36
CA ASP A 752 51.28 35.13 -3.35
C ASP A 752 50.11 34.22 -2.98
N TYR A 753 48.93 34.78 -2.80
CA TYR A 753 47.76 34.04 -2.32
C TYR A 753 46.51 34.83 -2.66
N VAL A 754 45.36 34.24 -2.36
CA VAL A 754 44.08 34.91 -2.51
C VAL A 754 43.31 34.78 -1.20
N LEU A 755 42.84 35.90 -0.69
CA LEU A 755 42.09 35.90 0.56
C LEU A 755 40.69 35.37 0.30
N GLY A 756 40.39 34.18 0.82
CA GLY A 756 39.15 33.52 0.48
C GLY A 756 37.94 34.41 0.66
N ASP A 757 37.98 35.31 1.66
CA ASP A 757 36.89 36.25 1.81
C ASP A 757 36.60 36.96 0.50
N ASP A 758 37.65 37.37 -0.22
CA ASP A 758 37.45 38.01 -1.51
C ASP A 758 36.90 37.08 -2.56
N PHE A 759 37.25 35.79 -2.53
CA PHE A 759 36.66 34.88 -3.52
C PHE A 759 35.16 34.73 -3.29
N ILE A 760 34.75 34.50 -2.05
CA ILE A 760 33.32 34.35 -1.81
C ILE A 760 32.60 35.65 -2.11
N ARG A 761 33.22 36.80 -1.81
CA ARG A 761 32.60 38.06 -2.17
C ARG A 761 32.45 38.19 -3.68
N GLY A 762 33.47 37.78 -4.42
CA GLY A 762 33.44 37.97 -5.86
C GLY A 762 32.43 37.08 -6.54
N THR A 763 32.41 35.80 -6.16
CA THR A 763 31.59 34.84 -6.89
C THR A 763 30.16 34.79 -6.37
N TYR A 764 29.98 34.61 -5.07
CA TYR A 764 28.66 34.39 -4.50
C TYR A 764 28.10 35.59 -3.74
N GLN A 765 28.86 36.66 -3.56
CA GLN A 765 28.39 37.82 -2.80
C GLN A 765 27.97 37.43 -1.38
N TYR A 766 28.79 36.63 -0.70
CA TYR A 766 28.58 36.39 0.73
C TYR A 766 29.58 37.22 1.52
N TYR A 767 29.08 38.10 2.39
CA TYR A 767 29.93 38.94 3.21
C TYR A 767 30.04 38.36 4.61
N HIS A 768 31.25 38.39 5.17
CA HIS A 768 31.52 37.67 6.40
C HIS A 768 30.63 38.11 7.56
N LYS A 769 30.07 39.32 7.47
CA LYS A 769 29.19 39.77 8.55
C LYS A 769 27.91 38.96 8.62
N ASP A 770 27.65 38.09 7.63
CA ASP A 770 26.45 37.28 7.57
C ASP A 770 26.68 35.86 8.06
N LYS A 771 27.53 35.65 9.06
CA LYS A 771 27.83 34.29 9.47
C LYS A 771 26.61 33.63 10.10
N TRP A 772 25.98 34.30 11.05
CA TRP A 772 24.93 33.68 11.86
C TRP A 772 23.55 33.82 11.25
N ARG A 773 23.38 34.63 10.21
CA ARG A 773 22.06 34.76 9.60
C ARG A 773 21.49 33.40 9.23
N GLY A 774 22.34 32.50 8.72
CA GLY A 774 21.85 31.20 8.31
C GLY A 774 21.29 30.40 9.47
N PHE A 775 22.03 30.35 10.58
CA PHE A 775 21.52 29.65 11.76
C PHE A 775 20.23 30.29 12.26
N GLY A 776 20.19 31.62 12.30
CA GLY A 776 19.00 32.30 12.80
C GLY A 776 17.77 31.96 11.98
N ILE A 777 17.90 32.03 10.65
CA ILE A 777 16.75 31.74 9.79
C ILE A 777 16.42 30.24 9.82
N GLY A 778 17.44 29.39 9.92
CA GLY A 778 17.17 27.96 10.00
C GLY A 778 16.33 27.61 11.21
N MET A 779 16.67 28.17 12.38
CA MET A 779 15.84 27.91 13.56
C MET A 779 14.43 28.44 13.37
N ALA A 780 14.29 29.61 12.76
CA ALA A 780 12.95 30.15 12.53
C ALA A 780 12.13 29.18 11.68
N TYR A 781 12.71 28.67 10.60
CA TYR A 781 11.97 27.73 9.76
C TYR A 781 11.66 26.45 10.52
N VAL A 782 12.61 25.93 11.28
CA VAL A 782 12.36 24.68 12.01
C VAL A 782 11.17 24.86 12.95
N VAL A 783 11.19 25.91 13.75
CA VAL A 783 10.12 26.12 14.73
C VAL A 783 8.80 26.36 14.02
N PHE A 784 8.80 27.23 13.02
CA PHE A 784 7.56 27.58 12.34
C PHE A 784 6.91 26.37 11.68
N PHE A 785 7.70 25.60 10.94
CA PHE A 785 7.12 24.44 10.26
C PHE A 785 6.79 23.32 11.22
N PHE A 786 7.48 23.22 12.35
CA PHE A 786 7.05 22.28 13.37
C PHE A 786 5.67 22.64 13.90
N PHE A 787 5.45 23.93 14.19
CA PHE A 787 4.12 24.32 14.67
C PHE A 787 3.06 24.17 13.60
N VAL A 788 3.37 24.44 12.34
CA VAL A 788 2.40 24.22 11.29
C VAL A 788 2.08 22.74 11.16
N TYR A 789 3.10 21.89 11.29
CA TYR A 789 2.87 20.45 11.28
C TYR A 789 1.89 20.06 12.37
N LEU A 790 2.12 20.54 13.60
CA LEU A 790 1.22 20.20 14.69
C LEU A 790 -0.19 20.69 14.41
N PHE A 791 -0.33 21.93 13.94
CA PHE A 791 -1.67 22.46 13.69
C PHE A 791 -2.39 21.62 12.65
N LEU A 792 -1.72 21.31 11.54
CA LEU A 792 -2.37 20.51 10.50
C LEU A 792 -2.76 19.15 11.02
N CYS A 793 -1.89 18.51 11.80
CA CYS A 793 -2.25 17.20 12.31
C CYS A 793 -3.41 17.30 13.29
N GLU A 794 -3.49 18.40 14.04
CA GLU A 794 -4.60 18.59 14.97
C GLU A 794 -5.92 18.69 14.24
N TYR A 795 -5.99 19.58 13.24
CA TYR A 795 -7.27 19.88 12.61
C TYR A 795 -7.49 19.15 11.29
N ASN A 796 -6.52 18.34 10.85
CA ASN A 796 -6.69 17.56 9.62
C ASN A 796 -5.72 16.40 9.62
N GLY A 861 -25.66 -23.15 -27.32
CA GLY A 861 -25.41 -23.17 -25.89
C GLY A 861 -23.98 -23.55 -25.56
N LEU A 862 -23.71 -23.69 -24.27
CA LEU A 862 -22.35 -24.03 -23.85
C LEU A 862 -21.94 -25.40 -24.39
N SER A 863 -20.67 -25.51 -24.76
CA SER A 863 -20.17 -26.75 -25.33
C SER A 863 -20.21 -27.86 -24.29
N LYS A 864 -20.68 -29.03 -24.71
CA LYS A 864 -20.80 -30.16 -23.80
C LYS A 864 -19.43 -30.71 -23.44
N SER A 865 -19.42 -31.55 -22.41
CA SER A 865 -18.24 -32.33 -22.07
C SER A 865 -18.37 -33.73 -22.63
N GLU A 866 -17.24 -34.38 -22.86
CA GLU A 866 -17.22 -35.66 -23.55
C GLU A 866 -16.36 -36.73 -22.89
N ALA A 867 -15.60 -36.39 -21.85
CA ALA A 867 -14.66 -37.33 -21.26
C ALA A 867 -15.04 -37.62 -19.83
N ILE A 868 -15.10 -38.91 -19.50
CA ILE A 868 -15.44 -39.35 -18.14
C ILE A 868 -14.14 -39.36 -17.36
N PHE A 869 -13.77 -38.19 -16.85
CA PHE A 869 -12.53 -38.06 -16.08
C PHE A 869 -12.61 -38.86 -14.81
N HIS A 870 -11.61 -39.71 -14.57
CA HIS A 870 -11.60 -40.55 -13.39
C HIS A 870 -10.17 -40.80 -12.95
N TRP A 871 -10.01 -41.09 -11.65
CA TRP A 871 -8.70 -41.34 -11.08
C TRP A 871 -8.79 -42.56 -10.16
N ARG A 872 -7.65 -43.19 -9.94
CA ARG A 872 -7.59 -44.40 -9.13
C ARG A 872 -6.25 -44.49 -8.43
N ASN A 873 -6.24 -45.04 -7.22
CA ASN A 873 -5.00 -45.32 -6.49
C ASN A 873 -4.11 -44.09 -6.37
N LEU A 874 -4.68 -42.90 -6.54
CA LEU A 874 -3.86 -41.69 -6.51
C LEU A 874 -3.22 -41.52 -5.14
N CYS A 875 -1.93 -41.18 -5.12
CA CYS A 875 -1.21 -40.91 -3.89
C CYS A 875 -0.37 -39.66 -4.05
N TYR A 876 -0.11 -38.97 -2.94
CA TYR A 876 0.62 -37.72 -2.95
C TYR A 876 1.58 -37.68 -1.79
N GLU A 877 2.79 -37.19 -2.04
CA GLU A 877 3.83 -37.14 -1.03
C GLU A 877 4.68 -35.89 -1.23
N VAL A 878 5.11 -35.31 -0.12
CA VAL A 878 5.93 -34.10 -0.14
C VAL A 878 7.09 -34.29 0.81
N GLN A 879 8.01 -33.32 0.81
CA GLN A 879 9.28 -33.45 1.50
C GLN A 879 9.62 -32.28 2.41
N ILE A 880 8.95 -31.13 2.26
CA ILE A 880 9.42 -29.92 2.93
C ILE A 880 9.41 -30.10 4.44
N LYS A 881 8.23 -30.30 5.04
CA LYS A 881 8.17 -30.46 6.49
C LYS A 881 8.90 -31.73 6.92
N ALA A 882 8.72 -32.82 6.18
CA ALA A 882 9.41 -34.06 6.47
C ALA A 882 9.48 -34.87 5.18
N GLU A 883 10.54 -35.66 5.05
CA GLU A 883 10.75 -36.41 3.81
C GLU A 883 9.74 -37.55 3.68
N THR A 884 9.15 -37.66 2.48
CA THR A 884 8.30 -38.79 2.11
C THR A 884 7.15 -39.00 3.09
N ARG A 885 6.38 -37.95 3.38
CA ARG A 885 5.12 -38.12 4.09
C ARG A 885 3.97 -37.99 3.09
N ARG A 886 2.85 -38.61 3.42
CA ARG A 886 1.74 -38.76 2.47
C ARG A 886 0.57 -37.88 2.86
N ILE A 887 0.07 -37.10 1.91
CA ILE A 887 -1.08 -36.25 2.13
C ILE A 887 -2.34 -36.80 1.47
N LEU A 888 -2.21 -37.59 0.42
CA LEU A 888 -3.35 -38.27 -0.20
C LEU A 888 -3.05 -39.76 -0.23
N ASN A 889 -3.95 -40.55 0.36
CA ASN A 889 -3.69 -41.97 0.63
C ASN A 889 -4.72 -42.80 -0.12
N ASN A 890 -4.36 -43.26 -1.31
CA ASN A 890 -5.23 -44.13 -2.12
C ASN A 890 -6.61 -43.52 -2.29
N VAL A 891 -6.64 -42.25 -2.72
CA VAL A 891 -7.91 -41.64 -3.09
C VAL A 891 -8.34 -42.17 -4.45
N ASP A 892 -9.65 -42.21 -4.67
CA ASP A 892 -10.20 -42.73 -5.92
C ASP A 892 -11.60 -42.17 -6.12
N GLY A 893 -11.97 -41.98 -7.38
CA GLY A 893 -13.27 -41.42 -7.69
C GLY A 893 -13.46 -41.30 -9.20
N TRP A 894 -14.37 -40.41 -9.58
CA TRP A 894 -14.61 -40.11 -10.99
C TRP A 894 -15.53 -38.91 -11.07
N VAL A 895 -15.79 -38.46 -12.30
CA VAL A 895 -16.83 -37.47 -12.56
C VAL A 895 -17.43 -37.77 -13.93
N LYS A 896 -18.73 -37.73 -14.02
CA LYS A 896 -19.45 -37.98 -15.24
C LYS A 896 -20.04 -36.68 -15.78
N PRO A 897 -20.06 -36.46 -17.09
CA PRO A 897 -20.58 -35.20 -17.61
C PRO A 897 -22.03 -34.99 -17.20
N GLY A 898 -22.37 -33.74 -16.90
CA GLY A 898 -23.72 -33.43 -16.45
C GLY A 898 -23.96 -33.71 -14.99
N THR A 899 -22.93 -33.60 -14.16
CA THR A 899 -23.06 -33.83 -12.73
C THR A 899 -22.28 -32.77 -11.97
N LEU A 900 -22.79 -32.40 -10.80
CA LEU A 900 -22.16 -31.45 -9.90
C LEU A 900 -21.65 -32.18 -8.67
N THR A 901 -20.34 -32.43 -8.63
CA THR A 901 -19.72 -33.16 -7.53
C THR A 901 -19.05 -32.17 -6.59
N ALA A 902 -19.22 -32.38 -5.29
CA ALA A 902 -18.56 -31.57 -4.29
C ALA A 902 -17.47 -32.37 -3.59
N LEU A 903 -16.57 -31.68 -2.93
CA LEU A 903 -15.37 -32.28 -2.37
C LEU A 903 -15.10 -31.64 -1.02
N MET A 904 -15.61 -32.24 0.05
CA MET A 904 -15.49 -31.67 1.38
C MET A 904 -14.42 -32.39 2.15
N GLY A 905 -13.89 -31.70 3.16
CA GLY A 905 -12.85 -32.25 4.00
C GLY A 905 -12.72 -31.42 5.26
N ALA A 906 -12.01 -31.98 6.22
CA ALA A 906 -11.85 -31.36 7.53
C ALA A 906 -10.77 -30.29 7.48
N SER A 907 -10.34 -29.82 8.65
CA SER A 907 -9.16 -28.95 8.72
C SER A 907 -7.90 -29.72 8.34
N GLY A 908 -8.02 -31.03 8.19
CA GLY A 908 -6.93 -31.92 7.85
C GLY A 908 -6.94 -32.21 6.36
N ALA A 909 -7.66 -33.25 5.96
CA ALA A 909 -7.70 -33.74 4.59
C ALA A 909 -7.60 -32.64 3.55
N GLY A 910 -6.83 -32.90 2.50
CA GLY A 910 -6.55 -31.91 1.49
C GLY A 910 -7.71 -31.58 0.57
N LYS A 911 -8.75 -30.92 1.06
CA LYS A 911 -9.76 -30.36 0.16
C LYS A 911 -9.10 -29.80 -1.08
N THR A 912 -8.15 -28.89 -0.90
CA THR A 912 -7.45 -28.23 -2.00
C THR A 912 -6.43 -29.13 -2.68
N THR A 913 -5.64 -29.87 -1.92
CA THR A 913 -4.56 -30.62 -2.53
C THR A 913 -5.07 -31.65 -3.52
N LEU A 914 -6.33 -32.06 -3.40
CA LEU A 914 -6.88 -33.03 -4.34
C LEU A 914 -7.38 -32.36 -5.61
N LEU A 915 -7.59 -31.05 -5.58
CA LEU A 915 -7.83 -30.33 -6.82
C LEU A 915 -6.53 -30.10 -7.57
N ASP A 916 -5.51 -29.63 -6.86
CA ASP A 916 -4.26 -29.29 -7.52
C ASP A 916 -3.56 -30.52 -8.09
N CYS A 917 -3.60 -31.65 -7.39
CA CYS A 917 -3.05 -32.87 -7.98
C CYS A 917 -3.82 -33.28 -9.22
N LEU A 918 -5.14 -33.19 -9.18
CA LEU A 918 -5.93 -33.54 -10.37
C LEU A 918 -5.71 -32.53 -11.48
N ALA A 919 -5.84 -31.25 -11.17
CA ALA A 919 -5.71 -30.22 -12.20
C ALA A 919 -4.29 -30.04 -12.70
N GLU A 920 -3.35 -30.87 -12.22
CA GLU A 920 -1.95 -30.77 -12.65
C GLU A 920 -1.36 -29.42 -12.29
N ARG A 921 -1.86 -28.79 -11.24
CA ARG A 921 -1.42 -27.47 -10.82
C ARG A 921 -0.47 -27.49 -9.64
N VAL A 922 -0.05 -28.66 -9.16
CA VAL A 922 0.95 -28.71 -8.11
C VAL A 922 2.32 -28.42 -8.73
N THR A 923 3.25 -28.00 -7.87
CA THR A 923 4.58 -27.59 -8.33
C THR A 923 5.70 -28.45 -7.77
N MET A 924 5.47 -29.17 -6.67
CA MET A 924 6.53 -29.91 -6.01
C MET A 924 5.99 -31.25 -5.54
N GLY A 925 6.91 -32.16 -5.25
CA GLY A 925 6.54 -33.48 -4.82
C GLY A 925 6.34 -34.44 -5.98
N VAL A 926 5.84 -35.63 -5.65
CA VAL A 926 5.61 -36.69 -6.61
C VAL A 926 4.21 -37.25 -6.40
N ILE A 927 3.47 -37.44 -7.49
CA ILE A 927 2.17 -38.09 -7.46
C ILE A 927 2.34 -39.49 -8.02
N THR A 928 1.86 -40.47 -7.26
CA THR A 928 1.92 -41.86 -7.68
C THR A 928 0.52 -42.30 -8.08
N GLY A 929 0.45 -43.34 -8.89
CA GLY A 929 -0.82 -43.75 -9.45
C GLY A 929 -1.17 -42.90 -10.65
N ASP A 930 -2.22 -43.31 -11.35
CA ASP A 930 -2.54 -42.74 -12.66
C ASP A 930 -3.90 -42.06 -12.63
N ILE A 931 -3.95 -40.88 -13.22
CA ILE A 931 -5.20 -40.17 -13.49
C ILE A 931 -5.53 -40.38 -14.96
N LEU A 932 -6.73 -40.86 -15.23
CA LEU A 932 -7.12 -41.27 -16.57
C LEU A 932 -8.24 -40.35 -17.06
N VAL A 933 -8.28 -40.11 -18.36
CA VAL A 933 -9.35 -39.29 -18.92
C VAL A 933 -10.44 -40.16 -19.55
N ASN A 934 -10.10 -40.92 -20.59
CA ASN A 934 -11.06 -41.81 -21.22
C ASN A 934 -10.51 -43.23 -21.17
N GLY A 935 -9.88 -43.57 -20.06
CA GLY A 935 -9.16 -44.82 -19.94
C GLY A 935 -7.72 -44.78 -20.34
N ILE A 936 -7.19 -43.61 -20.71
CA ILE A 936 -5.76 -43.46 -20.98
C ILE A 936 -5.27 -42.20 -20.28
N PRO A 937 -4.00 -42.16 -19.91
CA PRO A 937 -3.51 -41.06 -19.07
C PRO A 937 -3.58 -39.72 -19.78
N ARG A 938 -3.76 -38.68 -18.97
CA ARG A 938 -3.67 -37.32 -19.46
C ARG A 938 -2.31 -37.07 -20.08
N ASP A 939 -2.17 -35.95 -20.76
CA ASP A 939 -0.95 -35.68 -21.51
C ASP A 939 -0.65 -34.19 -21.48
N LYS A 940 0.26 -33.77 -22.35
CA LYS A 940 0.67 -32.37 -22.43
C LYS A 940 -0.50 -31.45 -22.76
N SER A 941 -1.55 -31.99 -23.38
CA SER A 941 -2.68 -31.15 -23.82
C SER A 941 -3.69 -30.92 -22.70
N PHE A 942 -3.56 -31.64 -21.58
CA PHE A 942 -4.59 -31.57 -20.56
C PHE A 942 -4.81 -30.18 -20.02
N PRO A 943 -3.79 -29.42 -19.58
CA PRO A 943 -4.06 -28.16 -18.87
C PRO A 943 -4.69 -27.08 -19.74
N ARG A 944 -4.99 -27.36 -21.00
CA ARG A 944 -5.77 -26.43 -21.81
C ARG A 944 -7.23 -26.82 -21.95
N SER A 945 -7.60 -28.01 -21.49
CA SER A 945 -8.98 -28.47 -21.61
C SER A 945 -9.77 -28.35 -20.31
N ILE A 946 -9.15 -27.88 -19.23
CA ILE A 946 -9.81 -27.78 -17.94
C ILE A 946 -9.85 -26.32 -17.52
N GLY A 947 -11.04 -25.85 -17.14
CA GLY A 947 -11.13 -24.59 -16.45
C GLY A 947 -10.70 -24.72 -15.01
N TYR A 948 -10.44 -23.60 -14.37
CA TYR A 948 -10.10 -23.61 -12.95
C TYR A 948 -10.40 -22.24 -12.39
N CYS A 949 -11.47 -22.12 -11.61
CA CYS A 949 -11.89 -20.84 -11.07
C CYS A 949 -11.27 -20.62 -9.71
N GLN A 950 -10.23 -19.80 -9.66
CA GLN A 950 -9.54 -19.54 -8.41
C GLN A 950 -10.55 -19.19 -7.32
N GLN A 951 -10.18 -19.47 -6.08
CA GLN A 951 -11.01 -19.05 -4.96
C GLN A 951 -11.06 -17.54 -4.86
N GLN A 952 -9.95 -16.88 -5.18
CA GLN A 952 -9.90 -15.43 -5.21
C GLN A 952 -10.59 -14.92 -6.46
N ASP A 953 -10.51 -13.60 -6.67
CA ASP A 953 -11.06 -12.94 -7.85
C ASP A 953 -10.16 -11.76 -8.17
N LEU A 954 -9.22 -11.98 -9.09
CA LEU A 954 -8.21 -10.99 -9.43
C LEU A 954 -8.23 -10.73 -10.94
N HIS A 955 -8.50 -9.48 -11.30
CA HIS A 955 -8.64 -9.09 -12.69
C HIS A 955 -7.99 -7.74 -12.88
N LEU A 956 -7.72 -7.40 -14.13
CA LEU A 956 -7.15 -6.09 -14.46
C LEU A 956 -8.22 -5.04 -14.20
N LYS A 957 -7.96 -4.13 -13.27
CA LYS A 957 -9.05 -3.34 -12.72
C LYS A 957 -9.56 -2.29 -13.70
N THR A 958 -8.94 -2.13 -14.85
CA THR A 958 -9.38 -1.12 -15.81
C THR A 958 -10.19 -1.69 -16.95
N ALA A 959 -10.19 -3.01 -17.14
CA ALA A 959 -10.95 -3.61 -18.24
C ALA A 959 -12.38 -3.87 -17.82
N THR A 960 -13.29 -3.77 -18.78
CA THR A 960 -14.71 -4.00 -18.52
C THR A 960 -15.05 -5.46 -18.73
N VAL A 961 -16.24 -5.84 -18.25
CA VAL A 961 -16.58 -7.27 -18.20
C VAL A 961 -16.57 -7.89 -19.58
N ARG A 962 -17.14 -7.20 -20.58
CA ARG A 962 -17.13 -7.78 -21.92
C ARG A 962 -15.70 -7.89 -22.45
N GLU A 963 -14.86 -6.89 -22.19
CA GLU A 963 -13.46 -7.03 -22.59
C GLU A 963 -12.78 -8.18 -21.86
N SER A 964 -13.03 -8.33 -20.56
CA SER A 964 -12.40 -9.42 -19.84
C SER A 964 -12.81 -10.76 -20.42
N LEU A 965 -14.08 -10.91 -20.78
CA LEU A 965 -14.52 -12.16 -21.37
C LEU A 965 -13.89 -12.38 -22.74
N ARG A 966 -13.90 -11.35 -23.60
CA ARG A 966 -13.46 -11.54 -24.98
C ARG A 966 -11.95 -11.73 -25.06
N PHE A 967 -11.19 -11.10 -24.17
CA PHE A 967 -9.75 -11.30 -24.17
C PHE A 967 -9.40 -12.76 -24.00
N SER A 968 -9.96 -13.39 -22.96
CA SER A 968 -9.70 -14.81 -22.74
C SER A 968 -10.28 -15.64 -23.87
N ALA A 969 -11.45 -15.26 -24.38
CA ALA A 969 -12.02 -15.99 -25.52
C ALA A 969 -11.00 -16.05 -26.65
N TYR A 970 -10.43 -14.91 -27.00
CA TYR A 970 -9.47 -14.87 -28.10
C TYR A 970 -8.23 -15.71 -27.80
N LEU A 971 -7.63 -15.51 -26.63
CA LEU A 971 -6.32 -16.12 -26.39
C LEU A 971 -6.40 -17.60 -26.04
N ARG A 972 -7.55 -18.11 -25.61
CA ARG A 972 -7.61 -19.50 -25.14
C ARG A 972 -8.26 -20.44 -26.14
N GLN A 973 -9.38 -20.05 -26.74
CA GLN A 973 -10.04 -20.93 -27.68
C GLN A 973 -9.09 -21.31 -28.80
N PRO A 974 -9.43 -22.33 -29.58
CA PRO A 974 -8.59 -22.67 -30.74
C PRO A 974 -8.45 -21.49 -31.69
N ALA A 975 -7.49 -21.62 -32.61
CA ALA A 975 -7.16 -20.51 -33.48
C ALA A 975 -8.04 -20.46 -34.72
N GLU A 976 -8.65 -21.58 -35.10
CA GLU A 976 -9.34 -21.65 -36.38
C GLU A 976 -10.75 -21.06 -36.34
N VAL A 977 -11.24 -20.65 -35.18
CA VAL A 977 -12.54 -19.98 -35.11
C VAL A 977 -12.34 -18.49 -35.35
N SER A 978 -13.20 -17.91 -36.18
CA SER A 978 -13.07 -16.49 -36.52
C SER A 978 -13.46 -15.60 -35.35
N ILE A 979 -12.94 -14.38 -35.35
CA ILE A 979 -13.24 -13.44 -34.28
C ILE A 979 -14.72 -13.08 -34.27
N GLU A 980 -15.46 -13.49 -35.30
CA GLU A 980 -16.90 -13.22 -35.31
C GLU A 980 -17.65 -14.24 -34.46
N GLU A 981 -17.26 -15.51 -34.55
CA GLU A 981 -17.95 -16.56 -33.79
C GLU A 981 -17.64 -16.49 -32.30
N LYS A 982 -16.38 -16.24 -31.94
CA LYS A 982 -16.04 -16.13 -30.53
C LYS A 982 -16.91 -15.09 -29.84
N ASN A 983 -17.32 -14.06 -30.58
CA ASN A 983 -18.15 -13.02 -29.97
C ASN A 983 -19.56 -13.51 -29.68
N ARG A 984 -20.14 -14.29 -30.59
CA ARG A 984 -21.45 -14.87 -30.30
C ARG A 984 -21.36 -15.88 -29.16
N TYR A 985 -20.25 -16.60 -29.04
CA TYR A 985 -20.09 -17.46 -27.87
C TYR A 985 -20.00 -16.64 -26.59
N VAL A 986 -19.31 -15.50 -26.65
CA VAL A 986 -19.25 -14.64 -25.47
C VAL A 986 -20.64 -14.14 -25.13
N GLU A 987 -21.47 -13.88 -26.13
CA GLU A 987 -22.86 -13.54 -25.85
C GLU A 987 -23.63 -14.71 -25.23
N GLU A 988 -23.41 -15.95 -25.68
CA GLU A 988 -23.96 -17.10 -24.99
C GLU A 988 -23.61 -17.06 -23.52
N VAL A 989 -22.33 -16.87 -23.22
CA VAL A 989 -21.87 -16.90 -21.83
C VAL A 989 -22.49 -15.78 -21.03
N ILE A 990 -22.58 -14.59 -21.61
CA ILE A 990 -23.13 -13.47 -20.86
C ILE A 990 -24.58 -13.73 -20.49
N LYS A 991 -25.35 -14.31 -21.41
CA LYS A 991 -26.74 -14.61 -21.10
C LYS A 991 -26.85 -15.70 -20.04
N ILE A 992 -26.15 -16.82 -20.23
CA ILE A 992 -26.35 -17.96 -19.34
C ILE A 992 -25.99 -17.62 -17.91
N LEU A 993 -25.11 -16.66 -17.70
CA LEU A 993 -24.80 -16.18 -16.37
C LEU A 993 -25.68 -15.03 -15.93
N GLU A 994 -26.60 -14.58 -16.78
CA GLU A 994 -27.51 -13.49 -16.42
C GLU A 994 -26.74 -12.29 -15.88
N MET A 995 -25.80 -11.78 -16.66
CA MET A 995 -25.15 -10.52 -16.34
C MET A 995 -25.30 -9.48 -17.46
N GLU A 996 -26.28 -9.66 -18.34
CA GLU A 996 -26.37 -8.81 -19.52
C GLU A 996 -26.63 -7.35 -19.18
N LYS A 997 -27.04 -7.05 -17.95
CA LYS A 997 -27.33 -5.67 -17.59
C LYS A 997 -26.06 -4.85 -17.37
N TYR A 998 -25.00 -5.45 -16.80
CA TYR A 998 -23.78 -4.73 -16.51
C TYR A 998 -22.58 -5.26 -17.28
N ALA A 999 -22.79 -5.76 -18.49
CA ALA A 999 -21.68 -6.30 -19.26
C ALA A 999 -20.60 -5.26 -19.51
N ASP A 1000 -20.97 -3.98 -19.53
CA ASP A 1000 -20.03 -2.91 -19.85
C ASP A 1000 -19.53 -2.16 -18.63
N ALA A 1001 -19.75 -2.67 -17.43
CA ALA A 1001 -19.21 -2.01 -16.25
C ALA A 1001 -17.70 -2.19 -16.19
N VAL A 1002 -17.06 -1.42 -15.31
CA VAL A 1002 -15.63 -1.55 -15.08
C VAL A 1002 -15.40 -2.54 -13.95
N VAL A 1003 -14.41 -3.41 -14.12
CA VAL A 1003 -14.13 -4.40 -13.09
C VAL A 1003 -13.77 -3.72 -11.78
N GLY A 1004 -12.93 -2.69 -11.84
CA GLY A 1004 -12.61 -1.93 -10.65
C GLY A 1004 -12.19 -2.82 -9.49
N VAL A 1005 -12.25 -2.24 -8.30
CA VAL A 1005 -11.93 -2.94 -7.06
C VAL A 1005 -13.19 -3.01 -6.21
N ALA A 1006 -13.10 -3.77 -5.11
CA ALA A 1006 -14.27 -4.00 -4.28
C ALA A 1006 -14.91 -2.71 -3.81
N GLY A 1007 -14.10 -1.73 -3.42
CA GLY A 1007 -14.66 -0.49 -2.92
C GLY A 1007 -15.54 0.22 -3.92
N GLU A 1008 -15.13 0.27 -5.19
CA GLU A 1008 -15.88 1.00 -6.22
C GLU A 1008 -15.80 0.19 -7.51
N GLY A 1009 -16.82 -0.64 -7.73
CA GLY A 1009 -16.85 -1.48 -8.91
C GLY A 1009 -17.80 -2.63 -8.75
N LEU A 1010 -17.37 -3.80 -9.24
CA LEU A 1010 -18.20 -4.99 -9.12
C LEU A 1010 -18.16 -5.52 -7.70
N ASN A 1011 -19.34 -5.74 -7.13
CA ASN A 1011 -19.44 -6.32 -5.80
C ASN A 1011 -19.06 -7.80 -5.84
N VAL A 1012 -18.94 -8.41 -4.66
CA VAL A 1012 -18.30 -9.72 -4.58
C VAL A 1012 -19.05 -10.76 -5.40
N GLU A 1013 -20.38 -10.78 -5.32
CA GLU A 1013 -21.13 -11.76 -6.08
C GLU A 1013 -20.87 -11.60 -7.57
N GLN A 1014 -20.85 -10.35 -8.05
CA GLN A 1014 -20.59 -10.11 -9.46
C GLN A 1014 -19.20 -10.57 -9.86
N ARG A 1015 -18.19 -10.31 -9.01
CA ARG A 1015 -16.85 -10.75 -9.32
C ARG A 1015 -16.76 -12.27 -9.38
N LYS A 1016 -17.42 -12.96 -8.47
CA LYS A 1016 -17.38 -14.42 -8.53
C LYS A 1016 -18.14 -14.96 -9.73
N ARG A 1017 -19.23 -14.30 -10.15
CA ARG A 1017 -19.85 -14.69 -11.40
C ARG A 1017 -18.89 -14.48 -12.56
N LEU A 1018 -18.16 -13.37 -12.54
CA LEU A 1018 -17.20 -13.10 -13.61
C LEU A 1018 -16.15 -14.19 -13.69
N THR A 1019 -15.50 -14.49 -12.56
CA THR A 1019 -14.42 -15.48 -12.59
C THR A 1019 -14.89 -16.81 -13.14
N ILE A 1020 -16.13 -17.20 -12.85
CA ILE A 1020 -16.69 -18.40 -13.46
C ILE A 1020 -16.90 -18.17 -14.96
N GLY A 1021 -17.30 -16.95 -15.32
CA GLY A 1021 -17.51 -16.65 -16.73
C GLY A 1021 -16.24 -16.81 -17.55
N VAL A 1022 -15.10 -16.39 -16.99
CA VAL A 1022 -13.87 -16.42 -17.75
C VAL A 1022 -13.41 -17.83 -18.07
N GLU A 1023 -13.94 -18.84 -17.39
CA GLU A 1023 -13.51 -20.21 -17.68
C GLU A 1023 -14.46 -20.90 -18.64
N LEU A 1024 -15.75 -20.54 -18.60
CA LEU A 1024 -16.67 -21.08 -19.59
C LEU A 1024 -16.30 -20.62 -20.99
N THR A 1025 -15.83 -19.38 -21.11
CA THR A 1025 -15.59 -18.79 -22.43
C THR A 1025 -14.40 -19.42 -23.14
N ALA A 1026 -13.61 -20.23 -22.43
CA ALA A 1026 -12.51 -20.95 -23.06
C ALA A 1026 -12.94 -22.29 -23.65
N LYS A 1027 -14.24 -22.53 -23.78
CA LYS A 1027 -14.77 -23.80 -24.26
C LYS A 1027 -13.98 -25.01 -23.76
N PRO A 1028 -13.74 -25.11 -22.45
CA PRO A 1028 -13.11 -26.33 -21.94
C PRO A 1028 -14.00 -27.53 -22.21
N LYS A 1029 -13.37 -28.65 -22.56
CA LYS A 1029 -14.09 -29.88 -22.86
C LYS A 1029 -14.17 -30.80 -21.65
N LEU A 1030 -13.19 -30.73 -20.76
CA LEU A 1030 -13.16 -31.53 -19.53
C LEU A 1030 -13.80 -30.76 -18.39
N LEU A 1031 -13.53 -31.16 -17.14
CA LEU A 1031 -14.14 -30.54 -15.98
C LEU A 1031 -13.99 -29.03 -16.04
N VAL A 1032 -14.76 -28.36 -15.21
CA VAL A 1032 -14.54 -26.97 -14.86
C VAL A 1032 -14.35 -26.94 -13.34
N PHE A 1033 -13.11 -27.09 -12.88
CA PHE A 1033 -12.87 -27.11 -11.44
C PHE A 1033 -13.22 -25.77 -10.83
N LEU A 1034 -13.60 -25.79 -9.56
CA LEU A 1034 -13.76 -24.59 -8.78
C LEU A 1034 -13.00 -24.78 -7.48
N ASP A 1035 -12.88 -23.72 -6.70
CA ASP A 1035 -12.25 -23.78 -5.39
C ASP A 1035 -13.04 -22.94 -4.41
N GLU A 1036 -13.77 -23.61 -3.53
CA GLU A 1036 -14.49 -22.94 -2.45
C GLU A 1036 -15.26 -21.75 -2.97
N PRO A 1037 -16.09 -21.93 -4.00
CA PRO A 1037 -16.81 -20.78 -4.56
C PRO A 1037 -17.69 -20.08 -3.56
N THR A 1038 -18.17 -20.76 -2.53
CA THR A 1038 -19.03 -20.12 -1.54
C THR A 1038 -18.26 -19.50 -0.38
N SER A 1039 -16.96 -19.76 -0.25
CA SER A 1039 -16.21 -19.19 0.85
C SER A 1039 -16.21 -17.67 0.77
N GLY A 1040 -16.50 -17.03 1.90
CA GLY A 1040 -16.54 -15.59 1.96
C GLY A 1040 -17.88 -14.98 1.57
N LEU A 1041 -18.77 -15.76 0.96
CA LEU A 1041 -20.07 -15.23 0.57
C LEU A 1041 -21.09 -15.48 1.68
N ASP A 1042 -21.98 -14.51 1.87
CA ASP A 1042 -23.08 -14.70 2.80
C ASP A 1042 -24.03 -15.76 2.26
N SER A 1043 -25.08 -16.05 3.05
CA SER A 1043 -25.97 -17.14 2.69
C SER A 1043 -26.65 -16.92 1.34
N GLN A 1044 -27.17 -15.72 1.11
CA GLN A 1044 -27.98 -15.48 -0.09
C GLN A 1044 -27.14 -15.56 -1.36
N THR A 1045 -26.02 -14.85 -1.41
CA THR A 1045 -25.19 -14.91 -2.60
C THR A 1045 -24.56 -16.28 -2.75
N ALA A 1046 -24.29 -16.98 -1.65
CA ALA A 1046 -23.82 -18.36 -1.76
C ALA A 1046 -24.86 -19.23 -2.44
N TRP A 1047 -26.12 -19.08 -2.07
CA TRP A 1047 -27.17 -19.85 -2.74
C TRP A 1047 -27.30 -19.46 -4.19
N SER A 1048 -27.12 -18.17 -4.49
CA SER A 1048 -27.16 -17.74 -5.89
C SER A 1048 -26.07 -18.44 -6.71
N ILE A 1049 -24.85 -18.47 -6.18
CA ILE A 1049 -23.76 -19.13 -6.89
C ILE A 1049 -24.03 -20.61 -7.02
N CYS A 1050 -24.63 -21.22 -5.99
CA CYS A 1050 -24.95 -22.65 -6.08
C CYS A 1050 -25.96 -22.90 -7.19
N GLN A 1051 -26.95 -22.03 -7.32
CA GLN A 1051 -27.90 -22.17 -8.42
C GLN A 1051 -27.21 -22.02 -9.77
N LEU A 1052 -26.28 -21.07 -9.87
CA LEU A 1052 -25.55 -20.91 -11.12
C LEU A 1052 -24.77 -22.17 -11.47
N MET A 1053 -24.10 -22.76 -10.47
CA MET A 1053 -23.36 -23.99 -10.71
C MET A 1053 -24.29 -25.11 -11.13
N LYS A 1054 -25.44 -25.20 -10.50
CA LYS A 1054 -26.41 -26.23 -10.89
C LYS A 1054 -26.87 -26.04 -12.33
N LYS A 1055 -27.12 -24.80 -12.74
CA LYS A 1055 -27.55 -24.54 -14.10
C LYS A 1055 -26.47 -24.95 -15.10
N LEU A 1056 -25.22 -24.56 -14.83
CA LEU A 1056 -24.15 -24.96 -15.73
C LEU A 1056 -24.03 -26.48 -15.78
N ALA A 1057 -24.25 -27.16 -14.65
CA ALA A 1057 -24.23 -28.61 -14.66
C ALA A 1057 -25.35 -29.17 -15.51
N ASN A 1058 -26.54 -28.60 -15.43
CA ASN A 1058 -27.65 -29.10 -16.24
C ASN A 1058 -27.37 -28.92 -17.74
N HIS A 1059 -26.81 -27.79 -18.14
CA HIS A 1059 -26.53 -27.60 -19.55
C HIS A 1059 -25.64 -28.70 -20.13
N GLY A 1060 -24.79 -29.31 -19.31
CA GLY A 1060 -23.94 -30.39 -19.78
C GLY A 1060 -22.48 -30.20 -19.43
N GLN A 1061 -22.17 -29.24 -18.56
CA GLN A 1061 -20.79 -28.94 -18.20
C GLN A 1061 -20.46 -29.59 -16.86
N ALA A 1062 -19.60 -30.60 -16.88
CA ALA A 1062 -19.18 -31.28 -15.66
C ALA A 1062 -18.51 -30.28 -14.72
N ILE A 1063 -18.70 -30.46 -13.42
CA ILE A 1063 -18.11 -29.57 -12.42
C ILE A 1063 -17.64 -30.40 -11.23
N LEU A 1064 -16.47 -30.07 -10.71
CA LEU A 1064 -15.96 -30.65 -9.48
C LEU A 1064 -15.48 -29.51 -8.59
N CYS A 1065 -16.23 -29.22 -7.55
CA CYS A 1065 -16.04 -27.99 -6.78
C CYS A 1065 -15.78 -28.30 -5.33
N THR A 1066 -14.70 -27.75 -4.79
CA THR A 1066 -14.46 -27.80 -3.36
C THR A 1066 -15.52 -27.00 -2.64
N ILE A 1067 -15.74 -27.31 -1.36
CA ILE A 1067 -16.74 -26.64 -0.54
C ILE A 1067 -16.25 -26.57 0.89
N HIS A 1068 -16.59 -25.50 1.58
CA HIS A 1068 -16.18 -25.29 2.96
C HIS A 1068 -17.37 -24.82 3.78
N GLN A 1069 -17.76 -25.61 4.77
CA GLN A 1069 -18.86 -25.29 5.67
C GLN A 1069 -20.12 -24.83 4.93
N PRO A 1070 -20.75 -25.71 4.16
CA PRO A 1070 -21.99 -25.33 3.48
C PRO A 1070 -23.18 -25.51 4.40
N SER A 1071 -24.13 -24.60 4.28
CA SER A 1071 -25.35 -24.70 5.08
C SER A 1071 -26.22 -25.83 4.57
N ALA A 1072 -27.08 -26.33 5.44
CA ALA A 1072 -27.82 -27.55 5.15
C ALA A 1072 -28.60 -27.45 3.86
N ILE A 1073 -29.07 -26.25 3.50
CA ILE A 1073 -29.88 -26.12 2.28
C ILE A 1073 -29.03 -26.32 1.03
N LEU A 1074 -27.79 -25.81 1.05
CA LEU A 1074 -26.94 -25.98 -0.12
C LEU A 1074 -26.64 -27.44 -0.39
N MET A 1075 -26.44 -28.24 0.67
CA MET A 1075 -25.93 -29.59 0.50
C MET A 1075 -26.79 -30.41 -0.45
N GLN A 1076 -28.11 -30.27 -0.38
CA GLN A 1076 -28.96 -31.07 -1.24
C GLN A 1076 -28.63 -30.89 -2.72
N GLU A 1077 -28.05 -29.73 -3.09
CA GLU A 1077 -27.88 -29.41 -4.50
C GLU A 1077 -26.75 -30.18 -5.15
N PHE A 1078 -25.84 -30.77 -4.39
CA PHE A 1078 -24.68 -31.44 -4.96
C PHE A 1078 -24.99 -32.90 -5.22
N ASP A 1079 -24.92 -33.30 -6.49
CA ASP A 1079 -25.38 -34.63 -6.88
C ASP A 1079 -24.57 -35.73 -6.22
N ARG A 1080 -23.29 -35.51 -5.94
CA ARG A 1080 -22.43 -36.53 -5.37
C ARG A 1080 -21.59 -35.90 -4.27
N LEU A 1081 -20.65 -36.69 -3.74
CA LEU A 1081 -19.81 -36.22 -2.64
C LEU A 1081 -18.56 -37.09 -2.53
N LEU A 1082 -17.49 -36.50 -2.01
CA LEU A 1082 -16.25 -37.21 -1.70
C LEU A 1082 -15.66 -36.60 -0.43
N PHE A 1083 -15.68 -37.36 0.66
CA PHE A 1083 -15.36 -36.87 1.98
C PHE A 1083 -14.09 -37.53 2.47
N MET A 1084 -13.21 -36.78 3.15
CA MET A 1084 -11.90 -37.26 3.54
C MET A 1084 -11.57 -36.89 4.98
N GLN A 1085 -10.72 -37.71 5.61
CA GLN A 1085 -10.39 -37.55 7.02
C GLN A 1085 -9.13 -36.71 7.21
N ARG A 1086 -8.72 -36.54 8.47
CA ARG A 1086 -7.42 -35.99 8.78
C ARG A 1086 -6.37 -36.77 8.01
N GLY A 1087 -5.70 -36.13 7.06
CA GLY A 1087 -4.87 -36.86 6.14
C GLY A 1087 -5.72 -37.45 5.04
N GLY A 1088 -5.20 -37.52 3.83
CA GLY A 1088 -6.02 -37.81 2.68
C GLY A 1088 -6.46 -39.25 2.60
N LYS A 1089 -7.35 -39.65 3.49
CA LYS A 1089 -8.01 -40.95 3.43
C LYS A 1089 -9.48 -40.71 3.12
N THR A 1090 -9.98 -41.37 2.07
CA THR A 1090 -11.36 -41.20 1.68
C THR A 1090 -12.27 -41.95 2.64
N VAL A 1091 -13.34 -41.28 3.07
CA VAL A 1091 -14.36 -41.89 3.91
C VAL A 1091 -15.59 -42.27 3.11
N TYR A 1092 -16.19 -41.31 2.43
CA TYR A 1092 -17.42 -41.56 1.69
C TYR A 1092 -17.23 -41.10 0.26
N PHE A 1093 -17.90 -41.79 -0.66
CA PHE A 1093 -17.94 -41.38 -2.06
C PHE A 1093 -19.19 -41.99 -2.69
N GLY A 1094 -20.23 -41.18 -2.87
CA GLY A 1094 -21.44 -41.70 -3.46
C GLY A 1094 -22.47 -40.60 -3.62
N ASP A 1095 -23.62 -40.98 -4.16
CA ASP A 1095 -24.70 -40.03 -4.36
C ASP A 1095 -25.06 -39.40 -3.03
N LEU A 1096 -25.29 -38.09 -3.04
CA LEU A 1096 -25.65 -37.41 -1.80
C LEU A 1096 -27.12 -37.61 -1.47
N GLY A 1097 -27.94 -38.01 -2.44
CA GLY A 1097 -29.32 -38.34 -2.18
C GLY A 1097 -30.18 -37.11 -1.98
N GLU A 1098 -31.48 -37.36 -1.83
CA GLU A 1098 -32.42 -36.26 -1.60
C GLU A 1098 -32.54 -35.97 -0.11
N GLY A 1099 -32.26 -34.73 0.27
CA GLY A 1099 -32.23 -34.39 1.66
C GLY A 1099 -31.10 -35.04 2.42
N CYS A 1100 -30.03 -35.43 1.74
CA CYS A 1100 -28.87 -36.07 2.34
C CYS A 1100 -29.18 -37.42 2.97
N LYS A 1101 -30.27 -38.07 2.57
CA LYS A 1101 -30.62 -39.35 3.17
C LYS A 1101 -29.58 -40.42 2.83
N THR A 1102 -29.11 -40.44 1.58
CA THR A 1102 -28.27 -41.55 1.15
C THR A 1102 -26.95 -41.59 1.94
N MET A 1103 -26.38 -40.43 2.25
CA MET A 1103 -25.14 -40.42 3.04
C MET A 1103 -25.42 -40.74 4.50
N ILE A 1104 -26.48 -40.16 5.06
CA ILE A 1104 -26.83 -40.46 6.44
C ILE A 1104 -27.13 -41.94 6.59
N ASP A 1105 -27.82 -42.53 5.61
CA ASP A 1105 -28.09 -43.96 5.67
C ASP A 1105 -26.81 -44.76 5.77
N TYR A 1106 -25.83 -44.45 4.92
CA TYR A 1106 -24.57 -45.19 4.94
C TYR A 1106 -23.90 -45.05 6.30
N PHE A 1107 -23.71 -43.81 6.76
CA PHE A 1107 -22.94 -43.61 7.97
C PHE A 1107 -23.64 -44.23 9.18
N GLU A 1108 -24.97 -44.07 9.28
CA GLU A 1108 -25.69 -44.66 10.41
C GLU A 1108 -25.71 -46.18 10.32
N SER A 1109 -25.68 -46.73 9.11
CA SER A 1109 -25.67 -48.18 8.96
C SER A 1109 -24.44 -48.81 9.58
N HIS A 1110 -23.29 -48.15 9.46
CA HIS A 1110 -22.03 -48.74 9.87
C HIS A 1110 -21.61 -48.36 11.29
N GLY A 1111 -22.47 -47.70 12.06
CA GLY A 1111 -22.25 -47.58 13.48
C GLY A 1111 -22.19 -46.17 14.04
N ALA A 1112 -22.37 -45.16 13.20
CA ALA A 1112 -22.33 -43.79 13.69
C ALA A 1112 -23.58 -43.48 14.50
N HIS A 1113 -23.44 -42.54 15.44
CA HIS A 1113 -24.58 -42.18 16.27
C HIS A 1113 -25.60 -41.40 15.44
N LYS A 1114 -26.87 -41.66 15.70
CA LYS A 1114 -27.93 -41.17 14.81
C LYS A 1114 -27.88 -39.65 14.69
N CYS A 1115 -28.49 -39.14 13.59
CA CYS A 1115 -28.50 -37.72 13.31
C CYS A 1115 -29.80 -37.08 13.77
N PRO A 1116 -29.76 -35.94 14.47
CA PRO A 1116 -31.01 -35.29 14.88
C PRO A 1116 -31.85 -34.88 13.68
N ALA A 1117 -33.17 -34.82 13.90
CA ALA A 1117 -34.08 -34.53 12.82
C ALA A 1117 -33.90 -33.12 12.26
N ASP A 1118 -33.16 -32.24 12.96
CA ASP A 1118 -32.90 -30.90 12.47
C ASP A 1118 -31.44 -30.50 12.59
N ALA A 1119 -30.52 -31.44 12.64
CA ALA A 1119 -29.10 -31.10 12.65
C ALA A 1119 -28.58 -30.94 11.23
N ASN A 1120 -27.50 -30.21 11.10
CA ASN A 1120 -26.92 -29.95 9.79
C ASN A 1120 -26.06 -31.14 9.37
N PRO A 1121 -26.38 -31.83 8.28
CA PRO A 1121 -25.57 -33.00 7.92
C PRO A 1121 -24.11 -32.69 7.70
N ALA A 1122 -23.82 -31.55 7.06
CA ALA A 1122 -22.45 -31.21 6.71
C ALA A 1122 -21.56 -31.01 7.92
N GLU A 1123 -22.14 -30.76 9.10
CA GLU A 1123 -21.39 -30.73 10.35
C GLU A 1123 -21.58 -31.99 11.15
N TRP A 1124 -22.74 -32.62 11.06
CA TRP A 1124 -22.93 -33.89 11.72
C TRP A 1124 -21.84 -34.88 11.31
N MET A 1125 -21.65 -35.06 10.00
CA MET A 1125 -20.64 -36.00 9.56
C MET A 1125 -19.24 -35.58 10.00
N LEU A 1126 -18.93 -34.29 9.94
CA LEU A 1126 -17.67 -33.81 10.48
C LEU A 1126 -17.48 -34.18 11.93
N GLU A 1127 -18.56 -34.31 12.69
CA GLU A 1127 -18.46 -34.80 14.06
C GLU A 1127 -18.46 -36.32 14.17
N VAL A 1128 -19.00 -37.01 13.18
CA VAL A 1128 -19.05 -38.47 13.24
C VAL A 1128 -17.64 -39.04 13.27
N VAL A 1129 -16.75 -38.52 12.43
CA VAL A 1129 -15.40 -39.04 12.29
C VAL A 1129 -14.40 -37.90 12.48
N GLY A 1130 -13.83 -37.82 13.67
CA GLY A 1130 -12.73 -36.91 13.92
C GLY A 1130 -13.05 -35.51 13.46
N ALA A 1131 -11.99 -34.73 13.20
CA ALA A 1131 -12.09 -33.49 12.45
C ALA A 1131 -12.74 -32.36 13.25
N ALA A 1132 -13.23 -32.65 14.45
CA ALA A 1132 -13.84 -31.60 15.25
C ALA A 1132 -13.12 -31.49 16.59
N PRO A 1133 -13.04 -30.31 17.19
CA PRO A 1133 -12.36 -30.17 18.47
C PRO A 1133 -13.05 -31.02 19.54
N GLY A 1134 -12.33 -32.02 20.04
CA GLY A 1134 -12.89 -32.93 21.02
C GLY A 1134 -13.85 -33.95 20.45
N SER A 1135 -13.69 -34.33 19.18
CA SER A 1135 -14.64 -35.24 18.55
C SER A 1135 -14.63 -36.61 19.21
N HIS A 1136 -13.45 -37.22 19.34
CA HIS A 1136 -13.32 -38.57 19.88
C HIS A 1136 -14.24 -39.55 19.15
N ALA A 1137 -13.92 -39.74 17.88
CA ALA A 1137 -14.67 -40.69 17.07
C ALA A 1137 -14.57 -42.08 17.65
N ASN A 1138 -15.65 -42.86 17.51
CA ASN A 1138 -15.74 -44.18 18.12
C ASN A 1138 -15.10 -45.27 17.29
N GLN A 1139 -14.57 -44.97 16.11
CA GLN A 1139 -13.81 -45.95 15.34
C GLN A 1139 -13.13 -45.23 14.19
N ASP A 1140 -12.32 -45.98 13.44
CA ASP A 1140 -11.60 -45.46 12.28
C ASP A 1140 -12.45 -45.69 11.04
N TYR A 1141 -13.08 -44.62 10.54
CA TYR A 1141 -14.00 -44.76 9.43
C TYR A 1141 -13.31 -44.93 8.09
N TYR A 1142 -11.99 -44.82 8.03
CA TYR A 1142 -11.29 -45.18 6.81
C TYR A 1142 -11.43 -46.67 6.54
N GLU A 1143 -11.24 -47.49 7.57
CA GLU A 1143 -11.28 -48.94 7.38
C GLU A 1143 -12.68 -49.40 6.98
N VAL A 1144 -13.72 -48.85 7.61
CA VAL A 1144 -15.06 -49.31 7.29
C VAL A 1144 -15.36 -49.06 5.82
N TRP A 1145 -14.96 -47.90 5.30
CA TRP A 1145 -15.09 -47.66 3.88
C TRP A 1145 -14.28 -48.66 3.08
N ARG A 1146 -13.04 -48.93 3.53
CA ARG A 1146 -12.21 -49.90 2.82
C ARG A 1146 -12.88 -51.25 2.69
N ASN A 1147 -13.70 -51.62 3.67
CA ASN A 1147 -14.38 -52.91 3.66
C ASN A 1147 -15.82 -52.82 3.18
N SER A 1148 -16.39 -51.63 3.12
CA SER A 1148 -17.81 -51.47 2.85
C SER A 1148 -18.19 -52.05 1.50
N GLU A 1149 -19.49 -52.15 1.27
CA GLU A 1149 -19.99 -52.54 -0.05
C GLU A 1149 -19.78 -51.42 -1.07
N GLU A 1150 -19.90 -50.16 -0.62
CA GLU A 1150 -19.77 -49.04 -1.54
C GLU A 1150 -18.40 -49.04 -2.19
N TYR A 1151 -17.35 -49.31 -1.41
CA TYR A 1151 -16.02 -49.35 -1.99
C TYR A 1151 -15.91 -50.43 -3.04
N ARG A 1152 -16.52 -51.59 -2.78
CA ARG A 1152 -16.51 -52.65 -3.78
C ARG A 1152 -17.20 -52.21 -5.06
N ALA A 1153 -18.35 -51.54 -4.93
CA ALA A 1153 -19.05 -51.07 -6.12
C ALA A 1153 -18.23 -50.04 -6.87
N VAL A 1154 -17.59 -49.11 -6.15
CA VAL A 1154 -16.78 -48.09 -6.81
C VAL A 1154 -15.63 -48.73 -7.57
N GLN A 1155 -14.94 -49.66 -6.92
CA GLN A 1155 -13.80 -50.30 -7.58
C GLN A 1155 -14.25 -51.09 -8.78
N SER A 1156 -15.38 -51.79 -8.68
CA SER A 1156 -15.90 -52.51 -9.84
C SER A 1156 -16.25 -51.54 -10.97
N GLU A 1157 -16.81 -50.38 -10.64
CA GLU A 1157 -17.12 -49.40 -11.66
C GLU A 1157 -15.85 -48.93 -12.37
N LEU A 1158 -14.84 -48.53 -11.61
CA LEU A 1158 -13.60 -48.10 -12.23
C LEU A 1158 -13.02 -49.21 -13.10
N ASP A 1159 -13.10 -50.46 -12.66
CA ASP A 1159 -12.64 -51.55 -13.51
C ASP A 1159 -13.41 -51.59 -14.81
N TRP A 1160 -14.73 -51.41 -14.74
CA TRP A 1160 -15.51 -51.27 -15.98
C TRP A 1160 -15.16 -49.99 -16.70
N MET A 1161 -14.71 -48.96 -15.97
CA MET A 1161 -14.37 -47.69 -16.59
C MET A 1161 -13.17 -47.85 -17.52
N GLU A 1162 -12.20 -48.67 -17.14
CA GLU A 1162 -11.01 -48.88 -17.96
C GLU A 1162 -11.31 -49.64 -19.24
N ARG A 1163 -12.55 -50.05 -19.46
CA ARG A 1163 -13.00 -50.59 -20.73
C ARG A 1163 -13.73 -49.56 -21.58
N GLU A 1164 -13.68 -48.29 -21.19
CA GLU A 1164 -14.42 -47.23 -21.86
C GLU A 1164 -13.65 -46.60 -23.01
N LEU A 1165 -12.37 -46.93 -23.18
CA LEU A 1165 -11.56 -46.23 -24.17
C LEU A 1165 -12.11 -46.33 -25.60
N PRO A 1166 -12.66 -47.47 -26.07
CA PRO A 1166 -13.08 -47.45 -27.47
C PRO A 1166 -14.25 -46.52 -27.76
N HIS A 1178 2.53 -27.70 -29.15
CA HIS A 1178 1.23 -27.04 -29.11
C HIS A 1178 0.75 -26.88 -27.68
N GLU A 1179 1.54 -26.20 -26.85
CA GLU A 1179 1.16 -25.97 -25.47
C GLU A 1179 0.54 -24.59 -25.26
N PHE A 1180 0.52 -23.74 -26.28
CA PHE A 1180 -0.19 -22.48 -26.24
C PHE A 1180 -1.05 -22.36 -27.50
N SER A 1181 -2.30 -21.95 -27.33
CA SER A 1181 -3.24 -21.97 -28.45
C SER A 1181 -2.75 -21.10 -29.59
N GLN A 1182 -2.43 -19.84 -29.31
CA GLN A 1182 -2.01 -18.88 -30.32
C GLN A 1182 -0.49 -18.81 -30.41
N SER A 1183 -0.01 -18.20 -31.48
CA SER A 1183 1.40 -17.95 -31.62
C SER A 1183 1.83 -16.81 -30.69
N ILE A 1184 3.13 -16.54 -30.67
CA ILE A 1184 3.65 -15.46 -29.83
C ILE A 1184 3.21 -14.10 -30.36
N ILE A 1185 3.17 -13.95 -31.68
CA ILE A 1185 2.88 -12.64 -32.26
C ILE A 1185 1.49 -12.18 -31.88
N TYR A 1186 0.50 -13.05 -32.06
CA TYR A 1186 -0.87 -12.66 -31.76
C TYR A 1186 -1.07 -12.42 -30.27
N GLN A 1187 -0.47 -13.26 -29.42
CA GLN A 1187 -0.55 -13.03 -27.99
C GLN A 1187 0.00 -11.67 -27.63
N THR A 1188 1.16 -11.32 -28.19
CA THR A 1188 1.74 -10.02 -27.90
C THR A 1188 0.87 -8.89 -28.41
N LYS A 1189 0.27 -9.04 -29.58
CA LYS A 1189 -0.64 -8.01 -30.07
C LYS A 1189 -1.78 -7.79 -29.09
N LEU A 1190 -2.44 -8.87 -28.68
CA LEU A 1190 -3.59 -8.72 -27.78
C LEU A 1190 -3.17 -8.16 -26.43
N VAL A 1191 -2.10 -8.68 -25.85
CA VAL A 1191 -1.71 -8.23 -24.52
C VAL A 1191 -1.24 -6.78 -24.57
N SER A 1192 -0.57 -6.38 -25.65
CA SER A 1192 -0.18 -5.00 -25.79
C SER A 1192 -1.38 -4.08 -25.93
N ILE A 1193 -2.41 -4.52 -26.67
CA ILE A 1193 -3.61 -3.69 -26.76
C ILE A 1193 -4.25 -3.55 -25.39
N ARG A 1194 -4.31 -4.64 -24.63
CA ARG A 1194 -4.85 -4.53 -23.28
C ARG A 1194 -4.02 -3.57 -22.44
N LEU A 1195 -2.71 -3.67 -22.51
CA LEU A 1195 -1.88 -2.83 -21.64
C LEU A 1195 -1.98 -1.37 -22.05
N PHE A 1196 -2.12 -1.11 -23.35
CA PHE A 1196 -2.40 0.25 -23.80
C PHE A 1196 -3.69 0.75 -23.20
N GLN A 1197 -4.75 -0.05 -23.26
CA GLN A 1197 -5.99 0.33 -22.59
C GLN A 1197 -5.81 0.51 -21.10
N GLN A 1198 -4.77 -0.09 -20.51
CA GLN A 1198 -4.55 0.01 -19.08
C GLN A 1198 -3.71 1.23 -18.67
N TYR A 1199 -2.86 1.74 -19.56
CA TYR A 1199 -2.21 3.02 -19.29
C TYR A 1199 -3.19 4.17 -19.48
N TRP A 1200 -3.70 4.32 -20.69
CA TRP A 1200 -4.98 4.96 -20.89
C TRP A 1200 -5.96 4.39 -19.85
N ARG A 1201 -6.88 5.25 -19.38
CA ARG A 1201 -7.78 4.89 -18.30
C ARG A 1201 -7.07 4.85 -16.95
N SER A 1202 -5.79 5.18 -16.94
CA SER A 1202 -5.11 5.46 -15.68
C SER A 1202 -4.64 6.91 -15.73
N PRO A 1203 -5.57 7.86 -15.61
CA PRO A 1203 -5.16 9.27 -15.76
C PRO A 1203 -4.14 9.70 -14.72
N ASP A 1204 -4.20 9.13 -13.51
CA ASP A 1204 -3.29 9.58 -12.47
C ASP A 1204 -1.84 9.38 -12.88
N TYR A 1205 -1.49 8.20 -13.38
CA TYR A 1205 -0.12 7.92 -13.75
C TYR A 1205 0.35 8.85 -14.86
N LEU A 1206 -0.39 8.89 -15.97
CA LEU A 1206 0.04 9.67 -17.12
C LEU A 1206 0.12 11.15 -16.80
N TRP A 1207 -0.85 11.67 -16.07
CA TRP A 1207 -0.84 13.10 -15.79
C TRP A 1207 0.17 13.47 -14.73
N SER A 1208 0.39 12.62 -13.72
CA SER A 1208 1.45 12.89 -12.77
C SER A 1208 2.82 12.66 -13.39
N LYS A 1209 2.86 12.07 -14.58
CA LYS A 1209 4.09 12.04 -15.36
C LYS A 1209 4.26 13.34 -16.13
N PHE A 1210 3.23 13.74 -16.87
CA PHE A 1210 3.38 14.87 -17.78
C PHE A 1210 3.49 16.18 -17.02
N ILE A 1211 2.69 16.39 -15.97
CA ILE A 1211 2.81 17.65 -15.26
C ILE A 1211 4.13 17.69 -14.50
N LEU A 1212 4.58 16.55 -13.98
CA LEU A 1212 5.88 16.53 -13.33
C LEU A 1212 6.99 16.93 -14.30
N THR A 1213 6.98 16.37 -15.51
CA THR A 1213 7.98 16.77 -16.50
C THR A 1213 7.82 18.24 -16.88
N ILE A 1214 6.62 18.64 -17.28
CA ILE A 1214 6.40 20.00 -17.74
C ILE A 1214 6.69 21.02 -16.66
N PHE A 1215 6.69 20.63 -15.39
CA PHE A 1215 7.22 21.54 -14.38
C PHE A 1215 8.73 21.43 -14.32
N ASN A 1216 9.27 20.29 -13.90
CA ASN A 1216 10.69 20.22 -13.60
C ASN A 1216 11.53 20.77 -14.74
N GLN A 1217 11.28 20.29 -15.96
CA GLN A 1217 12.05 20.77 -17.09
C GLN A 1217 11.87 22.26 -17.34
N LEU A 1218 10.63 22.76 -17.29
CA LEU A 1218 10.41 24.18 -17.56
C LEU A 1218 11.03 25.06 -16.49
N PHE A 1219 10.93 24.65 -15.23
CA PHE A 1219 11.56 25.36 -14.12
C PHE A 1219 13.07 25.45 -14.34
N ILE A 1220 13.72 24.31 -14.59
CA ILE A 1220 15.16 24.32 -14.80
C ILE A 1220 15.52 25.18 -16.01
N GLY A 1221 14.71 25.09 -17.05
CA GLY A 1221 14.99 25.86 -18.24
C GLY A 1221 14.92 27.35 -18.00
N PHE A 1222 13.87 27.80 -17.32
CA PHE A 1222 13.70 29.25 -17.14
C PHE A 1222 14.65 29.83 -16.12
N THR A 1223 15.04 29.09 -15.09
CA THR A 1223 15.94 29.69 -14.11
C THR A 1223 17.25 30.11 -14.76
N PHE A 1224 17.76 29.32 -15.70
CA PHE A 1224 18.95 29.66 -16.46
C PHE A 1224 18.59 30.30 -17.80
N PHE A 1225 17.51 31.07 -17.85
CA PHE A 1225 17.03 31.64 -19.11
C PHE A 1225 18.12 32.46 -19.77
N LYS A 1226 18.63 31.97 -20.90
CA LYS A 1226 19.71 32.63 -21.62
C LYS A 1226 20.86 32.96 -20.68
N ALA A 1227 21.54 31.92 -20.19
CA ALA A 1227 22.61 32.10 -19.21
C ALA A 1227 23.79 32.90 -19.77
N GLY A 1228 23.86 33.08 -21.09
CA GLY A 1228 24.99 33.78 -21.67
C GLY A 1228 26.09 32.82 -22.06
N THR A 1229 27.31 33.37 -22.20
CA THR A 1229 28.46 32.56 -22.53
C THR A 1229 29.69 33.02 -21.75
N SER A 1230 29.48 33.65 -20.60
CA SER A 1230 30.59 33.95 -19.71
C SER A 1230 30.97 32.70 -18.92
N LEU A 1231 32.19 32.71 -18.38
CA LEU A 1231 32.71 31.49 -17.76
C LEU A 1231 31.75 30.95 -16.71
N GLN A 1232 31.33 31.81 -15.78
CA GLN A 1232 30.27 31.40 -14.87
C GLN A 1232 29.05 30.94 -15.65
N GLY A 1233 28.80 31.56 -16.80
CA GLY A 1233 27.66 31.15 -17.62
C GLY A 1233 27.81 29.73 -18.12
N LEU A 1234 29.01 29.37 -18.58
CA LEU A 1234 29.22 28.02 -19.05
C LEU A 1234 29.10 27.01 -17.91
N GLN A 1235 29.63 27.34 -16.74
CA GLN A 1235 29.46 26.45 -15.59
C GLN A 1235 27.98 26.29 -15.25
N ASN A 1236 27.23 27.38 -15.28
CA ASN A 1236 25.81 27.30 -14.98
C ASN A 1236 25.08 26.45 -15.98
N GLN A 1237 25.43 26.55 -17.27
CA GLN A 1237 24.77 25.69 -18.26
C GLN A 1237 25.15 24.24 -18.04
N MET A 1238 26.39 23.96 -17.64
CA MET A 1238 26.74 22.58 -17.32
C MET A 1238 25.88 22.06 -16.18
N LEU A 1239 25.74 22.84 -15.12
CA LEU A 1239 24.87 22.41 -14.02
C LEU A 1239 23.43 22.27 -14.49
N ALA A 1240 22.99 23.14 -15.41
CA ALA A 1240 21.63 23.02 -15.93
C ALA A 1240 21.43 21.67 -16.59
N VAL A 1241 22.42 21.22 -17.37
CA VAL A 1241 22.34 19.88 -17.94
C VAL A 1241 22.48 18.84 -16.85
N PHE A 1242 23.01 19.23 -15.69
CA PHE A 1242 23.11 18.29 -14.57
C PHE A 1242 21.77 18.08 -13.88
N MET A 1243 20.97 19.14 -13.76
CA MET A 1243 19.68 19.02 -13.09
C MET A 1243 18.60 18.51 -14.04
N PHE A 1244 18.90 18.46 -15.34
CA PHE A 1244 17.96 17.85 -16.28
C PHE A 1244 17.71 16.40 -15.94
N THR A 1245 18.68 15.74 -15.29
CA THR A 1245 18.62 14.29 -15.15
C THR A 1245 17.96 13.85 -13.85
N VAL A 1246 17.97 14.71 -12.82
CA VAL A 1246 17.46 14.28 -11.52
C VAL A 1246 15.99 13.89 -11.56
N ILE A 1247 15.30 14.09 -12.69
CA ILE A 1247 13.94 13.62 -12.83
C ILE A 1247 13.87 12.10 -12.92
N PHE A 1248 15.00 11.41 -12.87
CA PHE A 1248 15.01 9.96 -13.03
C PHE A 1248 14.17 9.29 -11.97
N ASN A 1249 14.42 9.59 -10.69
CA ASN A 1249 13.79 8.82 -9.62
C ASN A 1249 12.27 8.98 -9.60
N PRO A 1250 11.70 10.19 -9.66
CA PRO A 1250 10.24 10.29 -9.64
C PRO A 1250 9.59 9.52 -10.77
N ILE A 1251 10.15 9.58 -11.98
CA ILE A 1251 9.53 8.89 -13.10
C ILE A 1251 9.64 7.38 -12.93
N LEU A 1252 10.80 6.90 -12.49
CA LEU A 1252 10.93 5.47 -12.28
C LEU A 1252 9.95 4.96 -11.23
N GLN A 1253 9.83 5.68 -10.11
CA GLN A 1253 8.91 5.25 -9.06
C GLN A 1253 7.45 5.35 -9.49
N GLN A 1254 7.10 6.35 -10.30
CA GLN A 1254 5.76 6.40 -10.85
C GLN A 1254 5.49 5.20 -11.75
N TYR A 1255 6.48 4.81 -12.55
CA TYR A 1255 6.25 3.73 -13.51
C TYR A 1255 6.13 2.38 -12.81
N LEU A 1256 6.90 2.17 -11.75
CA LEU A 1256 7.01 0.83 -11.17
C LEU A 1256 5.66 0.19 -10.84
N PRO A 1257 4.72 0.86 -10.17
CA PRO A 1257 3.50 0.16 -9.74
C PRO A 1257 2.72 -0.51 -10.85
N SER A 1258 2.68 0.06 -12.06
CA SER A 1258 1.92 -0.58 -13.13
C SER A 1258 2.48 -1.96 -13.46
N PHE A 1259 3.80 -2.06 -13.59
CA PHE A 1259 4.39 -3.35 -13.87
C PHE A 1259 4.10 -4.33 -12.75
N VAL A 1260 4.18 -3.88 -11.50
CA VAL A 1260 3.92 -4.77 -10.37
C VAL A 1260 2.49 -5.27 -10.42
N GLN A 1261 1.54 -4.38 -10.67
CA GLN A 1261 0.14 -4.79 -10.77
C GLN A 1261 -0.03 -5.88 -11.83
N GLN A 1262 0.44 -5.61 -13.04
CA GLN A 1262 0.13 -6.52 -14.12
C GLN A 1262 0.94 -7.82 -14.01
N ARG A 1263 2.14 -7.76 -13.46
CA ARG A 1263 2.92 -8.96 -13.21
C ARG A 1263 2.26 -9.81 -12.13
N ASP A 1264 1.70 -9.18 -11.10
CA ASP A 1264 1.00 -9.94 -10.08
C ASP A 1264 -0.22 -10.63 -10.66
N LEU A 1265 -0.96 -9.95 -11.53
CA LEU A 1265 -2.08 -10.63 -12.18
C LEU A 1265 -1.59 -11.79 -13.05
N TYR A 1266 -0.54 -11.57 -13.83
CA TYR A 1266 -0.04 -12.60 -14.72
C TYR A 1266 0.38 -13.83 -13.95
N GLU A 1267 1.40 -13.69 -13.09
CA GLU A 1267 1.97 -14.85 -12.42
C GLU A 1267 0.93 -15.62 -11.62
N ALA A 1268 -0.15 -14.97 -11.18
CA ALA A 1268 -1.17 -15.65 -10.39
C ALA A 1268 -2.14 -16.39 -11.31
N ARG A 1269 -2.86 -15.67 -12.16
CA ARG A 1269 -3.93 -16.32 -12.91
C ARG A 1269 -3.51 -16.72 -14.32
N GLU A 1270 -2.79 -15.85 -15.02
CA GLU A 1270 -2.57 -16.06 -16.45
C GLU A 1270 -1.55 -17.15 -16.72
N ARG A 1271 -0.53 -17.26 -15.87
CA ARG A 1271 0.53 -18.23 -16.15
C ARG A 1271 0.02 -19.66 -16.11
N PRO A 1272 -0.47 -20.18 -14.99
CA PRO A 1272 -0.85 -21.60 -14.96
C PRO A 1272 -1.91 -21.94 -15.98
N SER A 1273 -2.85 -21.04 -16.25
CA SER A 1273 -3.93 -21.32 -17.19
C SER A 1273 -3.48 -21.32 -18.64
N ARG A 1274 -2.20 -21.05 -18.92
CA ARG A 1274 -1.68 -21.07 -20.28
C ARG A 1274 -2.27 -19.99 -21.16
N THR A 1275 -2.70 -18.87 -20.58
CA THR A 1275 -3.34 -17.85 -21.41
C THR A 1275 -2.35 -17.26 -22.40
N PHE A 1276 -1.14 -16.91 -21.97
CA PHE A 1276 -0.11 -16.47 -22.90
C PHE A 1276 1.26 -16.67 -22.27
N SER A 1277 2.26 -16.81 -23.14
CA SER A 1277 3.61 -17.15 -22.73
C SER A 1277 4.36 -15.92 -22.23
N TRP A 1278 5.27 -16.16 -21.28
CA TRP A 1278 5.96 -15.05 -20.62
C TRP A 1278 6.63 -14.11 -21.62
N ILE A 1279 7.17 -14.64 -22.71
CA ILE A 1279 7.82 -13.78 -23.70
C ILE A 1279 6.86 -12.68 -24.13
N SER A 1280 5.63 -13.07 -24.43
CA SER A 1280 4.65 -12.10 -24.91
C SER A 1280 4.32 -11.07 -23.84
N PHE A 1281 4.25 -11.51 -22.58
CA PHE A 1281 4.01 -10.57 -21.50
C PHE A 1281 5.11 -9.51 -21.44
N ILE A 1282 6.37 -9.94 -21.39
CA ILE A 1282 7.45 -9.00 -21.18
C ILE A 1282 7.63 -8.09 -22.40
N PHE A 1283 7.45 -8.64 -23.61
CA PHE A 1283 7.49 -7.80 -24.79
C PHE A 1283 6.33 -6.82 -24.84
N ALA A 1284 5.16 -7.18 -24.31
CA ALA A 1284 4.10 -6.19 -24.21
C ALA A 1284 4.55 -5.03 -23.32
N GLN A 1285 5.13 -5.35 -22.17
CA GLN A 1285 5.64 -4.30 -21.29
C GLN A 1285 6.59 -3.38 -22.05
N ILE A 1286 7.59 -3.96 -22.71
CA ILE A 1286 8.60 -3.16 -23.39
C ILE A 1286 7.98 -2.33 -24.51
N PHE A 1287 7.21 -2.96 -25.38
CA PHE A 1287 6.66 -2.28 -26.54
C PHE A 1287 5.60 -1.27 -26.17
N VAL A 1288 5.11 -1.25 -24.94
CA VAL A 1288 4.13 -0.24 -24.57
C VAL A 1288 4.75 0.91 -23.80
N GLU A 1289 5.76 0.64 -22.98
CA GLU A 1289 6.27 1.75 -22.18
C GLU A 1289 7.07 2.76 -22.99
N VAL A 1290 7.45 2.43 -24.21
CA VAL A 1290 8.34 3.31 -24.98
C VAL A 1290 7.58 4.44 -25.66
N PRO A 1291 6.45 4.18 -26.33
CA PRO A 1291 5.77 5.27 -27.04
C PRO A 1291 5.31 6.40 -26.13
N TRP A 1292 5.18 6.17 -24.83
CA TRP A 1292 4.85 7.27 -23.93
C TRP A 1292 6.09 8.04 -23.54
N ASN A 1293 7.17 7.34 -23.25
CA ASN A 1293 8.40 8.01 -22.87
C ASN A 1293 8.93 8.88 -23.99
N ILE A 1294 8.79 8.45 -25.24
CA ILE A 1294 9.27 9.28 -26.35
C ILE A 1294 8.50 10.59 -26.40
N LEU A 1295 7.18 10.53 -26.23
CA LEU A 1295 6.39 11.75 -26.23
C LEU A 1295 6.79 12.66 -25.08
N ALA A 1296 7.00 12.07 -23.89
CA ALA A 1296 7.41 12.88 -22.75
C ALA A 1296 8.74 13.57 -23.04
N GLY A 1297 9.68 12.83 -23.63
CA GLY A 1297 10.95 13.42 -23.98
C GLY A 1297 10.81 14.56 -24.98
N THR A 1298 9.92 14.41 -25.96
CA THR A 1298 9.73 15.49 -26.93
C THR A 1298 9.17 16.74 -26.27
N ILE A 1299 8.20 16.57 -25.37
CA ILE A 1299 7.68 17.74 -24.65
C ILE A 1299 8.80 18.40 -23.85
N ALA A 1300 9.60 17.59 -23.15
CA ALA A 1300 10.69 18.15 -22.37
C ALA A 1300 11.67 18.90 -23.25
N TYR A 1301 11.99 18.35 -24.42
CA TYR A 1301 12.86 19.05 -25.35
C TYR A 1301 12.28 20.41 -25.72
N PHE A 1302 11.03 20.43 -26.15
CA PHE A 1302 10.43 21.69 -26.59
C PHE A 1302 10.48 22.73 -25.48
N ILE A 1303 10.21 22.34 -24.23
CA ILE A 1303 10.14 23.35 -23.18
C ILE A 1303 11.49 23.62 -22.52
N TYR A 1304 12.52 22.84 -22.82
CA TYR A 1304 13.82 22.97 -22.17
C TYR A 1304 14.88 23.55 -23.10
N TYR A 1305 14.97 23.05 -24.33
CA TYR A 1305 16.03 23.47 -25.24
C TYR A 1305 15.96 24.97 -25.52
N TYR A 1306 14.75 25.51 -25.67
CA TYR A 1306 14.63 26.89 -26.15
C TYR A 1306 14.82 27.91 -25.04
N PRO A 1307 14.17 27.80 -23.87
CA PRO A 1307 14.32 28.87 -22.88
C PRO A 1307 15.76 29.10 -22.44
N ILE A 1308 16.54 28.04 -22.28
CA ILE A 1308 17.88 28.20 -21.72
C ILE A 1308 18.83 28.82 -22.72
N GLY A 1309 18.47 28.88 -23.99
CA GLY A 1309 19.22 29.62 -24.98
C GLY A 1309 20.12 28.80 -25.87
N PHE A 1310 20.03 27.47 -25.84
CA PHE A 1310 20.91 26.67 -26.68
C PHE A 1310 20.71 26.97 -28.16
N TYR A 1311 19.48 27.21 -28.58
CA TYR A 1311 19.25 27.46 -30.01
C TYR A 1311 20.02 28.67 -30.49
N SER A 1312 20.14 29.71 -29.66
CA SER A 1312 20.91 30.88 -30.07
C SER A 1312 22.35 30.52 -30.36
N ASN A 1313 22.96 29.69 -29.51
CA ASN A 1313 24.30 29.18 -29.81
C ASN A 1313 24.29 28.39 -31.11
N ALA A 1314 23.22 27.62 -31.34
CA ALA A 1314 23.16 26.82 -32.56
C ALA A 1314 23.19 27.68 -33.81
N SER A 1315 22.43 28.78 -33.82
CA SER A 1315 22.36 29.60 -35.03
C SER A 1315 23.72 30.18 -35.38
N ALA A 1316 24.47 30.64 -34.38
CA ALA A 1316 25.76 31.27 -34.65
C ALA A 1316 26.66 30.36 -35.48
N ALA A 1317 26.79 29.10 -35.09
CA ALA A 1317 27.59 28.17 -35.86
C ALA A 1317 26.91 27.78 -37.16
N GLY A 1318 25.63 28.10 -37.34
CA GLY A 1318 24.92 27.75 -38.54
C GLY A 1318 24.52 26.29 -38.62
N GLN A 1319 24.52 25.59 -37.48
CA GLN A 1319 24.16 24.19 -37.42
C GLN A 1319 22.85 23.96 -36.68
N LEU A 1320 21.87 24.85 -36.86
CA LEU A 1320 20.67 24.79 -36.05
C LEU A 1320 19.92 23.47 -36.23
N HIS A 1321 19.80 22.98 -37.46
CA HIS A 1321 18.99 21.80 -37.70
C HIS A 1321 19.60 20.57 -37.02
N GLU A 1322 20.90 20.35 -37.21
CA GLU A 1322 21.53 19.15 -36.66
C GLU A 1322 21.65 19.24 -35.14
N ARG A 1323 22.05 20.40 -34.62
CA ARG A 1323 22.17 20.58 -33.18
C ARG A 1323 20.82 20.66 -32.49
N GLY A 1324 19.73 20.75 -33.25
CA GLY A 1324 18.41 20.66 -32.65
C GLY A 1324 17.90 19.24 -32.69
N ALA A 1325 18.04 18.59 -33.85
CA ALA A 1325 17.57 17.22 -33.99
C ALA A 1325 18.29 16.30 -33.02
N LEU A 1326 19.61 16.44 -32.91
CA LEU A 1326 20.34 15.58 -31.98
C LEU A 1326 19.93 15.84 -30.53
N PHE A 1327 19.68 17.10 -30.18
CA PHE A 1327 19.23 17.38 -28.83
C PHE A 1327 17.88 16.75 -28.55
N TRP A 1328 16.97 16.80 -29.53
CA TRP A 1328 15.70 16.12 -29.35
C TRP A 1328 15.89 14.62 -29.22
N LEU A 1329 16.80 14.05 -30.00
CA LEU A 1329 17.05 12.62 -29.91
C LEU A 1329 17.57 12.24 -28.52
N PHE A 1330 18.45 13.07 -27.94
CA PHE A 1330 18.88 12.80 -26.58
C PHE A 1330 17.75 12.98 -25.57
N SER A 1331 16.92 14.00 -25.76
CA SER A 1331 15.82 14.20 -24.81
C SER A 1331 14.82 13.06 -24.88
N CYS A 1332 14.77 12.33 -26.00
CA CYS A 1332 13.94 11.14 -26.07
C CYS A 1332 14.66 9.94 -25.47
N ALA A 1333 15.92 9.75 -25.85
CA ALA A 1333 16.67 8.60 -25.39
C ALA A 1333 16.80 8.59 -23.88
N PHE A 1334 16.90 9.75 -23.25
CA PHE A 1334 17.04 9.75 -21.79
C PHE A 1334 15.80 9.17 -21.14
N TYR A 1335 14.62 9.56 -21.61
CA TYR A 1335 13.40 9.04 -20.99
C TYR A 1335 13.21 7.57 -21.30
N VAL A 1336 13.55 7.15 -22.52
CA VAL A 1336 13.50 5.72 -22.82
C VAL A 1336 14.43 4.96 -21.89
N TYR A 1337 15.60 5.53 -21.60
CA TYR A 1337 16.53 4.89 -20.68
C TYR A 1337 15.94 4.82 -19.27
N VAL A 1338 15.27 5.88 -18.85
CA VAL A 1338 14.62 5.86 -17.53
C VAL A 1338 13.64 4.71 -17.46
N GLY A 1339 12.81 4.57 -18.48
CA GLY A 1339 11.87 3.46 -18.51
C GLY A 1339 12.56 2.11 -18.45
N SER A 1340 13.63 1.96 -19.24
CA SER A 1340 14.32 0.68 -19.29
C SER A 1340 14.96 0.34 -17.96
N MET A 1341 15.59 1.33 -17.32
CA MET A 1341 16.22 1.08 -16.02
C MET A 1341 15.17 0.68 -15.00
N GLY A 1342 14.02 1.35 -15.02
CA GLY A 1342 12.94 1.00 -14.11
C GLY A 1342 12.35 -0.36 -14.38
N LEU A 1343 12.43 -0.83 -15.62
CA LEU A 1343 12.04 -2.20 -15.90
C LEU A 1343 13.06 -3.20 -15.40
N LEU A 1344 14.35 -2.92 -15.62
CA LEU A 1344 15.39 -3.83 -15.19
C LEU A 1344 15.33 -4.03 -13.68
N VAL A 1345 15.25 -2.93 -12.93
CA VAL A 1345 15.35 -3.04 -11.49
C VAL A 1345 14.17 -3.80 -10.89
N ILE A 1346 13.03 -3.84 -11.57
CA ILE A 1346 11.87 -4.57 -11.08
C ILE A 1346 11.77 -5.97 -11.68
N SER A 1347 12.56 -6.28 -12.71
CA SER A 1347 12.51 -7.61 -13.28
C SER A 1347 12.76 -8.69 -12.24
N PHE A 1348 13.52 -8.39 -11.18
CA PHE A 1348 13.90 -9.41 -10.19
C PHE A 1348 13.60 -8.94 -8.77
N ASN A 1349 12.41 -8.41 -8.53
CA ASN A 1349 12.04 -7.95 -7.20
C ASN A 1349 10.56 -8.20 -6.94
N GLN A 1350 10.27 -8.68 -5.73
CA GLN A 1350 8.89 -8.93 -5.34
C GLN A 1350 8.12 -7.64 -5.09
N VAL A 1351 8.79 -6.63 -4.55
CA VAL A 1351 8.13 -5.42 -4.07
C VAL A 1351 8.60 -4.24 -4.91
N ALA A 1352 7.75 -3.22 -5.00
CA ALA A 1352 8.12 -2.02 -5.73
C ALA A 1352 9.10 -1.16 -4.96
N GLU A 1353 9.05 -1.20 -3.63
CA GLU A 1353 9.89 -0.31 -2.84
C GLU A 1353 11.35 -0.74 -2.85
N SER A 1354 11.63 -2.04 -2.79
CA SER A 1354 13.02 -2.48 -2.91
C SER A 1354 13.59 -2.15 -4.28
N ALA A 1355 12.78 -2.30 -5.33
CA ALA A 1355 13.20 -1.90 -6.65
C ALA A 1355 13.49 -0.41 -6.71
N ALA A 1356 12.63 0.42 -6.13
CA ALA A 1356 12.90 1.86 -6.11
C ALA A 1356 14.18 2.16 -5.36
N ASN A 1357 14.40 1.50 -4.23
CA ASN A 1357 15.63 1.71 -3.47
C ASN A 1357 16.86 1.41 -4.32
N LEU A 1358 16.87 0.24 -4.95
CA LEU A 1358 18.03 -0.14 -5.75
C LEU A 1358 18.23 0.83 -6.91
N ALA A 1359 17.16 1.22 -7.59
CA ALA A 1359 17.29 2.12 -8.72
C ALA A 1359 17.83 3.47 -8.28
N SER A 1360 17.33 4.00 -7.16
CA SER A 1360 17.83 5.27 -6.67
C SER A 1360 19.31 5.17 -6.32
N LEU A 1361 19.72 4.05 -5.70
CA LEU A 1361 21.13 3.91 -5.34
C LEU A 1361 22.01 3.89 -6.58
N LEU A 1362 21.63 3.11 -7.59
CA LEU A 1362 22.43 3.10 -8.83
C LEU A 1362 22.44 4.47 -9.50
N PHE A 1363 21.32 5.17 -9.52
CA PHE A 1363 21.33 6.49 -10.15
C PHE A 1363 22.22 7.45 -9.39
N THR A 1364 22.18 7.42 -8.06
CA THR A 1364 23.05 8.30 -7.29
C THR A 1364 24.52 7.99 -7.58
N MET A 1365 24.87 6.70 -7.60
CA MET A 1365 26.26 6.35 -7.89
C MET A 1365 26.67 6.81 -9.27
N SER A 1366 25.80 6.61 -10.26
CA SER A 1366 26.13 7.03 -11.62
C SER A 1366 26.28 8.53 -11.73
N LEU A 1367 25.43 9.28 -11.03
CA LEU A 1367 25.43 10.73 -11.15
C LEU A 1367 26.59 11.37 -10.40
N SER A 1368 27.00 10.79 -9.27
CA SER A 1368 28.10 11.39 -8.51
C SER A 1368 29.40 11.35 -9.30
N PHE A 1369 29.66 10.26 -10.01
CA PHE A 1369 30.91 10.10 -10.74
C PHE A 1369 30.75 10.57 -12.17
N CYS A 1370 29.87 11.54 -12.39
CA CYS A 1370 29.52 11.97 -13.73
C CYS A 1370 30.57 12.86 -14.37
N GLY A 1371 31.64 13.19 -13.67
CA GLY A 1371 32.63 14.09 -14.23
C GLY A 1371 32.22 15.53 -14.25
N VAL A 1372 31.13 15.87 -13.56
CA VAL A 1372 30.64 17.25 -13.47
C VAL A 1372 30.73 17.77 -12.03
N MET A 1373 30.43 16.91 -11.07
CA MET A 1373 30.66 17.27 -9.68
C MET A 1373 32.14 17.31 -9.37
N THR A 1374 32.92 16.40 -9.95
CA THR A 1374 34.37 16.44 -9.90
C THR A 1374 34.92 16.00 -11.25
N THR A 1375 35.84 16.78 -11.79
CA THR A 1375 36.40 16.46 -13.09
C THR A 1375 37.26 15.21 -13.00
N PRO A 1376 37.31 14.41 -14.08
CA PRO A 1376 38.00 13.12 -13.99
C PRO A 1376 39.48 13.23 -13.71
N SER A 1377 40.10 14.39 -13.94
CA SER A 1377 41.49 14.57 -13.55
C SER A 1377 41.64 14.54 -12.03
N ALA A 1378 40.71 15.19 -11.32
CA ALA A 1378 40.80 15.25 -9.87
C ALA A 1378 40.29 13.98 -9.19
N MET A 1379 39.64 13.10 -9.93
CA MET A 1379 39.13 11.88 -9.33
C MET A 1379 40.31 10.99 -8.89
N PRO A 1380 40.15 10.25 -7.80
CA PRO A 1380 41.23 9.36 -7.38
C PRO A 1380 41.52 8.33 -8.46
N ARG A 1381 42.61 7.59 -8.26
CA ARG A 1381 43.03 6.64 -9.28
C ARG A 1381 42.01 5.53 -9.45
N PHE A 1382 41.43 5.05 -8.35
CA PHE A 1382 40.59 3.86 -8.41
C PHE A 1382 39.34 4.10 -9.23
N TRP A 1383 38.61 5.18 -8.93
CA TRP A 1383 37.28 5.36 -9.49
C TRP A 1383 37.28 5.72 -10.97
N ILE A 1384 38.41 5.73 -11.64
CA ILE A 1384 38.40 6.05 -13.06
C ILE A 1384 37.50 5.08 -13.81
N PHE A 1385 37.50 3.81 -13.41
CA PHE A 1385 36.70 2.82 -14.13
C PHE A 1385 35.23 3.18 -14.08
N MET A 1386 34.73 3.58 -12.91
CA MET A 1386 33.32 3.92 -12.79
C MET A 1386 32.97 5.09 -13.70
N TYR A 1387 33.85 6.09 -13.76
CA TYR A 1387 33.58 7.26 -14.58
C TYR A 1387 33.48 6.88 -16.05
N ARG A 1388 34.00 5.72 -16.44
CA ARG A 1388 33.92 5.29 -17.82
C ARG A 1388 32.71 4.40 -18.09
N VAL A 1389 32.22 3.69 -17.08
CA VAL A 1389 31.15 2.72 -17.28
C VAL A 1389 29.76 3.29 -17.03
N SER A 1390 29.65 4.43 -16.35
CA SER A 1390 28.36 5.04 -16.15
C SER A 1390 27.84 5.59 -17.47
N PRO A 1391 26.52 5.65 -17.65
CA PRO A 1391 25.99 6.20 -18.90
C PRO A 1391 25.85 7.71 -18.86
N LEU A 1392 25.66 8.26 -17.66
CA LEU A 1392 25.41 9.69 -17.56
C LEU A 1392 26.63 10.51 -17.93
N THR A 1393 27.84 9.97 -17.83
CA THR A 1393 28.98 10.72 -18.33
C THR A 1393 28.84 10.94 -19.83
N TYR A 1394 28.51 9.88 -20.57
CA TYR A 1394 28.31 10.04 -22.01
C TYR A 1394 27.14 10.96 -22.31
N PHE A 1395 26.07 10.84 -21.54
CA PHE A 1395 24.92 11.70 -21.77
C PHE A 1395 25.29 13.17 -21.59
N ILE A 1396 25.92 13.51 -20.46
CA ILE A 1396 26.27 14.91 -20.21
C ILE A 1396 27.27 15.40 -21.24
N GLN A 1397 28.29 14.60 -21.54
CA GLN A 1397 29.28 15.05 -22.50
C GLN A 1397 28.66 15.35 -23.85
N ALA A 1398 27.73 14.51 -24.30
CA ALA A 1398 27.10 14.77 -25.58
C ALA A 1398 26.17 15.97 -25.52
N LEU A 1399 25.33 16.05 -24.49
CA LEU A 1399 24.32 17.09 -24.47
C LEU A 1399 24.92 18.47 -24.29
N LEU A 1400 25.85 18.63 -23.34
CA LEU A 1400 26.48 19.92 -23.15
C LEU A 1400 27.23 20.36 -24.41
N ALA A 1401 27.95 19.42 -25.03
CA ALA A 1401 28.67 19.74 -26.26
C ALA A 1401 27.71 20.24 -27.33
N VAL A 1402 26.64 19.48 -27.57
CA VAL A 1402 25.66 19.90 -28.57
C VAL A 1402 25.07 21.25 -28.18
N GLY A 1403 25.07 21.57 -26.90
CA GLY A 1403 24.51 22.83 -26.46
C GLY A 1403 25.40 24.01 -26.79
N VAL A 1404 26.61 24.04 -26.24
CA VAL A 1404 27.40 25.27 -26.19
C VAL A 1404 28.67 25.20 -27.03
N ALA A 1405 28.68 24.48 -28.13
CA ALA A 1405 29.91 24.32 -28.90
C ALA A 1405 29.99 25.34 -30.03
N ASN A 1406 31.23 25.73 -30.35
CA ASN A 1406 31.53 26.62 -31.47
C ASN A 1406 30.98 28.02 -31.28
N VAL A 1407 31.30 28.67 -30.17
CA VAL A 1407 30.94 30.07 -29.95
C VAL A 1407 32.01 30.73 -29.10
N ASP A 1408 32.08 32.06 -29.21
CA ASP A 1408 33.08 32.84 -28.51
C ASP A 1408 32.62 33.17 -27.10
N VAL A 1409 33.59 33.23 -26.18
CA VAL A 1409 33.32 33.48 -24.77
C VAL A 1409 33.36 34.98 -24.53
N LYS A 1410 32.69 35.43 -23.46
CA LYS A 1410 32.62 36.83 -23.09
C LYS A 1410 32.86 36.94 -21.58
N CYS A 1411 34.12 37.04 -21.17
CA CYS A 1411 34.39 37.27 -19.76
C CYS A 1411 33.70 38.55 -19.32
N ALA A 1412 33.10 38.50 -18.12
CA ALA A 1412 32.36 39.64 -17.61
C ALA A 1412 33.30 40.68 -17.01
N ASP A 1413 32.71 41.64 -16.30
CA ASP A 1413 33.51 42.70 -15.70
C ASP A 1413 34.36 42.18 -14.55
N TYR A 1414 33.81 41.28 -13.75
CA TYR A 1414 34.52 40.78 -12.57
C TYR A 1414 35.30 39.49 -12.83
N GLU A 1415 35.10 38.86 -13.99
CA GLU A 1415 35.90 37.68 -14.33
C GLU A 1415 37.28 38.08 -14.82
N LEU A 1416 37.37 39.19 -15.55
CA LEU A 1416 38.59 39.54 -16.26
C LEU A 1416 39.75 39.75 -15.28
N LEU A 1417 40.89 39.17 -15.63
CA LEU A 1417 42.12 39.41 -14.88
C LEU A 1417 42.75 40.70 -15.36
N GLU A 1418 43.28 41.49 -14.43
CA GLU A 1418 43.90 42.77 -14.77
C GLU A 1418 45.25 42.89 -14.07
N PHE A 1419 46.17 43.62 -14.69
CA PHE A 1419 47.48 43.84 -14.12
C PHE A 1419 48.22 44.87 -14.97
N THR A 1420 49.48 45.11 -14.62
CA THR A 1420 50.27 46.14 -15.28
C THR A 1420 51.27 45.51 -16.25
N PRO A 1421 51.56 46.17 -17.36
CA PRO A 1421 52.54 45.65 -18.30
C PRO A 1421 53.93 46.18 -17.98
N PRO A 1422 54.98 45.49 -18.41
CA PRO A 1422 56.34 46.01 -18.19
C PRO A 1422 56.53 47.34 -18.88
N SER A 1423 57.39 48.17 -18.30
CA SER A 1423 57.57 49.53 -18.79
C SER A 1423 58.08 49.52 -20.22
N GLY A 1424 57.61 50.49 -21.01
CA GLY A 1424 58.11 50.68 -22.35
C GLY A 1424 57.63 49.67 -23.37
N MET A 1425 56.54 48.96 -23.10
CA MET A 1425 55.96 48.05 -24.08
C MET A 1425 54.47 47.95 -23.85
N THR A 1426 53.74 47.79 -24.95
CA THR A 1426 52.29 47.69 -24.88
C THR A 1426 51.88 46.34 -24.30
N CYS A 1427 50.60 46.26 -23.91
CA CYS A 1427 50.07 45.00 -23.42
C CYS A 1427 50.21 43.90 -24.46
N GLY A 1428 49.92 44.21 -25.72
CA GLY A 1428 49.97 43.19 -26.75
C GLY A 1428 51.33 42.53 -26.84
N GLN A 1429 52.38 43.34 -26.86
CA GLN A 1429 53.72 42.78 -26.95
C GLN A 1429 54.09 42.01 -25.70
N TYR A 1430 53.61 42.46 -24.53
CA TYR A 1430 53.90 41.76 -23.29
C TYR A 1430 53.26 40.38 -23.26
N MET A 1431 52.03 40.27 -23.77
CA MET A 1431 51.26 39.04 -23.65
C MET A 1431 51.48 38.07 -24.80
N GLU A 1432 51.83 38.57 -25.98
CA GLU A 1432 51.84 37.73 -27.17
C GLU A 1432 52.60 36.43 -27.00
N PRO A 1433 53.81 36.41 -26.42
CA PRO A 1433 54.50 35.11 -26.25
C PRO A 1433 53.66 34.09 -25.49
N TYR A 1434 52.91 34.53 -24.49
CA TYR A 1434 52.05 33.58 -23.79
C TYR A 1434 50.97 33.05 -24.71
N LEU A 1435 50.40 33.91 -25.54
CA LEU A 1435 49.37 33.46 -26.46
C LEU A 1435 49.91 32.54 -27.54
N GLN A 1436 51.19 32.20 -27.49
CA GLN A 1436 51.76 31.12 -28.28
C GLN A 1436 52.17 29.92 -27.46
N LEU A 1437 52.76 30.13 -26.27
CA LEU A 1437 53.00 29.01 -25.39
C LEU A 1437 51.70 28.29 -25.07
N ALA A 1438 50.58 29.00 -25.09
CA ALA A 1438 49.25 28.43 -25.02
C ALA A 1438 48.42 29.03 -26.15
N LYS A 1439 47.46 28.26 -26.64
CA LYS A 1439 46.81 28.58 -27.91
C LYS A 1439 45.37 29.06 -27.73
N THR A 1440 45.08 29.84 -26.69
CA THR A 1440 43.76 30.41 -26.52
C THR A 1440 43.82 31.57 -25.54
N GLY A 1441 42.84 32.45 -25.63
CA GLY A 1441 42.79 33.64 -24.81
C GLY A 1441 42.68 34.89 -25.67
N TYR A 1442 42.13 35.97 -25.11
CA TYR A 1442 42.00 37.20 -25.85
C TYR A 1442 42.06 38.38 -24.89
N LEU A 1443 42.52 39.51 -25.40
CA LEU A 1443 42.72 40.72 -24.63
C LEU A 1443 41.71 41.78 -25.07
N THR A 1444 41.01 42.36 -24.11
CA THR A 1444 40.03 43.39 -24.45
C THR A 1444 40.67 44.61 -25.09
N ASP A 1445 41.97 44.82 -24.91
CA ASP A 1445 42.65 45.95 -25.51
C ASP A 1445 44.11 45.60 -25.72
N GLU A 1446 44.72 46.21 -26.73
CA GLU A 1446 46.13 46.01 -27.02
C GLU A 1446 46.93 47.29 -27.08
N ASN A 1447 46.30 48.46 -27.17
CA ASN A 1447 47.02 49.72 -27.20
C ASN A 1447 47.09 50.39 -25.83
N ALA A 1448 46.57 49.75 -24.79
CA ALA A 1448 46.62 50.31 -23.45
C ALA A 1448 48.06 50.25 -22.93
N THR A 1449 48.38 51.12 -21.98
CA THR A 1449 49.73 51.22 -21.46
C THR A 1449 49.76 51.09 -19.95
N ASP A 1450 48.67 51.46 -19.29
CA ASP A 1450 48.63 51.47 -17.82
C ASP A 1450 48.19 50.13 -17.25
N THR A 1451 47.17 49.51 -17.85
CA THR A 1451 46.73 48.20 -17.40
C THR A 1451 45.95 47.52 -18.51
N CYS A 1452 45.75 46.21 -18.36
CA CYS A 1452 45.04 45.41 -19.34
C CYS A 1452 44.01 44.52 -18.65
N SER A 1453 43.19 43.86 -19.46
CA SER A 1453 42.20 42.91 -18.99
C SER A 1453 42.28 41.67 -19.85
N PHE A 1454 42.28 40.50 -19.21
CA PHE A 1454 42.59 39.25 -19.89
C PHE A 1454 41.52 38.21 -19.60
N CYS A 1455 41.27 37.35 -20.58
CA CYS A 1455 40.23 36.32 -20.52
C CYS A 1455 40.83 35.03 -21.06
N GLN A 1456 41.00 34.03 -20.20
CA GLN A 1456 41.77 32.86 -20.61
C GLN A 1456 41.15 32.10 -21.76
N ILE A 1457 39.87 32.28 -22.03
CA ILE A 1457 39.15 31.43 -22.97
C ILE A 1457 38.70 32.27 -24.15
N SER A 1458 39.11 31.87 -25.35
CA SER A 1458 38.70 32.58 -26.55
C SER A 1458 37.44 32.00 -27.15
N THR A 1459 37.19 30.71 -26.96
CA THR A 1459 36.00 30.05 -27.47
C THR A 1459 35.57 28.95 -26.51
N THR A 1460 34.26 28.72 -26.45
CA THR A 1460 33.75 27.68 -25.58
C THR A 1460 34.30 26.31 -25.93
N ASN A 1461 34.78 26.11 -27.15
CA ASN A 1461 35.37 24.82 -27.48
C ASN A 1461 36.64 24.57 -26.68
N ASP A 1462 37.19 25.62 -26.06
CA ASP A 1462 38.33 25.43 -25.17
C ASP A 1462 37.90 25.18 -23.74
N TYR A 1463 36.71 25.65 -23.36
CA TYR A 1463 36.18 25.32 -22.04
C TYR A 1463 35.71 23.88 -21.99
N LEU A 1464 34.98 23.44 -23.02
CA LEU A 1464 34.47 22.08 -23.02
C LEU A 1464 35.61 21.08 -22.90
N ALA A 1465 36.70 21.29 -23.64
CA ALA A 1465 37.82 20.37 -23.54
C ALA A 1465 38.30 20.22 -22.10
N ASN A 1466 38.27 21.31 -21.33
CA ASN A 1466 38.59 21.21 -19.90
C ASN A 1466 37.54 20.44 -19.14
N VAL A 1467 36.26 20.64 -19.47
CA VAL A 1467 35.21 19.79 -18.89
C VAL A 1467 35.31 18.35 -19.37
N ASN A 1468 36.14 18.09 -20.37
CA ASN A 1468 36.34 16.75 -20.92
C ASN A 1468 35.14 16.31 -21.76
N SER A 1469 34.58 17.25 -22.51
CA SER A 1469 33.55 16.98 -23.51
C SER A 1469 34.04 17.49 -24.86
N PHE A 1470 33.47 16.96 -25.93
CA PHE A 1470 33.86 17.39 -27.27
C PHE A 1470 32.66 17.41 -28.20
N TYR A 1471 32.64 18.37 -29.11
CA TYR A 1471 31.57 18.44 -30.09
C TYR A 1471 31.82 17.50 -31.27
N SER A 1472 33.04 17.02 -31.45
CA SER A 1472 33.30 16.06 -32.52
C SER A 1472 32.93 14.64 -32.12
N GLU A 1473 32.56 14.42 -30.86
CA GLU A 1473 32.19 13.10 -30.37
C GLU A 1473 30.77 13.07 -29.81
N ARG A 1474 29.81 13.63 -30.54
CA ARG A 1474 28.43 13.63 -30.08
C ARG A 1474 27.68 12.37 -30.55
N TRP A 1475 27.82 12.03 -31.83
CA TRP A 1475 27.13 10.86 -32.34
C TRP A 1475 27.65 9.56 -31.74
N ARG A 1476 28.95 9.49 -31.45
CA ARG A 1476 29.48 8.30 -30.79
C ARG A 1476 28.86 8.13 -29.41
N ASN A 1477 28.74 9.22 -28.66
CA ASN A 1477 28.08 9.15 -27.37
C ASN A 1477 26.62 8.75 -27.51
N TYR A 1478 25.95 9.23 -28.55
CA TYR A 1478 24.58 8.80 -28.79
C TYR A 1478 24.52 7.29 -29.03
N GLY A 1479 25.46 6.77 -29.81
CA GLY A 1479 25.50 5.33 -30.03
C GLY A 1479 25.69 4.56 -28.74
N ILE A 1480 26.60 5.04 -27.88
CA ILE A 1480 26.84 4.34 -26.62
C ILE A 1480 25.60 4.38 -25.73
N PHE A 1481 24.88 5.51 -25.71
CA PHE A 1481 23.67 5.57 -24.91
C PHE A 1481 22.60 4.61 -25.43
N ILE A 1482 22.44 4.53 -26.75
CA ILE A 1482 21.52 3.54 -27.30
C ILE A 1482 21.94 2.13 -26.89
N CYS A 1483 23.25 1.88 -26.88
CA CYS A 1483 23.73 0.57 -26.43
C CYS A 1483 23.33 0.32 -24.98
N TYR A 1484 23.41 1.33 -24.12
CA TYR A 1484 23.01 1.12 -22.73
C TYR A 1484 21.53 0.82 -22.61
N ILE A 1485 20.68 1.53 -23.36
CA ILE A 1485 19.25 1.20 -23.33
C ILE A 1485 19.04 -0.27 -23.73
N ALA A 1486 19.66 -0.68 -24.83
CA ALA A 1486 19.46 -2.05 -25.30
C ALA A 1486 19.93 -3.06 -24.26
N PHE A 1487 21.10 -2.80 -23.64
CA PHE A 1487 21.59 -3.71 -22.62
C PHE A 1487 20.63 -3.79 -21.44
N ASN A 1488 20.08 -2.65 -21.02
CA ASN A 1488 19.15 -2.68 -19.91
C ASN A 1488 17.95 -3.55 -20.24
N TYR A 1489 17.39 -3.39 -21.44
CA TYR A 1489 16.22 -4.21 -21.76
C TYR A 1489 16.57 -5.70 -21.82
N ILE A 1490 17.69 -6.05 -22.45
CA ILE A 1490 18.03 -7.46 -22.58
C ILE A 1490 18.30 -8.06 -21.21
N ALA A 1491 19.06 -7.37 -20.38
CA ALA A 1491 19.33 -7.91 -19.05
C ALA A 1491 18.06 -7.99 -18.22
N GLY A 1492 17.13 -7.06 -18.40
CA GLY A 1492 15.86 -7.17 -17.71
C GLY A 1492 15.13 -8.44 -18.10
N VAL A 1493 15.08 -8.73 -19.39
CA VAL A 1493 14.41 -9.96 -19.83
C VAL A 1493 15.10 -11.17 -19.23
N PHE A 1494 16.43 -11.18 -19.25
CA PHE A 1494 17.15 -12.35 -18.74
C PHE A 1494 16.92 -12.54 -17.24
N PHE A 1495 16.99 -11.45 -16.46
CA PHE A 1495 16.80 -11.59 -15.02
C PHE A 1495 15.36 -11.95 -14.70
N TYR A 1496 14.40 -11.53 -15.53
CA TYR A 1496 13.04 -12.04 -15.34
C TYR A 1496 12.99 -13.53 -15.61
N TRP A 1497 13.66 -13.99 -16.66
CA TRP A 1497 13.63 -15.41 -16.95
C TRP A 1497 14.25 -16.23 -15.83
N LEU A 1498 15.26 -15.70 -15.16
CA LEU A 1498 15.91 -16.47 -14.10
C LEU A 1498 15.21 -16.34 -12.75
N ALA A 1499 14.66 -15.17 -12.43
CA ALA A 1499 14.17 -14.94 -11.07
C ALA A 1499 12.69 -15.24 -10.90
N ARG A 1500 11.93 -15.41 -11.98
CA ARG A 1500 10.50 -15.60 -11.82
C ARG A 1500 9.93 -16.79 -12.57
N VAL A 1501 10.44 -17.09 -13.75
CA VAL A 1501 9.90 -18.18 -14.57
C VAL A 1501 10.35 -19.51 -13.96
N PRO A 1502 9.45 -20.50 -13.80
CA PRO A 1502 9.85 -21.77 -13.19
C PRO A 1502 10.98 -22.48 -13.93
#